data_7FVP
# 
_entry.id   7FVP 
# 
_audit_conform.dict_name       mmcif_pdbx.dic 
_audit_conform.dict_version    5.392 
_audit_conform.dict_location   http://mmcif.pdb.org/dictionaries/ascii/mmcif_pdbx.dic 
# 
loop_
_database_2.database_id 
_database_2.database_code 
_database_2.pdbx_database_accession 
_database_2.pdbx_DOI 
PDB   7FVP         pdb_00007fvp 10.2210/pdb7fvp/pdb 
WWPDB D_1001405406 ?            ?                   
# 
loop_
_pdbx_audit_revision_history.ordinal 
_pdbx_audit_revision_history.data_content_type 
_pdbx_audit_revision_history.major_revision 
_pdbx_audit_revision_history.minor_revision 
_pdbx_audit_revision_history.revision_date 
1 'Structure model' 1 0 2023-03-29 
2 'Structure model' 1 1 2024-05-22 
# 
_pdbx_audit_revision_details.ordinal             1 
_pdbx_audit_revision_details.revision_ordinal    1 
_pdbx_audit_revision_details.data_content_type   'Structure model' 
_pdbx_audit_revision_details.provider            repository 
_pdbx_audit_revision_details.type                'Initial release' 
_pdbx_audit_revision_details.description         ? 
_pdbx_audit_revision_details.details             ? 
# 
_pdbx_audit_revision_group.ordinal             1 
_pdbx_audit_revision_group.revision_ordinal    2 
_pdbx_audit_revision_group.data_content_type   'Structure model' 
_pdbx_audit_revision_group.group               'Data collection' 
# 
loop_
_pdbx_audit_revision_category.ordinal 
_pdbx_audit_revision_category.revision_ordinal 
_pdbx_audit_revision_category.data_content_type 
_pdbx_audit_revision_category.category 
1 2 'Structure model' chem_comp_atom 
2 2 'Structure model' chem_comp_bond 
# 
_pdbx_database_status.entry_id                        7FVP 
_pdbx_database_status.status_code                     REL 
_pdbx_database_status.status_code_sf                  REL 
_pdbx_database_status.status_code_mr                  ? 
_pdbx_database_status.status_code_cs                  ? 
_pdbx_database_status.recvd_initial_deposition_date   2023-03-09 
_pdbx_database_status.status_code_nmr_data            ? 
_pdbx_database_status.deposit_site                    RCSB 
_pdbx_database_status.process_site                    RCSB 
_pdbx_database_status.SG_entry                        ? 
_pdbx_database_status.pdb_format_compatible           Y 
_pdbx_database_status.methods_development_category    ? 
# 
_pdbx_contact_author.id                 1 
_pdbx_contact_author.email              frank.von-delft@diamond.ac.uk 
_pdbx_contact_author.name_first         Frank 
_pdbx_contact_author.name_last          'von Delft' 
_pdbx_contact_author.role               'principal investigator/group leader' 
_pdbx_contact_author.identifier_ORCID   0000-0003-0378-0017 
_pdbx_contact_author.name_mi            ? 
# 
loop_
_audit_author.name 
_audit_author.pdbx_ordinal 
'Grosjean, H.'   1 
'Tomlinson, C.'  2 
'Bradshaw, W.J.' 3 
'Koekemoer, L.'  4 
'Krojer, T.'     5 
'Fearon, D.'     6 
'Biggin, P.C.'   7 
'von Delft, F.'  8 
# 
_citation.id                        primary 
_citation.title                     'PanDDA analysis group deposition' 
_citation.journal_abbrev            'To Be Published' 
_citation.journal_volume            ? 
_citation.page_first                ? 
_citation.page_last                 ? 
_citation.year                      ? 
_citation.journal_id_ASTM           ? 
_citation.country                   ? 
_citation.journal_id_ISSN           ? 
_citation.journal_id_CSD            0353 
_citation.book_publisher            ? 
_citation.pdbx_database_id_PubMed   ? 
_citation.pdbx_database_id_DOI      ? 
# 
loop_
_citation_author.citation_id 
_citation_author.name 
_citation_author.identifier_ORCID 
_citation_author.ordinal 
primary 'Grosjean, H.'   ? 1 
primary 'Tomlinson, C.'  ? 2 
primary 'Bradshaw, W.J.' ? 3 
primary 'Koekemoer, L.'  ? 4 
primary 'Krojer, T.'     ? 5 
primary 'Fearon, D.'     ? 6 
primary 'Biggin, P.C.'   ? 7 
primary 'von Delft, F.'  ? 8 
# 
loop_
_entity.id 
_entity.type 
_entity.src_method 
_entity.pdbx_description 
_entity.formula_weight 
_entity.pdbx_number_of_molecules 
_entity.pdbx_ec 
_entity.pdbx_mutation 
_entity.pdbx_fragment 
_entity.details 
1 polymer     man 'PH-interacting protein'                                       17627.859 1   ? ? ? ? 
2 non-polymer syn 'N-butyl-4-(5-methylfuran-2-carbonyl)piperazine-1-carboxamide' 293.361   1   ? ? ? ? 
3 water       nat water                                                          18.015    207 ? ? ? ? 
# 
_entity_name_com.entity_id   1 
_entity_name_com.name        
'PHIP,DDB1- and CUL4-associated factor 14,IRS-1 PH domain-binding protein,WD repeat-containing protein 11' 
# 
_entity_poly.entity_id                      1 
_entity_poly.type                           'polypeptide(L)' 
_entity_poly.nstd_linkage                   no 
_entity_poly.nstd_monomer                   no 
_entity_poly.pdbx_seq_one_letter_code       
;MHHHHHHSSGVDLGTENLYFQSMSYDIQAWKKQCEELLNLIFQCEDSEPFRQPVDLLEYPDYRDIIDTPMDFATVRETLE
AGNYESPMELCKDVRLIFSNSKAYTPSKRSRIYSMSLRLSAFFEEHISSVLSDYKSALRFHKRNTITKR
;
_entity_poly.pdbx_seq_one_letter_code_can   
;MHHHHHHSSGVDLGTENLYFQSMSYDIQAWKKQCEELLNLIFQCEDSEPFRQPVDLLEYPDYRDIIDTPMDFATVRETLE
AGNYESPMELCKDVRLIFSNSKAYTPSKRSRIYSMSLRLSAFFEEHISSVLSDYKSALRFHKRNTITKR
;
_entity_poly.pdbx_strand_id                 A 
_entity_poly.pdbx_target_identifier         ? 
# 
loop_
_pdbx_entity_nonpoly.entity_id 
_pdbx_entity_nonpoly.name 
_pdbx_entity_nonpoly.comp_id 
2 'N-butyl-4-(5-methylfuran-2-carbonyl)piperazine-1-carboxamide' ZQ0 
3 water                                                          HOH 
# 
loop_
_entity_poly_seq.entity_id 
_entity_poly_seq.num 
_entity_poly_seq.mon_id 
_entity_poly_seq.hetero 
1 1   MET n 
1 2   HIS n 
1 3   HIS n 
1 4   HIS n 
1 5   HIS n 
1 6   HIS n 
1 7   HIS n 
1 8   SER n 
1 9   SER n 
1 10  GLY n 
1 11  VAL n 
1 12  ASP n 
1 13  LEU n 
1 14  GLY n 
1 15  THR n 
1 16  GLU n 
1 17  ASN n 
1 18  LEU n 
1 19  TYR n 
1 20  PHE n 
1 21  GLN n 
1 22  SER n 
1 23  MET n 
1 24  SER n 
1 25  TYR n 
1 26  ASP n 
1 27  ILE n 
1 28  GLN n 
1 29  ALA n 
1 30  TRP n 
1 31  LYS n 
1 32  LYS n 
1 33  GLN n 
1 34  CYS n 
1 35  GLU n 
1 36  GLU n 
1 37  LEU n 
1 38  LEU n 
1 39  ASN n 
1 40  LEU n 
1 41  ILE n 
1 42  PHE n 
1 43  GLN n 
1 44  CYS n 
1 45  GLU n 
1 46  ASP n 
1 47  SER n 
1 48  GLU n 
1 49  PRO n 
1 50  PHE n 
1 51  ARG n 
1 52  GLN n 
1 53  PRO n 
1 54  VAL n 
1 55  ASP n 
1 56  LEU n 
1 57  LEU n 
1 58  GLU n 
1 59  TYR n 
1 60  PRO n 
1 61  ASP n 
1 62  TYR n 
1 63  ARG n 
1 64  ASP n 
1 65  ILE n 
1 66  ILE n 
1 67  ASP n 
1 68  THR n 
1 69  PRO n 
1 70  MET n 
1 71  ASP n 
1 72  PHE n 
1 73  ALA n 
1 74  THR n 
1 75  VAL n 
1 76  ARG n 
1 77  GLU n 
1 78  THR n 
1 79  LEU n 
1 80  GLU n 
1 81  ALA n 
1 82  GLY n 
1 83  ASN n 
1 84  TYR n 
1 85  GLU n 
1 86  SER n 
1 87  PRO n 
1 88  MET n 
1 89  GLU n 
1 90  LEU n 
1 91  CYS n 
1 92  LYS n 
1 93  ASP n 
1 94  VAL n 
1 95  ARG n 
1 96  LEU n 
1 97  ILE n 
1 98  PHE n 
1 99  SER n 
1 100 ASN n 
1 101 SER n 
1 102 LYS n 
1 103 ALA n 
1 104 TYR n 
1 105 THR n 
1 106 PRO n 
1 107 SER n 
1 108 LYS n 
1 109 ARG n 
1 110 SER n 
1 111 ARG n 
1 112 ILE n 
1 113 TYR n 
1 114 SER n 
1 115 MET n 
1 116 SER n 
1 117 LEU n 
1 118 ARG n 
1 119 LEU n 
1 120 SER n 
1 121 ALA n 
1 122 PHE n 
1 123 PHE n 
1 124 GLU n 
1 125 GLU n 
1 126 HIS n 
1 127 ILE n 
1 128 SER n 
1 129 SER n 
1 130 VAL n 
1 131 LEU n 
1 132 SER n 
1 133 ASP n 
1 134 TYR n 
1 135 LYS n 
1 136 SER n 
1 137 ALA n 
1 138 LEU n 
1 139 ARG n 
1 140 PHE n 
1 141 HIS n 
1 142 LYS n 
1 143 ARG n 
1 144 ASN n 
1 145 THR n 
1 146 ILE n 
1 147 THR n 
1 148 LYS n 
1 149 ARG n 
# 
_entity_src_gen.entity_id                          1 
_entity_src_gen.pdbx_src_id                        1 
_entity_src_gen.pdbx_alt_source_flag               sample 
_entity_src_gen.pdbx_seq_type                      'Biological sequence' 
_entity_src_gen.pdbx_beg_seq_num                   1 
_entity_src_gen.pdbx_end_seq_num                   149 
_entity_src_gen.gene_src_common_name               human 
_entity_src_gen.gene_src_genus                     ? 
_entity_src_gen.pdbx_gene_src_gene                 'PHIP, DCAF14, WDR11' 
_entity_src_gen.gene_src_species                   ? 
_entity_src_gen.gene_src_strain                    ? 
_entity_src_gen.gene_src_tissue                    ? 
_entity_src_gen.gene_src_tissue_fraction           ? 
_entity_src_gen.gene_src_details                   ? 
_entity_src_gen.pdbx_gene_src_fragment             ? 
_entity_src_gen.pdbx_gene_src_scientific_name      'Homo sapiens' 
_entity_src_gen.pdbx_gene_src_ncbi_taxonomy_id     9606 
_entity_src_gen.pdbx_gene_src_variant              ? 
_entity_src_gen.pdbx_gene_src_cell_line            ? 
_entity_src_gen.pdbx_gene_src_atcc                 ? 
_entity_src_gen.pdbx_gene_src_organ                ? 
_entity_src_gen.pdbx_gene_src_organelle            ? 
_entity_src_gen.pdbx_gene_src_cell                 ? 
_entity_src_gen.pdbx_gene_src_cellular_location    ? 
_entity_src_gen.host_org_common_name               ? 
_entity_src_gen.pdbx_host_org_scientific_name      'Escherichia coli' 
_entity_src_gen.pdbx_host_org_ncbi_taxonomy_id     562 
_entity_src_gen.host_org_genus                     ? 
_entity_src_gen.pdbx_host_org_gene                 ? 
_entity_src_gen.pdbx_host_org_organ                ? 
_entity_src_gen.host_org_species                   ? 
_entity_src_gen.pdbx_host_org_tissue               ? 
_entity_src_gen.pdbx_host_org_tissue_fraction      ? 
_entity_src_gen.pdbx_host_org_strain               ? 
_entity_src_gen.pdbx_host_org_variant              ? 
_entity_src_gen.pdbx_host_org_cell_line            ? 
_entity_src_gen.pdbx_host_org_atcc                 ? 
_entity_src_gen.pdbx_host_org_culture_collection   ? 
_entity_src_gen.pdbx_host_org_cell                 ? 
_entity_src_gen.pdbx_host_org_organelle            ? 
_entity_src_gen.pdbx_host_org_cellular_location    ? 
_entity_src_gen.pdbx_host_org_vector_type          ? 
_entity_src_gen.pdbx_host_org_vector               ? 
_entity_src_gen.host_org_details                   ? 
_entity_src_gen.expression_system_id               ? 
_entity_src_gen.plasmid_name                       ? 
_entity_src_gen.plasmid_details                    ? 
_entity_src_gen.pdbx_description                   ? 
# 
loop_
_chem_comp.id 
_chem_comp.type 
_chem_comp.mon_nstd_flag 
_chem_comp.name 
_chem_comp.pdbx_synonyms 
_chem_comp.formula 
_chem_comp.formula_weight 
ALA 'L-peptide linking' y ALANINE                                                        ? 'C3 H7 N O2'     89.093  
ARG 'L-peptide linking' y ARGININE                                                       ? 'C6 H15 N4 O2 1' 175.209 
ASN 'L-peptide linking' y ASPARAGINE                                                     ? 'C4 H8 N2 O3'    132.118 
ASP 'L-peptide linking' y 'ASPARTIC ACID'                                                ? 'C4 H7 N O4'     133.103 
CYS 'L-peptide linking' y CYSTEINE                                                       ? 'C3 H7 N O2 S'   121.158 
GLN 'L-peptide linking' y GLUTAMINE                                                      ? 'C5 H10 N2 O3'   146.144 
GLU 'L-peptide linking' y 'GLUTAMIC ACID'                                                ? 'C5 H9 N O4'     147.129 
GLY 'peptide linking'   y GLYCINE                                                        ? 'C2 H5 N O2'     75.067  
HIS 'L-peptide linking' y HISTIDINE                                                      ? 'C6 H10 N3 O2 1' 156.162 
HOH non-polymer         . WATER                                                          ? 'H2 O'           18.015  
ILE 'L-peptide linking' y ISOLEUCINE                                                     ? 'C6 H13 N O2'    131.173 
LEU 'L-peptide linking' y LEUCINE                                                        ? 'C6 H13 N O2'    131.173 
LYS 'L-peptide linking' y LYSINE                                                         ? 'C6 H15 N2 O2 1' 147.195 
MET 'L-peptide linking' y METHIONINE                                                     ? 'C5 H11 N O2 S'  149.211 
PHE 'L-peptide linking' y PHENYLALANINE                                                  ? 'C9 H11 N O2'    165.189 
PRO 'L-peptide linking' y PROLINE                                                        ? 'C5 H9 N O2'     115.130 
SER 'L-peptide linking' y SERINE                                                         ? 'C3 H7 N O3'     105.093 
THR 'L-peptide linking' y THREONINE                                                      ? 'C4 H9 N O3'     119.119 
TRP 'L-peptide linking' y TRYPTOPHAN                                                     ? 'C11 H12 N2 O2'  204.225 
TYR 'L-peptide linking' y TYROSINE                                                       ? 'C9 H11 N O3'    181.189 
VAL 'L-peptide linking' y VALINE                                                         ? 'C5 H11 N O2'    117.146 
ZQ0 non-polymer         . 'N-butyl-4-(5-methylfuran-2-carbonyl)piperazine-1-carboxamide' ? 'C15 H23 N3 O3'  293.361 
# 
loop_
_pdbx_poly_seq_scheme.asym_id 
_pdbx_poly_seq_scheme.entity_id 
_pdbx_poly_seq_scheme.seq_id 
_pdbx_poly_seq_scheme.mon_id 
_pdbx_poly_seq_scheme.ndb_seq_num 
_pdbx_poly_seq_scheme.pdb_seq_num 
_pdbx_poly_seq_scheme.auth_seq_num 
_pdbx_poly_seq_scheme.pdb_mon_id 
_pdbx_poly_seq_scheme.auth_mon_id 
_pdbx_poly_seq_scheme.pdb_strand_id 
_pdbx_poly_seq_scheme.pdb_ins_code 
_pdbx_poly_seq_scheme.hetero 
A 1 1   MET 1   1292 ?    ?   ?   A . n 
A 1 2   HIS 2   1293 ?    ?   ?   A . n 
A 1 3   HIS 3   1294 ?    ?   ?   A . n 
A 1 4   HIS 4   1295 ?    ?   ?   A . n 
A 1 5   HIS 5   1296 ?    ?   ?   A . n 
A 1 6   HIS 6   1297 ?    ?   ?   A . n 
A 1 7   HIS 7   1298 ?    ?   ?   A . n 
A 1 8   SER 8   1299 ?    ?   ?   A . n 
A 1 9   SER 9   1300 ?    ?   ?   A . n 
A 1 10  GLY 10  1301 ?    ?   ?   A . n 
A 1 11  VAL 11  1302 ?    ?   ?   A . n 
A 1 12  ASP 12  1303 ?    ?   ?   A . n 
A 1 13  LEU 13  1304 ?    ?   ?   A . n 
A 1 14  GLY 14  1305 ?    ?   ?   A . n 
A 1 15  THR 15  1306 ?    ?   ?   A . n 
A 1 16  GLU 16  1307 ?    ?   ?   A . n 
A 1 17  ASN 17  1308 ?    ?   ?   A . n 
A 1 18  LEU 18  1309 ?    ?   ?   A . n 
A 1 19  TYR 19  1310 ?    ?   ?   A . n 
A 1 20  PHE 20  1311 ?    ?   ?   A . n 
A 1 21  GLN 21  1312 ?    ?   ?   A . n 
A 1 22  SER 22  1313 ?    ?   ?   A . n 
A 1 23  MET 23  1314 ?    ?   ?   A . n 
A 1 24  SER 24  1315 1315 SER SER A . n 
A 1 25  TYR 25  1316 1316 TYR TYR A . n 
A 1 26  ASP 26  1317 1317 ASP ASP A . n 
A 1 27  ILE 27  1318 1318 ILE ILE A . n 
A 1 28  GLN 28  1319 1319 GLN GLN A . n 
A 1 29  ALA 29  1320 1320 ALA ALA A . n 
A 1 30  TRP 30  1321 1321 TRP TRP A . n 
A 1 31  LYS 31  1322 1322 LYS LYS A . n 
A 1 32  LYS 32  1323 1323 LYS LYS A . n 
A 1 33  GLN 33  1324 1324 GLN GLN A . n 
A 1 34  CYS 34  1325 1325 CYS CYS A . n 
A 1 35  GLU 35  1326 1326 GLU GLU A . n 
A 1 36  GLU 36  1327 1327 GLU GLU A . n 
A 1 37  LEU 37  1328 1328 LEU LEU A . n 
A 1 38  LEU 38  1329 1329 LEU LEU A . n 
A 1 39  ASN 39  1330 1330 ASN ASN A . n 
A 1 40  LEU 40  1331 1331 LEU LEU A . n 
A 1 41  ILE 41  1332 1332 ILE ILE A . n 
A 1 42  PHE 42  1333 1333 PHE PHE A . n 
A 1 43  GLN 43  1334 1334 GLN GLN A . n 
A 1 44  CYS 44  1335 1335 CYS CYS A . n 
A 1 45  GLU 45  1336 1336 GLU GLU A . n 
A 1 46  ASP 46  1337 1337 ASP ASP A . n 
A 1 47  SER 47  1338 1338 SER SER A . n 
A 1 48  GLU 48  1339 1339 GLU GLU A . n 
A 1 49  PRO 49  1340 1340 PRO PRO A . n 
A 1 50  PHE 50  1341 1341 PHE PHE A . n 
A 1 51  ARG 51  1342 1342 ARG ARG A . n 
A 1 52  GLN 52  1343 1343 GLN GLN A . n 
A 1 53  PRO 53  1344 1344 PRO PRO A . n 
A 1 54  VAL 54  1345 1345 VAL VAL A . n 
A 1 55  ASP 55  1346 1346 ASP ASP A . n 
A 1 56  LEU 56  1347 1347 LEU LEU A . n 
A 1 57  LEU 57  1348 1348 LEU LEU A . n 
A 1 58  GLU 58  1349 1349 GLU GLU A . n 
A 1 59  TYR 59  1350 1350 TYR TYR A . n 
A 1 60  PRO 60  1351 1351 PRO PRO A . n 
A 1 61  ASP 61  1352 1352 ASP ASP A . n 
A 1 62  TYR 62  1353 1353 TYR TYR A . n 
A 1 63  ARG 63  1354 1354 ARG ARG A . n 
A 1 64  ASP 64  1355 1355 ASP ASP A . n 
A 1 65  ILE 65  1356 1356 ILE ILE A . n 
A 1 66  ILE 66  1357 1357 ILE ILE A . n 
A 1 67  ASP 67  1358 1358 ASP ASP A . n 
A 1 68  THR 68  1359 1359 THR THR A . n 
A 1 69  PRO 69  1360 1360 PRO PRO A . n 
A 1 70  MET 70  1361 1361 MET MET A . n 
A 1 71  ASP 71  1362 1362 ASP ASP A . n 
A 1 72  PHE 72  1363 1363 PHE PHE A . n 
A 1 73  ALA 73  1364 1364 ALA ALA A . n 
A 1 74  THR 74  1365 1365 THR THR A . n 
A 1 75  VAL 75  1366 1366 VAL VAL A . n 
A 1 76  ARG 76  1367 1367 ARG ARG A . n 
A 1 77  GLU 77  1368 1368 GLU GLU A . n 
A 1 78  THR 78  1369 1369 THR THR A . n 
A 1 79  LEU 79  1370 1370 LEU LEU A . n 
A 1 80  GLU 80  1371 1371 GLU GLU A . n 
A 1 81  ALA 81  1372 1372 ALA ALA A . n 
A 1 82  GLY 82  1373 1373 GLY GLY A . n 
A 1 83  ASN 83  1374 1374 ASN ASN A . n 
A 1 84  TYR 84  1375 1375 TYR TYR A . n 
A 1 85  GLU 85  1376 1376 GLU GLU A . n 
A 1 86  SER 86  1377 1377 SER SER A . n 
A 1 87  PRO 87  1378 1378 PRO PRO A . n 
A 1 88  MET 88  1379 1379 MET MET A . n 
A 1 89  GLU 89  1380 1380 GLU GLU A . n 
A 1 90  LEU 90  1381 1381 LEU LEU A . n 
A 1 91  CYS 91  1382 1382 CYS CYS A . n 
A 1 92  LYS 92  1383 1383 LYS LYS A . n 
A 1 93  ASP 93  1384 1384 ASP ASP A . n 
A 1 94  VAL 94  1385 1385 VAL VAL A . n 
A 1 95  ARG 95  1386 1386 ARG ARG A . n 
A 1 96  LEU 96  1387 1387 LEU LEU A . n 
A 1 97  ILE 97  1388 1388 ILE ILE A . n 
A 1 98  PHE 98  1389 1389 PHE PHE A . n 
A 1 99  SER 99  1390 1390 SER SER A . n 
A 1 100 ASN 100 1391 1391 ASN ASN A . n 
A 1 101 SER 101 1392 1392 SER SER A . n 
A 1 102 LYS 102 1393 1393 LYS LYS A . n 
A 1 103 ALA 103 1394 1394 ALA ALA A . n 
A 1 104 TYR 104 1395 1395 TYR TYR A . n 
A 1 105 THR 105 1396 1396 THR THR A . n 
A 1 106 PRO 106 1397 1397 PRO PRO A . n 
A 1 107 SER 107 1398 1398 SER SER A . n 
A 1 108 LYS 108 1399 1399 LYS LYS A . n 
A 1 109 ARG 109 1400 1400 ARG ARG A . n 
A 1 110 SER 110 1401 1401 SER SER A . n 
A 1 111 ARG 111 1402 1402 ARG ARG A . n 
A 1 112 ILE 112 1403 1403 ILE ILE A . n 
A 1 113 TYR 113 1404 1404 TYR TYR A . n 
A 1 114 SER 114 1405 1405 SER SER A . n 
A 1 115 MET 115 1406 1406 MET MET A . n 
A 1 116 SER 116 1407 1407 SER SER A . n 
A 1 117 LEU 117 1408 1408 LEU LEU A . n 
A 1 118 ARG 118 1409 1409 ARG ARG A . n 
A 1 119 LEU 119 1410 1410 LEU LEU A . n 
A 1 120 SER 120 1411 1411 SER SER A . n 
A 1 121 ALA 121 1412 1412 ALA ALA A . n 
A 1 122 PHE 122 1413 1413 PHE PHE A . n 
A 1 123 PHE 123 1414 1414 PHE PHE A . n 
A 1 124 GLU 124 1415 1415 GLU GLU A . n 
A 1 125 GLU 125 1416 1416 GLU GLU A . n 
A 1 126 HIS 126 1417 1417 HIS HIS A . n 
A 1 127 ILE 127 1418 1418 ILE ILE A . n 
A 1 128 SER 128 1419 1419 SER SER A . n 
A 1 129 SER 129 1420 1420 SER SER A . n 
A 1 130 VAL 130 1421 1421 VAL VAL A . n 
A 1 131 LEU 131 1422 1422 LEU LEU A . n 
A 1 132 SER 132 1423 1423 SER SER A . n 
A 1 133 ASP 133 1424 1424 ASP ASP A . n 
A 1 134 TYR 134 1425 1425 TYR TYR A . n 
A 1 135 LYS 135 1426 1426 LYS LYS A . n 
A 1 136 SER 136 1427 1427 SER SER A . n 
A 1 137 ALA 137 1428 1428 ALA ALA A . n 
A 1 138 LEU 138 1429 1429 LEU LEU A . n 
A 1 139 ARG 139 1430 1430 ARG ARG A . n 
A 1 140 PHE 140 1431 1431 PHE PHE A . n 
A 1 141 HIS 141 1432 1432 HIS HIS A . n 
A 1 142 LYS 142 1433 1433 LYS LYS A . n 
A 1 143 ARG 143 1434 1434 ARG ARG A . n 
A 1 144 ASN 144 1435 1435 ASN ASN A . n 
A 1 145 THR 145 1436 ?    ?   ?   A . n 
A 1 146 ILE 146 1437 ?    ?   ?   A . n 
A 1 147 THR 147 1438 ?    ?   ?   A . n 
A 1 148 LYS 148 1439 ?    ?   ?   A . n 
A 1 149 ARG 149 1440 ?    ?   ?   A . n 
# 
loop_
_pdbx_nonpoly_scheme.asym_id 
_pdbx_nonpoly_scheme.entity_id 
_pdbx_nonpoly_scheme.mon_id 
_pdbx_nonpoly_scheme.ndb_seq_num 
_pdbx_nonpoly_scheme.pdb_seq_num 
_pdbx_nonpoly_scheme.auth_seq_num 
_pdbx_nonpoly_scheme.pdb_mon_id 
_pdbx_nonpoly_scheme.auth_mon_id 
_pdbx_nonpoly_scheme.pdb_strand_id 
_pdbx_nonpoly_scheme.pdb_ins_code 
B 2 ZQ0 1   1901 1901 ZQ0 LIG A . 
C 3 HOH 1   2001 15   HOH HOH A . 
C 3 HOH 2   2002 26   HOH HOH A . 
C 3 HOH 3   2003 1662 HOH HOH A . 
C 3 HOH 4   2004 1610 HOH HOH A . 
C 3 HOH 5   2005 1647 HOH HOH A . 
C 3 HOH 6   2006 1767 HOH HOH A . 
C 3 HOH 7   2007 1757 HOH HOH A . 
C 3 HOH 8   2008 1605 HOH HOH A . 
C 3 HOH 9   2009 1712 HOH HOH A . 
C 3 HOH 10  2010 12   HOH HOH A . 
C 3 HOH 11  2011 1739 HOH HOH A . 
C 3 HOH 12  2012 1607 HOH HOH A . 
C 3 HOH 13  2013 1614 HOH HOH A . 
C 3 HOH 14  2014 1745 HOH HOH A . 
C 3 HOH 15  2015 1678 HOH HOH A . 
C 3 HOH 16  2016 1615 HOH HOH A . 
C 3 HOH 17  2017 1695 HOH HOH A . 
C 3 HOH 18  2018 1622 HOH HOH A . 
C 3 HOH 19  2019 1609 HOH HOH A . 
C 3 HOH 20  2020 1630 HOH HOH A . 
C 3 HOH 21  2021 1771 HOH HOH A . 
C 3 HOH 22  2022 1626 HOH HOH A . 
C 3 HOH 23  2023 1603 HOH HOH A . 
C 3 HOH 24  2024 6    HOH HOH A . 
C 3 HOH 25  2025 1602 HOH HOH A . 
C 3 HOH 26  2026 1608 HOH HOH A . 
C 3 HOH 27  2027 1629 HOH HOH A . 
C 3 HOH 28  2028 1660 HOH HOH A . 
C 3 HOH 29  2029 1750 HOH HOH A . 
C 3 HOH 30  2030 1604 HOH HOH A . 
C 3 HOH 31  2031 1644 HOH HOH A . 
C 3 HOH 32  2032 1646 HOH HOH A . 
C 3 HOH 33  2033 1616 HOH HOH A . 
C 3 HOH 34  2034 1658 HOH HOH A . 
C 3 HOH 35  2035 16   HOH HOH A . 
C 3 HOH 36  2036 1624 HOH HOH A . 
C 3 HOH 37  2037 1676 HOH HOH A . 
C 3 HOH 38  2038 1625 HOH HOH A . 
C 3 HOH 39  2039 1732 HOH HOH A . 
C 3 HOH 40  2040 1628 HOH HOH A . 
C 3 HOH 41  2041 1672 HOH HOH A . 
C 3 HOH 42  2042 1655 HOH HOH A . 
C 3 HOH 43  2043 14   HOH HOH A . 
C 3 HOH 44  2044 1645 HOH HOH A . 
C 3 HOH 45  2045 1617 HOH HOH A . 
C 3 HOH 46  2046 1634 HOH HOH A . 
C 3 HOH 47  2047 17   HOH HOH A . 
C 3 HOH 48  2048 1677 HOH HOH A . 
C 3 HOH 49  2049 1680 HOH HOH A . 
C 3 HOH 50  2050 1653 HOH HOH A . 
C 3 HOH 51  2051 1633 HOH HOH A . 
C 3 HOH 52  2052 1620 HOH HOH A . 
C 3 HOH 53  2053 1612 HOH HOH A . 
C 3 HOH 54  2054 1643 HOH HOH A . 
C 3 HOH 55  2055 1700 HOH HOH A . 
C 3 HOH 56  2056 1661 HOH HOH A . 
C 3 HOH 57  2057 1666 HOH HOH A . 
C 3 HOH 58  2058 1673 HOH HOH A . 
C 3 HOH 59  2059 11   HOH HOH A . 
C 3 HOH 60  2060 1738 HOH HOH A . 
C 3 HOH 61  2061 2    HOH HOH A . 
C 3 HOH 62  2062 1637 HOH HOH A . 
C 3 HOH 63  2063 1632 HOH HOH A . 
C 3 HOH 64  2064 1613 HOH HOH A . 
C 3 HOH 65  2065 1668 HOH HOH A . 
C 3 HOH 66  2066 1650 HOH HOH A . 
C 3 HOH 67  2067 1693 HOH HOH A . 
C 3 HOH 68  2068 1652 HOH HOH A . 
C 3 HOH 69  2069 1651 HOH HOH A . 
C 3 HOH 70  2070 1663 HOH HOH A . 
C 3 HOH 71  2071 1675 HOH HOH A . 
C 3 HOH 72  2072 1665 HOH HOH A . 
C 3 HOH 73  2073 1733 HOH HOH A . 
C 3 HOH 74  2074 1619 HOH HOH A . 
C 3 HOH 75  2075 1689 HOH HOH A . 
C 3 HOH 76  2076 1690 HOH HOH A . 
C 3 HOH 77  2077 1674 HOH HOH A . 
C 3 HOH 78  2078 1687 HOH HOH A . 
C 3 HOH 79  2079 1701 HOH HOH A . 
C 3 HOH 80  2080 1649 HOH HOH A . 
C 3 HOH 81  2081 1699 HOH HOH A . 
C 3 HOH 82  2082 1621 HOH HOH A . 
C 3 HOH 83  2083 1664 HOH HOH A . 
C 3 HOH 84  2084 1711 HOH HOH A . 
C 3 HOH 85  2085 1682 HOH HOH A . 
C 3 HOH 86  2086 1721 HOH HOH A . 
C 3 HOH 87  2087 1723 HOH HOH A . 
C 3 HOH 88  2088 1720 HOH HOH A . 
C 3 HOH 89  2089 1688 HOH HOH A . 
C 3 HOH 90  2090 1671 HOH HOH A . 
C 3 HOH 91  2091 1681 HOH HOH A . 
C 3 HOH 92  2092 1601 HOH HOH A . 
C 3 HOH 93  2093 1694 HOH HOH A . 
C 3 HOH 94  2094 1747 HOH HOH A . 
C 3 HOH 95  2095 1709 HOH HOH A . 
C 3 HOH 96  2096 1725 HOH HOH A . 
C 3 HOH 97  2097 1683 HOH HOH A . 
C 3 HOH 98  2098 1696 HOH HOH A . 
C 3 HOH 99  2099 1606 HOH HOH A . 
C 3 HOH 100 2100 1611 HOH HOH A . 
C 3 HOH 101 2101 1685 HOH HOH A . 
C 3 HOH 102 2102 1627 HOH HOH A . 
C 3 HOH 103 2103 8    HOH HOH A . 
C 3 HOH 104 2104 1714 HOH HOH A . 
C 3 HOH 105 2105 1669 HOH HOH A . 
C 3 HOH 106 2106 1686 HOH HOH A . 
C 3 HOH 107 2107 1692 HOH HOH A . 
C 3 HOH 108 2108 13   HOH HOH A . 
C 3 HOH 109 2109 1729 HOH HOH A . 
C 3 HOH 110 2110 1    HOH HOH A . 
C 3 HOH 111 2111 1706 HOH HOH A . 
C 3 HOH 112 2112 1728 HOH HOH A . 
C 3 HOH 113 2113 1741 HOH HOH A . 
C 3 HOH 114 2114 25   HOH HOH A . 
C 3 HOH 115 2115 1708 HOH HOH A . 
C 3 HOH 116 2116 1697 HOH HOH A . 
C 3 HOH 117 2117 1737 HOH HOH A . 
C 3 HOH 118 2118 1715 HOH HOH A . 
C 3 HOH 119 2119 1702 HOH HOH A . 
C 3 HOH 120 2120 1740 HOH HOH A . 
C 3 HOH 121 2121 1713 HOH HOH A . 
C 3 HOH 122 2122 1648 HOH HOH A . 
C 3 HOH 123 2123 1719 HOH HOH A . 
C 3 HOH 124 2124 1724 HOH HOH A . 
C 3 HOH 125 2125 1710 HOH HOH A . 
C 3 HOH 126 2126 1657 HOH HOH A . 
C 3 HOH 127 2127 1727 HOH HOH A . 
C 3 HOH 128 2128 1642 HOH HOH A . 
C 3 HOH 129 2129 1736 HOH HOH A . 
C 3 HOH 130 2130 1716 HOH HOH A . 
C 3 HOH 131 2131 1623 HOH HOH A . 
C 3 HOH 132 2132 1640 HOH HOH A . 
C 3 HOH 133 2133 1801 HOH HOH A . 
C 3 HOH 134 2134 1734 HOH HOH A . 
C 3 HOH 135 2135 1679 HOH HOH A . 
C 3 HOH 136 2136 1684 HOH HOH A . 
C 3 HOH 137 2137 1735 HOH HOH A . 
C 3 HOH 138 2138 1703 HOH HOH A . 
C 3 HOH 139 2139 1667 HOH HOH A . 
C 3 HOH 140 2140 1726 HOH HOH A . 
C 3 HOH 141 2141 1718 HOH HOH A . 
C 3 HOH 142 2142 1704 HOH HOH A . 
C 3 HOH 143 2143 23   HOH HOH A . 
C 3 HOH 144 2144 1744 HOH HOH A . 
C 3 HOH 145 2145 1722 HOH HOH A . 
C 3 HOH 146 2146 1638 HOH HOH A . 
C 3 HOH 147 2147 1656 HOH HOH A . 
C 3 HOH 148 2148 1635 HOH HOH A . 
C 3 HOH 149 2149 1754 HOH HOH A . 
C 3 HOH 150 2150 1742 HOH HOH A . 
C 3 HOH 151 2151 1752 HOH HOH A . 
C 3 HOH 152 2152 1730 HOH HOH A . 
C 3 HOH 153 2153 1795 HOH HOH A . 
C 3 HOH 154 2154 1753 HOH HOH A . 
C 3 HOH 155 2155 1755 HOH HOH A . 
C 3 HOH 156 2156 1751 HOH HOH A . 
C 3 HOH 157 2157 1743 HOH HOH A . 
C 3 HOH 158 2158 1756 HOH HOH A . 
C 3 HOH 159 2159 1773 HOH HOH A . 
C 3 HOH 160 2160 1770 HOH HOH A . 
C 3 HOH 161 2161 1759 HOH HOH A . 
C 3 HOH 162 2162 1766 HOH HOH A . 
C 3 HOH 163 2163 1769 HOH HOH A . 
C 3 HOH 164 2164 1762 HOH HOH A . 
C 3 HOH 165 2165 7    HOH HOH A . 
C 3 HOH 166 2166 1748 HOH HOH A . 
C 3 HOH 167 2167 1794 HOH HOH A . 
C 3 HOH 168 2168 5    HOH HOH A . 
C 3 HOH 169 2169 1768 HOH HOH A . 
C 3 HOH 170 2170 1758 HOH HOH A . 
C 3 HOH 171 2171 1763 HOH HOH A . 
C 3 HOH 172 2172 1784 HOH HOH A . 
C 3 HOH 173 2173 1765 HOH HOH A . 
C 3 HOH 174 2174 1796 HOH HOH A . 
C 3 HOH 175 2175 1779 HOH HOH A . 
C 3 HOH 176 2176 1777 HOH HOH A . 
C 3 HOH 177 2177 24   HOH HOH A . 
C 3 HOH 178 2178 9    HOH HOH A . 
C 3 HOH 179 2179 1764 HOH HOH A . 
C 3 HOH 180 2180 18   HOH HOH A . 
C 3 HOH 181 2181 1778 HOH HOH A . 
C 3 HOH 182 2182 1783 HOH HOH A . 
C 3 HOH 183 2183 1774 HOH HOH A . 
C 3 HOH 184 2184 1786 HOH HOH A . 
C 3 HOH 185 2185 1775 HOH HOH A . 
C 3 HOH 186 2186 1781 HOH HOH A . 
C 3 HOH 187 2187 1782 HOH HOH A . 
C 3 HOH 188 2188 1785 HOH HOH A . 
C 3 HOH 189 2189 1787 HOH HOH A . 
C 3 HOH 190 2190 1760 HOH HOH A . 
C 3 HOH 191 2191 19   HOH HOH A . 
C 3 HOH 192 2192 1654 HOH HOH A . 
C 3 HOH 193 2193 1791 HOH HOH A . 
C 3 HOH 194 2194 1789 HOH HOH A . 
C 3 HOH 195 2195 21   HOH HOH A . 
C 3 HOH 196 2196 22   HOH HOH A . 
C 3 HOH 197 2197 1780 HOH HOH A . 
C 3 HOH 198 2198 1793 HOH HOH A . 
C 3 HOH 199 2199 1790 HOH HOH A . 
C 3 HOH 200 2200 1792 HOH HOH A . 
C 3 HOH 201 2201 4    HOH HOH A . 
C 3 HOH 202 2202 1798 HOH HOH A . 
C 3 HOH 203 2203 20   HOH HOH A . 
C 3 HOH 204 2204 1788 HOH HOH A . 
C 3 HOH 205 2205 1799 HOH HOH A . 
C 3 HOH 206 2206 1797 HOH HOH A . 
C 3 HOH 207 2207 1800 HOH HOH A . 
# 
loop_
_pdbx_unobs_or_zero_occ_atoms.id 
_pdbx_unobs_or_zero_occ_atoms.PDB_model_num 
_pdbx_unobs_or_zero_occ_atoms.polymer_flag 
_pdbx_unobs_or_zero_occ_atoms.occupancy_flag 
_pdbx_unobs_or_zero_occ_atoms.auth_asym_id 
_pdbx_unobs_or_zero_occ_atoms.auth_comp_id 
_pdbx_unobs_or_zero_occ_atoms.auth_seq_id 
_pdbx_unobs_or_zero_occ_atoms.PDB_ins_code 
_pdbx_unobs_or_zero_occ_atoms.auth_atom_id 
_pdbx_unobs_or_zero_occ_atoms.label_alt_id 
_pdbx_unobs_or_zero_occ_atoms.label_asym_id 
_pdbx_unobs_or_zero_occ_atoms.label_comp_id 
_pdbx_unobs_or_zero_occ_atoms.label_seq_id 
_pdbx_unobs_or_zero_occ_atoms.label_atom_id 
1 1 Y 1 A GLN 1334 ? CD  ? A GLN 43 CD  
2 1 Y 1 A GLN 1334 ? OE1 ? A GLN 43 OE1 
3 1 Y 1 A GLN 1334 ? NE2 ? A GLN 43 NE2 
# 
loop_
_software.pdbx_ordinal 
_software.name 
_software.version 
_software.date 
_software.type 
_software.contact_author 
_software.contact_author_email 
_software.classification 
_software.location 
_software.language 
_software.citation_id 
1 REFMAC      5.8.0267 ?               program 'Garib N. Murshudov' garib@ysbl.york.ac.uk    refinement        
http://www.ccp4.ac.uk/dist/html/refmac5.html        Fortran_77 ? 
2 Aimless     0.7.7    23/04/21        program 'Phil Evans'         ?                        'data scaling'    
http://www.mrc-lmb.cam.ac.uk/harry/pre/aimless.html ?          ? 
3 PDB_EXTRACT 3.23     'SEP. 23, 2016' package PDB                  deposit@deposit.rcsb.org 'data extraction' 
http://sw-tools.pdb.org/apps/PDB_EXTRACT/           C++        ? 
4 XDS         .        ?               program ?                    ?                        'data reduction'  ? ?          ? 
5 REFMAC      .        ?               program ?                    ?                        phasing           ? ?          ? 
# 
_cell.entry_id           7FVP 
_cell.length_a           81.995 
_cell.length_b           27.470 
_cell.length_c           56.483 
_cell.angle_alpha        90.000 
_cell.angle_beta         100.040 
_cell.angle_gamma        90.000 
_cell.Z_PDB              4 
_cell.pdbx_unique_axis   ? 
# 
_symmetry.entry_id                         7FVP 
_symmetry.space_group_name_H-M             'C 1 2 1' 
_symmetry.pdbx_full_space_group_name_H-M   ? 
_symmetry.cell_setting                     ? 
_symmetry.Int_Tables_number                5 
# 
_exptl.crystals_number   1 
_exptl.entry_id          7FVP 
_exptl.method            'X-RAY DIFFRACTION' 
# 
_exptl_crystal.id                    1 
_exptl_crystal.pdbx_mosaicity        0.000 
_exptl_crystal.pdbx_mosaicity_esd    ? 
_exptl_crystal.density_Matthews      1.78 
_exptl_crystal.density_diffrn        ? 
_exptl_crystal.density_meas          ? 
_exptl_crystal.density_meas_temp     ? 
_exptl_crystal.density_percent_sol   30.77 
_exptl_crystal.size_max              ? 
_exptl_crystal.size_mid              ? 
_exptl_crystal.size_min              ? 
_exptl_crystal.size_rad              ? 
_exptl_crystal.description           ? 
# 
_exptl_crystal_grow.crystal_id      1 
_exptl_crystal_grow.method          'VAPOR DIFFUSION, SITTING DROP' 
_exptl_crystal_grow.pH              5.6 
_exptl_crystal_grow.temp            277 
_exptl_crystal_grow.pdbx_details    '20% PEG 8000, 0.04M potassium phosphate' 
_exptl_crystal_grow.temp_details    ? 
_exptl_crystal_grow.pdbx_pH_range   ? 
# 
_diffrn.id                     1 
_diffrn.ambient_temp           100 
_diffrn.crystal_id             1 
_diffrn.ambient_temp_details   ? 
# 
_diffrn_detector.detector               PIXEL 
_diffrn_detector.type                   'DECTRIS PILATUS 6M' 
_diffrn_detector.pdbx_collection_date   2022-09-24 
_diffrn_detector.diffrn_id              1 
_diffrn_detector.details                ? 
# 
_diffrn_radiation.diffrn_id                        1 
_diffrn_radiation.wavelength_id                    1 
_diffrn_radiation.pdbx_diffrn_protocol             'SINGLE WAVELENGTH' 
_diffrn_radiation.pdbx_monochromatic_or_laue_m_l   ? 
_diffrn_radiation.monochromator                    ? 
_diffrn_radiation.pdbx_scattering_type             x-ray 
# 
_diffrn_radiation_wavelength.id           1 
_diffrn_radiation_wavelength.wavelength   0.92124 
_diffrn_radiation_wavelength.wt           1.0 
# 
_diffrn_source.diffrn_id                   1 
_diffrn_source.source                      SYNCHROTRON 
_diffrn_source.type                        'DIAMOND BEAMLINE I04-1' 
_diffrn_source.pdbx_wavelength_list        0.92124 
_diffrn_source.pdbx_synchrotron_site       Diamond 
_diffrn_source.pdbx_synchrotron_beamline   I04-1 
_diffrn_source.pdbx_wavelength             ? 
# 
_reflns.entry_id                     7FVP 
_reflns.pdbx_diffrn_id               1 
_reflns.pdbx_ordinal                 1 
_reflns.observed_criterion_sigma_I   ? 
_reflns.observed_criterion_sigma_F   ? 
_reflns.d_resolution_low             55.660 
_reflns.d_resolution_high            1.150 
_reflns.number_obs                   32310 
_reflns.number_all                   ? 
_reflns.percent_possible_obs         72.900 
_reflns.pdbx_Rmerge_I_obs            0.070 
_reflns.pdbx_Rsym_value              ? 
_reflns.pdbx_netI_over_sigmaI        14.600 
_reflns.B_iso_Wilson_estimate        ? 
_reflns.pdbx_redundancy              5.300 
_reflns.pdbx_Rrim_I_all              0.076 
_reflns.pdbx_Rpim_I_all              0.030 
_reflns.pdbx_CC_half                 0.996 
_reflns.pdbx_netI_over_av_sigmaI     ? 
_reflns.pdbx_number_measured_all     172608 
_reflns.pdbx_scaling_rejects         0 
_reflns.pdbx_chi_squared             ? 
_reflns.Rmerge_F_all                 ? 
_reflns.Rmerge_F_obs                 ? 
_reflns.observed_criterion_F_max     ? 
_reflns.observed_criterion_F_min     ? 
_reflns.observed_criterion_I_max     ? 
_reflns.observed_criterion_I_min     ? 
_reflns.pdbx_d_res_high_opt          ? 
_reflns.pdbx_d_res_low_opt           ? 
_reflns.details                      ? 
# 
loop_
_reflns_shell.pdbx_diffrn_id 
_reflns_shell.pdbx_ordinal 
_reflns_shell.d_res_high 
_reflns_shell.d_res_low 
_reflns_shell.number_measured_obs 
_reflns_shell.number_measured_all 
_reflns_shell.number_unique_obs 
_reflns_shell.pdbx_rejects 
_reflns_shell.Rmerge_I_obs 
_reflns_shell.meanI_over_sigI_obs 
_reflns_shell.pdbx_Rsym_value 
_reflns_shell.pdbx_chi_squared 
_reflns_shell.pdbx_redundancy 
_reflns_shell.percent_possible_obs 
_reflns_shell.pdbx_netI_over_sigmaI_obs 
_reflns_shell.number_possible 
_reflns_shell.number_unique_all 
_reflns_shell.Rmerge_F_all 
_reflns_shell.Rmerge_F_obs 
_reflns_shell.Rmerge_I_all 
_reflns_shell.meanI_over_sigI_all 
_reflns_shell.percent_possible_all 
_reflns_shell.pdbx_Rrim_I_all 
_reflns_shell.pdbx_Rpim_I_all 
_reflns_shell.pdbx_CC_half 
1 1 1.150 1.170  ? 118  ? ? 2.064 ? ? ? 1.000 ? 0.200  ? 113 ? ? ? ? 5.100  2.919 2.064 ?     
1 2 6.200 55.660 ? 1915 ? ? 0.100 ? ? ? 5.900 ? 36.000 ? 325 ? ? ? ? 99.800 0.111 0.048 0.983 
# 
_refine.entry_id                                 7FVP 
_refine.pdbx_refine_id                           'X-RAY DIFFRACTION' 
_refine.ls_d_res_high                            1.1500 
_refine.ls_d_res_low                             55.6200 
_refine.pdbx_ls_sigma_F                          0.000 
_refine.pdbx_data_cutoff_high_absF               ? 
_refine.pdbx_data_cutoff_low_absF                ? 
_refine.ls_percent_reflns_obs                    71.8000 
_refine.ls_number_reflns_obs                     30196 
_refine.ls_number_reflns_all                     ? 
_refine.pdbx_ls_cross_valid_method               THROUGHOUT 
_refine.ls_matrix_type                           ? 
_refine.pdbx_R_Free_selection_details            RANDOM 
_refine.details                                  
'HYDROGENS HAVE BEEN ADDED IN THE RIDING POSITIONS U VALUES      : REFINED INDIVIDUALLY' 
_refine.ls_R_factor_all                          ? 
_refine.ls_R_factor_obs                          0.1751 
_refine.ls_R_factor_R_work                       0.1739 
_refine.ls_wR_factor_R_work                      ? 
_refine.ls_R_factor_R_free                       0.1979 
_refine.ls_wR_factor_R_free                      ? 
_refine.ls_percent_reflns_R_free                 5.0000 
_refine.ls_number_reflns_R_free                  1594 
_refine.ls_number_reflns_R_work                  ? 
_refine.ls_R_factor_R_free_error                 ? 
_refine.B_iso_mean                               20.5470 
_refine.solvent_model_param_bsol                 ? 
_refine.solvent_model_param_ksol                 ? 
_refine.pdbx_isotropic_thermal_model             ? 
_refine.aniso_B[1][1]                            -0.2600 
_refine.aniso_B[2][2]                            1.2900 
_refine.aniso_B[3][3]                            -1.1200 
_refine.aniso_B[1][2]                            -0.0000 
_refine.aniso_B[1][3]                            0.4600 
_refine.aniso_B[2][3]                            0.0000 
_refine.correlation_coeff_Fo_to_Fc               0.9680 
_refine.correlation_coeff_Fo_to_Fc_free          0.9570 
_refine.overall_SU_R_Cruickshank_DPI             ? 
_refine.pdbx_overall_SU_R_free_Cruickshank_DPI   ? 
_refine.pdbx_overall_SU_R_Blow_DPI               ? 
_refine.pdbx_overall_SU_R_free_Blow_DPI          ? 
_refine.overall_SU_R_free                        ? 
_refine.pdbx_overall_ESU_R                       0.0810 
_refine.pdbx_overall_ESU_R_Free                  0.0750 
_refine.overall_SU_ML                            0.0640 
_refine.overall_SU_B                             1.5320 
_refine.solvent_model_details                    MASK 
_refine.pdbx_solvent_vdw_probe_radii             1.2000 
_refine.pdbx_solvent_ion_probe_radii             0.8000 
_refine.pdbx_solvent_shrinkage_radii             0.8000 
_refine.ls_number_parameters                     ? 
_refine.ls_number_restraints                     ? 
_refine.pdbx_starting_model                      7av9 
_refine.pdbx_method_to_determine_struct          'FOURIER SYNTHESIS' 
_refine.pdbx_stereochemistry_target_values       'MAXIMUM LIKELIHOOD' 
_refine.pdbx_stereochem_target_val_spec_case     ? 
_refine.overall_FOM_work_R_set                   ? 
_refine.B_iso_max                                387.330 
_refine.B_iso_min                                10.840 
_refine.pdbx_overall_phase_error                 ? 
_refine.occupancy_max                            ? 
_refine.occupancy_min                            ? 
_refine.pdbx_diffrn_id                           1 
_refine.pdbx_TLS_residual_ADP_flag               ? 
_refine.pdbx_ls_sigma_I                          ? 
_refine.pdbx_data_cutoff_high_rms_absF           ? 
_refine.ls_R_factor_R_free_error_details         ? 
# 
_refine_hist.cycle_id                         final 
_refine_hist.pdbx_refine_id                   'X-RAY DIFFRACTION' 
_refine_hist.d_res_high                       1.1500 
_refine_hist.d_res_low                        55.6200 
_refine_hist.pdbx_number_atoms_ligand         21 
_refine_hist.number_atoms_solvent             207 
_refine_hist.number_atoms_total               1231 
_refine_hist.pdbx_number_residues_total       121 
_refine_hist.pdbx_B_iso_mean_ligand           27.26 
_refine_hist.pdbx_B_iso_mean_solvent          31.91 
_refine_hist.pdbx_number_atoms_protein        1003 
_refine_hist.pdbx_number_atoms_nucleic_acid   0 
# 
loop_
_refine_ls_restr.pdbx_refine_id 
_refine_ls_restr.type 
_refine_ls_restr.number 
_refine_ls_restr.dev_ideal 
_refine_ls_restr.dev_ideal_target 
_refine_ls_restr.weight 
_refine_ls_restr.pdbx_restraint_function 
'X-RAY DIFFRACTION' r_bond_refined_d       3174 0.008  0.015  ? ? 
'X-RAY DIFFRACTION' r_bond_other_d         2106 0.002  0.014  ? ? 
'X-RAY DIFFRACTION' r_angle_refined_deg    3143 1.529  1.672  ? ? 
'X-RAY DIFFRACTION' r_angle_other_deg      4907 1.369  1.585  ? ? 
'X-RAY DIFFRACTION' r_dihedral_angle_1_deg 285  5.957  5.000  ? ? 
'X-RAY DIFFRACTION' r_dihedral_angle_2_deg 140  25.455 20.643 ? ? 
'X-RAY DIFFRACTION' r_dihedral_angle_3_deg 398  14.273 15.000 ? ? 
'X-RAY DIFFRACTION' r_dihedral_angle_4_deg 21   11.000 15.000 ? ? 
'X-RAY DIFFRACTION' r_chiral_restr         290  0.079  0.200  ? ? 
'X-RAY DIFFRACTION' r_gen_planes_refined   2695 0.008  0.020  ? ? 
'X-RAY DIFFRACTION' r_gen_planes_other     561  0.002  0.020  ? ? 
'X-RAY DIFFRACTION' r_mcbond_it            1496 1.739  2.027  ? ? 
'X-RAY DIFFRACTION' r_mcbond_other         1422 1.783  1.922  ? ? 
'X-RAY DIFFRACTION' r_mcangle_it           1373 3.683  2.792  ? ? 
# 
_refine_ls_shell.d_res_high                       1.1520 
_refine_ls_shell.d_res_low                        1.1820 
_refine_ls_shell.pdbx_total_number_of_bins_used   20 
_refine_ls_shell.percent_reflns_obs               3.1500 
_refine_ls_shell.number_reflns_R_work             96 
_refine_ls_shell.R_factor_all                     ? 
_refine_ls_shell.R_factor_R_work                  0.3950 
_refine_ls_shell.R_factor_R_free                  0.4730 
_refine_ls_shell.percent_reflns_R_free            ? 
_refine_ls_shell.number_reflns_R_free             7 
_refine_ls_shell.R_factor_R_free_error            ? 
_refine_ls_shell.number_reflns_all                103 
_refine_ls_shell.number_reflns_obs                ? 
_refine_ls_shell.pdbx_refine_id                   'X-RAY DIFFRACTION' 
# 
_struct.entry_id                  7FVP 
_struct.title                     'PanDDA analysis group deposition -- PHIP in complex with Z1004277578' 
_struct.pdbx_model_details        ? 
_struct.pdbx_CASP_flag            ? 
_struct.pdbx_model_type_details   ? 
# 
_struct_keywords.entry_id        7FVP 
_struct_keywords.text            
'False negatives, ligand features, rescreening, catalogue, fragment follow-ups, automated chemistry, SIGNALING PROTEIN' 
_struct_keywords.pdbx_keywords   'SIGNALING PROTEIN' 
# 
loop_
_struct_asym.id 
_struct_asym.pdbx_blank_PDB_chainid_flag 
_struct_asym.pdbx_modified 
_struct_asym.entity_id 
_struct_asym.details 
A N N 1 ? 
B N N 2 ? 
C N N 3 ? 
# 
_struct_ref.id                         1 
_struct_ref.db_name                    UNP 
_struct_ref.db_code                    PHIP_HUMAN 
_struct_ref.pdbx_db_accession          Q8WWQ0 
_struct_ref.pdbx_db_isoform            ? 
_struct_ref.entity_id                  1 
_struct_ref.pdbx_seq_one_letter_code   
;SYDIQAWKKQCEELLNLIFQCEDSEPFRQPVDLLEYPDYRDIIDTPMDFATVRETLEAGNYESPMELCKDVRLIFSNSKA
YTPSKRSRIYSMSLRLSAFFEEHISSVLSDYKSALRFHKRNTITKR
;
_struct_ref.pdbx_align_begin           1315 
# 
_struct_ref_seq.align_id                      1 
_struct_ref_seq.ref_id                        1 
_struct_ref_seq.pdbx_PDB_id_code              7FVP 
_struct_ref_seq.pdbx_strand_id                A 
_struct_ref_seq.seq_align_beg                 24 
_struct_ref_seq.pdbx_seq_align_beg_ins_code   ? 
_struct_ref_seq.seq_align_end                 149 
_struct_ref_seq.pdbx_seq_align_end_ins_code   ? 
_struct_ref_seq.pdbx_db_accession             Q8WWQ0 
_struct_ref_seq.db_align_beg                  1315 
_struct_ref_seq.pdbx_db_align_beg_ins_code    ? 
_struct_ref_seq.db_align_end                  1440 
_struct_ref_seq.pdbx_db_align_end_ins_code    ? 
_struct_ref_seq.pdbx_auth_seq_align_beg       1315 
_struct_ref_seq.pdbx_auth_seq_align_end       1440 
# 
loop_
_struct_ref_seq_dif.align_id 
_struct_ref_seq_dif.pdbx_pdb_id_code 
_struct_ref_seq_dif.mon_id 
_struct_ref_seq_dif.pdbx_pdb_strand_id 
_struct_ref_seq_dif.seq_num 
_struct_ref_seq_dif.pdbx_pdb_ins_code 
_struct_ref_seq_dif.pdbx_seq_db_name 
_struct_ref_seq_dif.pdbx_seq_db_accession_code 
_struct_ref_seq_dif.db_mon_id 
_struct_ref_seq_dif.pdbx_seq_db_seq_num 
_struct_ref_seq_dif.details 
_struct_ref_seq_dif.pdbx_auth_seq_num 
_struct_ref_seq_dif.pdbx_ordinal 
1 7FVP MET A 1  ? UNP Q8WWQ0 ? ? 'initiating methionine' 1292 1  
1 7FVP HIS A 2  ? UNP Q8WWQ0 ? ? 'expression tag'        1293 2  
1 7FVP HIS A 3  ? UNP Q8WWQ0 ? ? 'expression tag'        1294 3  
1 7FVP HIS A 4  ? UNP Q8WWQ0 ? ? 'expression tag'        1295 4  
1 7FVP HIS A 5  ? UNP Q8WWQ0 ? ? 'expression tag'        1296 5  
1 7FVP HIS A 6  ? UNP Q8WWQ0 ? ? 'expression tag'        1297 6  
1 7FVP HIS A 7  ? UNP Q8WWQ0 ? ? 'expression tag'        1298 7  
1 7FVP SER A 8  ? UNP Q8WWQ0 ? ? 'expression tag'        1299 8  
1 7FVP SER A 9  ? UNP Q8WWQ0 ? ? 'expression tag'        1300 9  
1 7FVP GLY A 10 ? UNP Q8WWQ0 ? ? 'expression tag'        1301 10 
1 7FVP VAL A 11 ? UNP Q8WWQ0 ? ? 'expression tag'        1302 11 
1 7FVP ASP A 12 ? UNP Q8WWQ0 ? ? 'expression tag'        1303 12 
1 7FVP LEU A 13 ? UNP Q8WWQ0 ? ? 'expression tag'        1304 13 
1 7FVP GLY A 14 ? UNP Q8WWQ0 ? ? 'expression tag'        1305 14 
1 7FVP THR A 15 ? UNP Q8WWQ0 ? ? 'expression tag'        1306 15 
1 7FVP GLU A 16 ? UNP Q8WWQ0 ? ? 'expression tag'        1307 16 
1 7FVP ASN A 17 ? UNP Q8WWQ0 ? ? 'expression tag'        1308 17 
1 7FVP LEU A 18 ? UNP Q8WWQ0 ? ? 'expression tag'        1309 18 
1 7FVP TYR A 19 ? UNP Q8WWQ0 ? ? 'expression tag'        1310 19 
1 7FVP PHE A 20 ? UNP Q8WWQ0 ? ? 'expression tag'        1311 20 
1 7FVP GLN A 21 ? UNP Q8WWQ0 ? ? 'expression tag'        1312 21 
1 7FVP SER A 22 ? UNP Q8WWQ0 ? ? 'expression tag'        1313 22 
1 7FVP MET A 23 ? UNP Q8WWQ0 ? ? 'expression tag'        1314 23 
# 
_pdbx_struct_assembly.id                   1 
_pdbx_struct_assembly.details              author_and_software_defined_assembly 
_pdbx_struct_assembly.method_details       PISA 
_pdbx_struct_assembly.oligomeric_details   monomeric 
_pdbx_struct_assembly.oligomeric_count     1 
# 
_pdbx_struct_assembly_gen.assembly_id       1 
_pdbx_struct_assembly_gen.oper_expression   1 
_pdbx_struct_assembly_gen.asym_id_list      A,B,C 
# 
_pdbx_struct_oper_list.id                   1 
_pdbx_struct_oper_list.type                 'identity operation' 
_pdbx_struct_oper_list.name                 1_555 
_pdbx_struct_oper_list.symmetry_operation   x,y,z 
_pdbx_struct_oper_list.matrix[1][1]         1.0000000000 
_pdbx_struct_oper_list.matrix[1][2]         0.0000000000 
_pdbx_struct_oper_list.matrix[1][3]         0.0000000000 
_pdbx_struct_oper_list.vector[1]            0.0000000000 
_pdbx_struct_oper_list.matrix[2][1]         0.0000000000 
_pdbx_struct_oper_list.matrix[2][2]         1.0000000000 
_pdbx_struct_oper_list.matrix[2][3]         0.0000000000 
_pdbx_struct_oper_list.vector[2]            0.0000000000 
_pdbx_struct_oper_list.matrix[3][1]         0.0000000000 
_pdbx_struct_oper_list.matrix[3][2]         0.0000000000 
_pdbx_struct_oper_list.matrix[3][3]         1.0000000000 
_pdbx_struct_oper_list.vector[3]            0.0000000000 
# 
loop_
_struct_conf.conf_type_id 
_struct_conf.id 
_struct_conf.pdbx_PDB_helix_id 
_struct_conf.beg_label_comp_id 
_struct_conf.beg_label_asym_id 
_struct_conf.beg_label_seq_id 
_struct_conf.pdbx_beg_PDB_ins_code 
_struct_conf.end_label_comp_id 
_struct_conf.end_label_asym_id 
_struct_conf.end_label_seq_id 
_struct_conf.pdbx_end_PDB_ins_code 
_struct_conf.beg_auth_comp_id 
_struct_conf.beg_auth_asym_id 
_struct_conf.beg_auth_seq_id 
_struct_conf.end_auth_comp_id 
_struct_conf.end_auth_asym_id 
_struct_conf.end_auth_seq_id 
_struct_conf.pdbx_PDB_helix_class 
_struct_conf.details 
_struct_conf.pdbx_PDB_helix_length 
HELX_P HELX_P1 AA1 ALA A 29  ? CYS A 44  ? ALA A 1320 CYS A 1335 1 ? 16 
HELX_P HELX_P2 AA2 GLU A 45  ? ARG A 51  ? GLU A 1336 ARG A 1342 5 ? 7  
HELX_P HELX_P3 AA3 ASP A 61  ? ILE A 66  ? ASP A 1352 ILE A 1357 1 ? 6  
HELX_P HELX_P4 AA4 ASP A 71  ? ALA A 81  ? ASP A 1362 ALA A 1372 1 ? 11 
HELX_P HELX_P5 AA5 SER A 86  ? THR A 105 ? SER A 1377 THR A 1396 1 ? 20 
HELX_P HELX_P6 AA6 SER A 110 ? LYS A 142 ? SER A 1401 LYS A 1433 1 ? 33 
# 
_struct_conf_type.id          HELX_P 
_struct_conf_type.criteria    ? 
_struct_conf_type.reference   ? 
# 
_pdbx_validate_symm_contact.id                1 
_pdbx_validate_symm_contact.PDB_model_num     1 
_pdbx_validate_symm_contact.auth_atom_id_1    O 
_pdbx_validate_symm_contact.auth_asym_id_1    A 
_pdbx_validate_symm_contact.auth_comp_id_1    HOH 
_pdbx_validate_symm_contact.auth_seq_id_1     2162 
_pdbx_validate_symm_contact.PDB_ins_code_1    ? 
_pdbx_validate_symm_contact.label_alt_id_1    ? 
_pdbx_validate_symm_contact.site_symmetry_1   1_555 
_pdbx_validate_symm_contact.auth_atom_id_2    O 
_pdbx_validate_symm_contact.auth_asym_id_2    A 
_pdbx_validate_symm_contact.auth_comp_id_2    HOH 
_pdbx_validate_symm_contact.auth_seq_id_2     2183 
_pdbx_validate_symm_contact.PDB_ins_code_2    ? 
_pdbx_validate_symm_contact.label_alt_id_2    ? 
_pdbx_validate_symm_contact.site_symmetry_2   4_445 
_pdbx_validate_symm_contact.dist              2.19 
# 
_pdbx_validate_rmsd_bond.id                        1 
_pdbx_validate_rmsd_bond.PDB_model_num             1 
_pdbx_validate_rmsd_bond.auth_atom_id_1            CD 
_pdbx_validate_rmsd_bond.auth_asym_id_1            A 
_pdbx_validate_rmsd_bond.auth_comp_id_1            GLU 
_pdbx_validate_rmsd_bond.auth_seq_id_1             1371 
_pdbx_validate_rmsd_bond.PDB_ins_code_1            ? 
_pdbx_validate_rmsd_bond.label_alt_id_1            ? 
_pdbx_validate_rmsd_bond.auth_atom_id_2            OE2 
_pdbx_validate_rmsd_bond.auth_asym_id_2            A 
_pdbx_validate_rmsd_bond.auth_comp_id_2            GLU 
_pdbx_validate_rmsd_bond.auth_seq_id_2             1371 
_pdbx_validate_rmsd_bond.PDB_ins_code_2            ? 
_pdbx_validate_rmsd_bond.label_alt_id_2            ? 
_pdbx_validate_rmsd_bond.bond_value                1.322 
_pdbx_validate_rmsd_bond.bond_target_value         1.252 
_pdbx_validate_rmsd_bond.bond_deviation            0.070 
_pdbx_validate_rmsd_bond.bond_standard_deviation   0.011 
_pdbx_validate_rmsd_bond.linker_flag               N 
# 
loop_
_pdbx_struct_special_symmetry.id 
_pdbx_struct_special_symmetry.PDB_model_num 
_pdbx_struct_special_symmetry.auth_asym_id 
_pdbx_struct_special_symmetry.auth_comp_id 
_pdbx_struct_special_symmetry.auth_seq_id 
_pdbx_struct_special_symmetry.PDB_ins_code 
_pdbx_struct_special_symmetry.label_asym_id 
_pdbx_struct_special_symmetry.label_comp_id 
_pdbx_struct_special_symmetry.label_seq_id 
1 1 A HOH 2137 ? C HOH . 
2 1 A HOH 2199 ? C HOH . 
# 
_phasing.method   MR 
# 
_pdbx_entry_details.entry_id                 7FVP 
_pdbx_entry_details.compound_details         ? 
_pdbx_entry_details.source_details           ? 
_pdbx_entry_details.nonpolymer_details       ? 
_pdbx_entry_details.sequence_details         ? 
_pdbx_entry_details.has_ligand_of_interest   Y 
# 
loop_
_pdbx_unobs_or_zero_occ_residues.id 
_pdbx_unobs_or_zero_occ_residues.PDB_model_num 
_pdbx_unobs_or_zero_occ_residues.polymer_flag 
_pdbx_unobs_or_zero_occ_residues.occupancy_flag 
_pdbx_unobs_or_zero_occ_residues.auth_asym_id 
_pdbx_unobs_or_zero_occ_residues.auth_comp_id 
_pdbx_unobs_or_zero_occ_residues.auth_seq_id 
_pdbx_unobs_or_zero_occ_residues.PDB_ins_code 
_pdbx_unobs_or_zero_occ_residues.label_asym_id 
_pdbx_unobs_or_zero_occ_residues.label_comp_id 
_pdbx_unobs_or_zero_occ_residues.label_seq_id 
1  1 Y 1 A MET 1292 ? A MET 1   
2  1 Y 1 A HIS 1293 ? A HIS 2   
3  1 Y 1 A HIS 1294 ? A HIS 3   
4  1 Y 1 A HIS 1295 ? A HIS 4   
5  1 Y 1 A HIS 1296 ? A HIS 5   
6  1 Y 1 A HIS 1297 ? A HIS 6   
7  1 Y 1 A HIS 1298 ? A HIS 7   
8  1 Y 1 A SER 1299 ? A SER 8   
9  1 Y 1 A SER 1300 ? A SER 9   
10 1 Y 1 A GLY 1301 ? A GLY 10  
11 1 Y 1 A VAL 1302 ? A VAL 11  
12 1 Y 1 A ASP 1303 ? A ASP 12  
13 1 Y 1 A LEU 1304 ? A LEU 13  
14 1 Y 1 A GLY 1305 ? A GLY 14  
15 1 Y 1 A THR 1306 ? A THR 15  
16 1 Y 1 A GLU 1307 ? A GLU 16  
17 1 Y 1 A ASN 1308 ? A ASN 17  
18 1 Y 1 A LEU 1309 ? A LEU 18  
19 1 Y 1 A TYR 1310 ? A TYR 19  
20 1 Y 1 A PHE 1311 ? A PHE 20  
21 1 Y 1 A GLN 1312 ? A GLN 21  
22 1 Y 1 A SER 1313 ? A SER 22  
23 1 Y 1 A MET 1314 ? A MET 23  
24 1 Y 1 A THR 1436 ? A THR 145 
25 1 Y 1 A ILE 1437 ? A ILE 146 
26 1 Y 1 A THR 1438 ? A THR 147 
27 1 Y 1 A LYS 1439 ? A LYS 148 
28 1 Y 1 A ARG 1440 ? A ARG 149 
# 
loop_
_chem_comp_atom.comp_id 
_chem_comp_atom.atom_id 
_chem_comp_atom.type_symbol 
_chem_comp_atom.pdbx_aromatic_flag 
_chem_comp_atom.pdbx_stereo_config 
_chem_comp_atom.pdbx_ordinal 
ALA N    N N N 1   
ALA CA   C N S 2   
ALA C    C N N 3   
ALA O    O N N 4   
ALA CB   C N N 5   
ALA OXT  O N N 6   
ALA H    H N N 7   
ALA H2   H N N 8   
ALA HA   H N N 9   
ALA HB1  H N N 10  
ALA HB2  H N N 11  
ALA HB3  H N N 12  
ALA HXT  H N N 13  
ARG N    N N N 14  
ARG CA   C N S 15  
ARG C    C N N 16  
ARG O    O N N 17  
ARG CB   C N N 18  
ARG CG   C N N 19  
ARG CD   C N N 20  
ARG NE   N N N 21  
ARG CZ   C N N 22  
ARG NH1  N N N 23  
ARG NH2  N N N 24  
ARG OXT  O N N 25  
ARG H    H N N 26  
ARG H2   H N N 27  
ARG HA   H N N 28  
ARG HB2  H N N 29  
ARG HB3  H N N 30  
ARG HG2  H N N 31  
ARG HG3  H N N 32  
ARG HD2  H N N 33  
ARG HD3  H N N 34  
ARG HE   H N N 35  
ARG HH11 H N N 36  
ARG HH12 H N N 37  
ARG HH21 H N N 38  
ARG HH22 H N N 39  
ARG HXT  H N N 40  
ASN N    N N N 41  
ASN CA   C N S 42  
ASN C    C N N 43  
ASN O    O N N 44  
ASN CB   C N N 45  
ASN CG   C N N 46  
ASN OD1  O N N 47  
ASN ND2  N N N 48  
ASN OXT  O N N 49  
ASN H    H N N 50  
ASN H2   H N N 51  
ASN HA   H N N 52  
ASN HB2  H N N 53  
ASN HB3  H N N 54  
ASN HD21 H N N 55  
ASN HD22 H N N 56  
ASN HXT  H N N 57  
ASP N    N N N 58  
ASP CA   C N S 59  
ASP C    C N N 60  
ASP O    O N N 61  
ASP CB   C N N 62  
ASP CG   C N N 63  
ASP OD1  O N N 64  
ASP OD2  O N N 65  
ASP OXT  O N N 66  
ASP H    H N N 67  
ASP H2   H N N 68  
ASP HA   H N N 69  
ASP HB2  H N N 70  
ASP HB3  H N N 71  
ASP HD2  H N N 72  
ASP HXT  H N N 73  
CYS N    N N N 74  
CYS CA   C N R 75  
CYS C    C N N 76  
CYS O    O N N 77  
CYS CB   C N N 78  
CYS SG   S N N 79  
CYS OXT  O N N 80  
CYS H    H N N 81  
CYS H2   H N N 82  
CYS HA   H N N 83  
CYS HB2  H N N 84  
CYS HB3  H N N 85  
CYS HG   H N N 86  
CYS HXT  H N N 87  
GLN N    N N N 88  
GLN CA   C N S 89  
GLN C    C N N 90  
GLN O    O N N 91  
GLN CB   C N N 92  
GLN CG   C N N 93  
GLN CD   C N N 94  
GLN OE1  O N N 95  
GLN NE2  N N N 96  
GLN OXT  O N N 97  
GLN H    H N N 98  
GLN H2   H N N 99  
GLN HA   H N N 100 
GLN HB2  H N N 101 
GLN HB3  H N N 102 
GLN HG2  H N N 103 
GLN HG3  H N N 104 
GLN HE21 H N N 105 
GLN HE22 H N N 106 
GLN HXT  H N N 107 
GLU N    N N N 108 
GLU CA   C N S 109 
GLU C    C N N 110 
GLU O    O N N 111 
GLU CB   C N N 112 
GLU CG   C N N 113 
GLU CD   C N N 114 
GLU OE1  O N N 115 
GLU OE2  O N N 116 
GLU OXT  O N N 117 
GLU H    H N N 118 
GLU H2   H N N 119 
GLU HA   H N N 120 
GLU HB2  H N N 121 
GLU HB3  H N N 122 
GLU HG2  H N N 123 
GLU HG3  H N N 124 
GLU HE2  H N N 125 
GLU HXT  H N N 126 
GLY N    N N N 127 
GLY CA   C N N 128 
GLY C    C N N 129 
GLY O    O N N 130 
GLY OXT  O N N 131 
GLY H    H N N 132 
GLY H2   H N N 133 
GLY HA2  H N N 134 
GLY HA3  H N N 135 
GLY HXT  H N N 136 
HIS N    N N N 137 
HIS CA   C N S 138 
HIS C    C N N 139 
HIS O    O N N 140 
HIS CB   C N N 141 
HIS CG   C Y N 142 
HIS ND1  N Y N 143 
HIS CD2  C Y N 144 
HIS CE1  C Y N 145 
HIS NE2  N Y N 146 
HIS OXT  O N N 147 
HIS H    H N N 148 
HIS H2   H N N 149 
HIS HA   H N N 150 
HIS HB2  H N N 151 
HIS HB3  H N N 152 
HIS HD1  H N N 153 
HIS HD2  H N N 154 
HIS HE1  H N N 155 
HIS HE2  H N N 156 
HIS HXT  H N N 157 
HOH O    O N N 158 
HOH H1   H N N 159 
HOH H2   H N N 160 
ILE N    N N N 161 
ILE CA   C N S 162 
ILE C    C N N 163 
ILE O    O N N 164 
ILE CB   C N S 165 
ILE CG1  C N N 166 
ILE CG2  C N N 167 
ILE CD1  C N N 168 
ILE OXT  O N N 169 
ILE H    H N N 170 
ILE H2   H N N 171 
ILE HA   H N N 172 
ILE HB   H N N 173 
ILE HG12 H N N 174 
ILE HG13 H N N 175 
ILE HG21 H N N 176 
ILE HG22 H N N 177 
ILE HG23 H N N 178 
ILE HD11 H N N 179 
ILE HD12 H N N 180 
ILE HD13 H N N 181 
ILE HXT  H N N 182 
LEU N    N N N 183 
LEU CA   C N S 184 
LEU C    C N N 185 
LEU O    O N N 186 
LEU CB   C N N 187 
LEU CG   C N N 188 
LEU CD1  C N N 189 
LEU CD2  C N N 190 
LEU OXT  O N N 191 
LEU H    H N N 192 
LEU H2   H N N 193 
LEU HA   H N N 194 
LEU HB2  H N N 195 
LEU HB3  H N N 196 
LEU HG   H N N 197 
LEU HD11 H N N 198 
LEU HD12 H N N 199 
LEU HD13 H N N 200 
LEU HD21 H N N 201 
LEU HD22 H N N 202 
LEU HD23 H N N 203 
LEU HXT  H N N 204 
LYS N    N N N 205 
LYS CA   C N S 206 
LYS C    C N N 207 
LYS O    O N N 208 
LYS CB   C N N 209 
LYS CG   C N N 210 
LYS CD   C N N 211 
LYS CE   C N N 212 
LYS NZ   N N N 213 
LYS OXT  O N N 214 
LYS H    H N N 215 
LYS H2   H N N 216 
LYS HA   H N N 217 
LYS HB2  H N N 218 
LYS HB3  H N N 219 
LYS HG2  H N N 220 
LYS HG3  H N N 221 
LYS HD2  H N N 222 
LYS HD3  H N N 223 
LYS HE2  H N N 224 
LYS HE3  H N N 225 
LYS HZ1  H N N 226 
LYS HZ2  H N N 227 
LYS HZ3  H N N 228 
LYS HXT  H N N 229 
MET N    N N N 230 
MET CA   C N S 231 
MET C    C N N 232 
MET O    O N N 233 
MET CB   C N N 234 
MET CG   C N N 235 
MET SD   S N N 236 
MET CE   C N N 237 
MET OXT  O N N 238 
MET H    H N N 239 
MET H2   H N N 240 
MET HA   H N N 241 
MET HB2  H N N 242 
MET HB3  H N N 243 
MET HG2  H N N 244 
MET HG3  H N N 245 
MET HE1  H N N 246 
MET HE2  H N N 247 
MET HE3  H N N 248 
MET HXT  H N N 249 
PHE N    N N N 250 
PHE CA   C N S 251 
PHE C    C N N 252 
PHE O    O N N 253 
PHE CB   C N N 254 
PHE CG   C Y N 255 
PHE CD1  C Y N 256 
PHE CD2  C Y N 257 
PHE CE1  C Y N 258 
PHE CE2  C Y N 259 
PHE CZ   C Y N 260 
PHE OXT  O N N 261 
PHE H    H N N 262 
PHE H2   H N N 263 
PHE HA   H N N 264 
PHE HB2  H N N 265 
PHE HB3  H N N 266 
PHE HD1  H N N 267 
PHE HD2  H N N 268 
PHE HE1  H N N 269 
PHE HE2  H N N 270 
PHE HZ   H N N 271 
PHE HXT  H N N 272 
PRO N    N N N 273 
PRO CA   C N S 274 
PRO C    C N N 275 
PRO O    O N N 276 
PRO CB   C N N 277 
PRO CG   C N N 278 
PRO CD   C N N 279 
PRO OXT  O N N 280 
PRO H    H N N 281 
PRO HA   H N N 282 
PRO HB2  H N N 283 
PRO HB3  H N N 284 
PRO HG2  H N N 285 
PRO HG3  H N N 286 
PRO HD2  H N N 287 
PRO HD3  H N N 288 
PRO HXT  H N N 289 
SER N    N N N 290 
SER CA   C N S 291 
SER C    C N N 292 
SER O    O N N 293 
SER CB   C N N 294 
SER OG   O N N 295 
SER OXT  O N N 296 
SER H    H N N 297 
SER H2   H N N 298 
SER HA   H N N 299 
SER HB2  H N N 300 
SER HB3  H N N 301 
SER HG   H N N 302 
SER HXT  H N N 303 
THR N    N N N 304 
THR CA   C N S 305 
THR C    C N N 306 
THR O    O N N 307 
THR CB   C N R 308 
THR OG1  O N N 309 
THR CG2  C N N 310 
THR OXT  O N N 311 
THR H    H N N 312 
THR H2   H N N 313 
THR HA   H N N 314 
THR HB   H N N 315 
THR HG1  H N N 316 
THR HG21 H N N 317 
THR HG22 H N N 318 
THR HG23 H N N 319 
THR HXT  H N N 320 
TRP N    N N N 321 
TRP CA   C N S 322 
TRP C    C N N 323 
TRP O    O N N 324 
TRP CB   C N N 325 
TRP CG   C Y N 326 
TRP CD1  C Y N 327 
TRP CD2  C Y N 328 
TRP NE1  N Y N 329 
TRP CE2  C Y N 330 
TRP CE3  C Y N 331 
TRP CZ2  C Y N 332 
TRP CZ3  C Y N 333 
TRP CH2  C Y N 334 
TRP OXT  O N N 335 
TRP H    H N N 336 
TRP H2   H N N 337 
TRP HA   H N N 338 
TRP HB2  H N N 339 
TRP HB3  H N N 340 
TRP HD1  H N N 341 
TRP HE1  H N N 342 
TRP HE3  H N N 343 
TRP HZ2  H N N 344 
TRP HZ3  H N N 345 
TRP HH2  H N N 346 
TRP HXT  H N N 347 
TYR N    N N N 348 
TYR CA   C N S 349 
TYR C    C N N 350 
TYR O    O N N 351 
TYR CB   C N N 352 
TYR CG   C Y N 353 
TYR CD1  C Y N 354 
TYR CD2  C Y N 355 
TYR CE1  C Y N 356 
TYR CE2  C Y N 357 
TYR CZ   C Y N 358 
TYR OH   O N N 359 
TYR OXT  O N N 360 
TYR H    H N N 361 
TYR H2   H N N 362 
TYR HA   H N N 363 
TYR HB2  H N N 364 
TYR HB3  H N N 365 
TYR HD1  H N N 366 
TYR HD2  H N N 367 
TYR HE1  H N N 368 
TYR HE2  H N N 369 
TYR HH   H N N 370 
TYR HXT  H N N 371 
VAL N    N N N 372 
VAL CA   C N S 373 
VAL C    C N N 374 
VAL O    O N N 375 
VAL CB   C N N 376 
VAL CG1  C N N 377 
VAL CG2  C N N 378 
VAL OXT  O N N 379 
VAL H    H N N 380 
VAL H2   H N N 381 
VAL HA   H N N 382 
VAL HB   H N N 383 
VAL HG11 H N N 384 
VAL HG12 H N N 385 
VAL HG13 H N N 386 
VAL HG21 H N N 387 
VAL HG22 H N N 388 
VAL HG23 H N N 389 
VAL HXT  H N N 390 
ZQ0 N1   N N N 391 
ZQ0 N3   N N N 392 
ZQ0 C4   C N N 393 
ZQ0 C5   C N N 394 
ZQ0 C6   C N N 395 
ZQ0 C7   C N N 396 
ZQ0 C8   C N N 397 
ZQ0 C10  C N N 398 
ZQ0 C13  C Y N 399 
ZQ0 C15  C N N 400 
ZQ0 C1   C N N 401 
ZQ0 C11  C Y N 402 
ZQ0 C12  C Y N 403 
ZQ0 C14  C Y N 404 
ZQ0 C2   C N N 405 
ZQ0 C3   C N N 406 
ZQ0 C9   C N N 407 
ZQ0 N2   N N N 408 
ZQ0 O1   O N N 409 
ZQ0 O2   O N N 410 
ZQ0 O3   O Y N 411 
ZQ0 H10  H N N 412 
ZQ0 H9   H N N 413 
ZQ0 H8   H N N 414 
ZQ0 H12  H N N 415 
ZQ0 H11  H N N 416 
ZQ0 H14  H N N 417 
ZQ0 H13  H N N 418 
ZQ0 H15  H N N 419 
ZQ0 H16  H N N 420 
ZQ0 H20  H N N 421 
ZQ0 H23  H N N 422 
ZQ0 H22  H N N 423 
ZQ0 H21  H N N 424 
ZQ0 H2   H N N 425 
ZQ0 H1   H N N 426 
ZQ0 H3   H N N 427 
ZQ0 H19  H N N 428 
ZQ0 H4   H N N 429 
ZQ0 H5   H N N 430 
ZQ0 H6   H N N 431 
ZQ0 H7   H N N 432 
ZQ0 H18  H N N 433 
ZQ0 H17  H N N 434 
# 
loop_
_chem_comp_bond.comp_id 
_chem_comp_bond.atom_id_1 
_chem_comp_bond.atom_id_2 
_chem_comp_bond.value_order 
_chem_comp_bond.pdbx_aromatic_flag 
_chem_comp_bond.pdbx_stereo_config 
_chem_comp_bond.pdbx_ordinal 
ALA N   CA   sing N N 1   
ALA N   H    sing N N 2   
ALA N   H2   sing N N 3   
ALA CA  C    sing N N 4   
ALA CA  CB   sing N N 5   
ALA CA  HA   sing N N 6   
ALA C   O    doub N N 7   
ALA C   OXT  sing N N 8   
ALA CB  HB1  sing N N 9   
ALA CB  HB2  sing N N 10  
ALA CB  HB3  sing N N 11  
ALA OXT HXT  sing N N 12  
ARG N   CA   sing N N 13  
ARG N   H    sing N N 14  
ARG N   H2   sing N N 15  
ARG CA  C    sing N N 16  
ARG CA  CB   sing N N 17  
ARG CA  HA   sing N N 18  
ARG C   O    doub N N 19  
ARG C   OXT  sing N N 20  
ARG CB  CG   sing N N 21  
ARG CB  HB2  sing N N 22  
ARG CB  HB3  sing N N 23  
ARG CG  CD   sing N N 24  
ARG CG  HG2  sing N N 25  
ARG CG  HG3  sing N N 26  
ARG CD  NE   sing N N 27  
ARG CD  HD2  sing N N 28  
ARG CD  HD3  sing N N 29  
ARG NE  CZ   sing N N 30  
ARG NE  HE   sing N N 31  
ARG CZ  NH1  sing N N 32  
ARG CZ  NH2  doub N N 33  
ARG NH1 HH11 sing N N 34  
ARG NH1 HH12 sing N N 35  
ARG NH2 HH21 sing N N 36  
ARG NH2 HH22 sing N N 37  
ARG OXT HXT  sing N N 38  
ASN N   CA   sing N N 39  
ASN N   H    sing N N 40  
ASN N   H2   sing N N 41  
ASN CA  C    sing N N 42  
ASN CA  CB   sing N N 43  
ASN CA  HA   sing N N 44  
ASN C   O    doub N N 45  
ASN C   OXT  sing N N 46  
ASN CB  CG   sing N N 47  
ASN CB  HB2  sing N N 48  
ASN CB  HB3  sing N N 49  
ASN CG  OD1  doub N N 50  
ASN CG  ND2  sing N N 51  
ASN ND2 HD21 sing N N 52  
ASN ND2 HD22 sing N N 53  
ASN OXT HXT  sing N N 54  
ASP N   CA   sing N N 55  
ASP N   H    sing N N 56  
ASP N   H2   sing N N 57  
ASP CA  C    sing N N 58  
ASP CA  CB   sing N N 59  
ASP CA  HA   sing N N 60  
ASP C   O    doub N N 61  
ASP C   OXT  sing N N 62  
ASP CB  CG   sing N N 63  
ASP CB  HB2  sing N N 64  
ASP CB  HB3  sing N N 65  
ASP CG  OD1  doub N N 66  
ASP CG  OD2  sing N N 67  
ASP OD2 HD2  sing N N 68  
ASP OXT HXT  sing N N 69  
CYS N   CA   sing N N 70  
CYS N   H    sing N N 71  
CYS N   H2   sing N N 72  
CYS CA  C    sing N N 73  
CYS CA  CB   sing N N 74  
CYS CA  HA   sing N N 75  
CYS C   O    doub N N 76  
CYS C   OXT  sing N N 77  
CYS CB  SG   sing N N 78  
CYS CB  HB2  sing N N 79  
CYS CB  HB3  sing N N 80  
CYS SG  HG   sing N N 81  
CYS OXT HXT  sing N N 82  
GLN N   CA   sing N N 83  
GLN N   H    sing N N 84  
GLN N   H2   sing N N 85  
GLN CA  C    sing N N 86  
GLN CA  CB   sing N N 87  
GLN CA  HA   sing N N 88  
GLN C   O    doub N N 89  
GLN C   OXT  sing N N 90  
GLN CB  CG   sing N N 91  
GLN CB  HB2  sing N N 92  
GLN CB  HB3  sing N N 93  
GLN CG  CD   sing N N 94  
GLN CG  HG2  sing N N 95  
GLN CG  HG3  sing N N 96  
GLN CD  OE1  doub N N 97  
GLN CD  NE2  sing N N 98  
GLN NE2 HE21 sing N N 99  
GLN NE2 HE22 sing N N 100 
GLN OXT HXT  sing N N 101 
GLU N   CA   sing N N 102 
GLU N   H    sing N N 103 
GLU N   H2   sing N N 104 
GLU CA  C    sing N N 105 
GLU CA  CB   sing N N 106 
GLU CA  HA   sing N N 107 
GLU C   O    doub N N 108 
GLU C   OXT  sing N N 109 
GLU CB  CG   sing N N 110 
GLU CB  HB2  sing N N 111 
GLU CB  HB3  sing N N 112 
GLU CG  CD   sing N N 113 
GLU CG  HG2  sing N N 114 
GLU CG  HG3  sing N N 115 
GLU CD  OE1  doub N N 116 
GLU CD  OE2  sing N N 117 
GLU OE2 HE2  sing N N 118 
GLU OXT HXT  sing N N 119 
GLY N   CA   sing N N 120 
GLY N   H    sing N N 121 
GLY N   H2   sing N N 122 
GLY CA  C    sing N N 123 
GLY CA  HA2  sing N N 124 
GLY CA  HA3  sing N N 125 
GLY C   O    doub N N 126 
GLY C   OXT  sing N N 127 
GLY OXT HXT  sing N N 128 
HIS N   CA   sing N N 129 
HIS N   H    sing N N 130 
HIS N   H2   sing N N 131 
HIS CA  C    sing N N 132 
HIS CA  CB   sing N N 133 
HIS CA  HA   sing N N 134 
HIS C   O    doub N N 135 
HIS C   OXT  sing N N 136 
HIS CB  CG   sing N N 137 
HIS CB  HB2  sing N N 138 
HIS CB  HB3  sing N N 139 
HIS CG  ND1  sing Y N 140 
HIS CG  CD2  doub Y N 141 
HIS ND1 CE1  doub Y N 142 
HIS ND1 HD1  sing N N 143 
HIS CD2 NE2  sing Y N 144 
HIS CD2 HD2  sing N N 145 
HIS CE1 NE2  sing Y N 146 
HIS CE1 HE1  sing N N 147 
HIS NE2 HE2  sing N N 148 
HIS OXT HXT  sing N N 149 
HOH O   H1   sing N N 150 
HOH O   H2   sing N N 151 
ILE N   CA   sing N N 152 
ILE N   H    sing N N 153 
ILE N   H2   sing N N 154 
ILE CA  C    sing N N 155 
ILE CA  CB   sing N N 156 
ILE CA  HA   sing N N 157 
ILE C   O    doub N N 158 
ILE C   OXT  sing N N 159 
ILE CB  CG1  sing N N 160 
ILE CB  CG2  sing N N 161 
ILE CB  HB   sing N N 162 
ILE CG1 CD1  sing N N 163 
ILE CG1 HG12 sing N N 164 
ILE CG1 HG13 sing N N 165 
ILE CG2 HG21 sing N N 166 
ILE CG2 HG22 sing N N 167 
ILE CG2 HG23 sing N N 168 
ILE CD1 HD11 sing N N 169 
ILE CD1 HD12 sing N N 170 
ILE CD1 HD13 sing N N 171 
ILE OXT HXT  sing N N 172 
LEU N   CA   sing N N 173 
LEU N   H    sing N N 174 
LEU N   H2   sing N N 175 
LEU CA  C    sing N N 176 
LEU CA  CB   sing N N 177 
LEU CA  HA   sing N N 178 
LEU C   O    doub N N 179 
LEU C   OXT  sing N N 180 
LEU CB  CG   sing N N 181 
LEU CB  HB2  sing N N 182 
LEU CB  HB3  sing N N 183 
LEU CG  CD1  sing N N 184 
LEU CG  CD2  sing N N 185 
LEU CG  HG   sing N N 186 
LEU CD1 HD11 sing N N 187 
LEU CD1 HD12 sing N N 188 
LEU CD1 HD13 sing N N 189 
LEU CD2 HD21 sing N N 190 
LEU CD2 HD22 sing N N 191 
LEU CD2 HD23 sing N N 192 
LEU OXT HXT  sing N N 193 
LYS N   CA   sing N N 194 
LYS N   H    sing N N 195 
LYS N   H2   sing N N 196 
LYS CA  C    sing N N 197 
LYS CA  CB   sing N N 198 
LYS CA  HA   sing N N 199 
LYS C   O    doub N N 200 
LYS C   OXT  sing N N 201 
LYS CB  CG   sing N N 202 
LYS CB  HB2  sing N N 203 
LYS CB  HB3  sing N N 204 
LYS CG  CD   sing N N 205 
LYS CG  HG2  sing N N 206 
LYS CG  HG3  sing N N 207 
LYS CD  CE   sing N N 208 
LYS CD  HD2  sing N N 209 
LYS CD  HD3  sing N N 210 
LYS CE  NZ   sing N N 211 
LYS CE  HE2  sing N N 212 
LYS CE  HE3  sing N N 213 
LYS NZ  HZ1  sing N N 214 
LYS NZ  HZ2  sing N N 215 
LYS NZ  HZ3  sing N N 216 
LYS OXT HXT  sing N N 217 
MET N   CA   sing N N 218 
MET N   H    sing N N 219 
MET N   H2   sing N N 220 
MET CA  C    sing N N 221 
MET CA  CB   sing N N 222 
MET CA  HA   sing N N 223 
MET C   O    doub N N 224 
MET C   OXT  sing N N 225 
MET CB  CG   sing N N 226 
MET CB  HB2  sing N N 227 
MET CB  HB3  sing N N 228 
MET CG  SD   sing N N 229 
MET CG  HG2  sing N N 230 
MET CG  HG3  sing N N 231 
MET SD  CE   sing N N 232 
MET CE  HE1  sing N N 233 
MET CE  HE2  sing N N 234 
MET CE  HE3  sing N N 235 
MET OXT HXT  sing N N 236 
PHE N   CA   sing N N 237 
PHE N   H    sing N N 238 
PHE N   H2   sing N N 239 
PHE CA  C    sing N N 240 
PHE CA  CB   sing N N 241 
PHE CA  HA   sing N N 242 
PHE C   O    doub N N 243 
PHE C   OXT  sing N N 244 
PHE CB  CG   sing N N 245 
PHE CB  HB2  sing N N 246 
PHE CB  HB3  sing N N 247 
PHE CG  CD1  doub Y N 248 
PHE CG  CD2  sing Y N 249 
PHE CD1 CE1  sing Y N 250 
PHE CD1 HD1  sing N N 251 
PHE CD2 CE2  doub Y N 252 
PHE CD2 HD2  sing N N 253 
PHE CE1 CZ   doub Y N 254 
PHE CE1 HE1  sing N N 255 
PHE CE2 CZ   sing Y N 256 
PHE CE2 HE2  sing N N 257 
PHE CZ  HZ   sing N N 258 
PHE OXT HXT  sing N N 259 
PRO N   CA   sing N N 260 
PRO N   CD   sing N N 261 
PRO N   H    sing N N 262 
PRO CA  C    sing N N 263 
PRO CA  CB   sing N N 264 
PRO CA  HA   sing N N 265 
PRO C   O    doub N N 266 
PRO C   OXT  sing N N 267 
PRO CB  CG   sing N N 268 
PRO CB  HB2  sing N N 269 
PRO CB  HB3  sing N N 270 
PRO CG  CD   sing N N 271 
PRO CG  HG2  sing N N 272 
PRO CG  HG3  sing N N 273 
PRO CD  HD2  sing N N 274 
PRO CD  HD3  sing N N 275 
PRO OXT HXT  sing N N 276 
SER N   CA   sing N N 277 
SER N   H    sing N N 278 
SER N   H2   sing N N 279 
SER CA  C    sing N N 280 
SER CA  CB   sing N N 281 
SER CA  HA   sing N N 282 
SER C   O    doub N N 283 
SER C   OXT  sing N N 284 
SER CB  OG   sing N N 285 
SER CB  HB2  sing N N 286 
SER CB  HB3  sing N N 287 
SER OG  HG   sing N N 288 
SER OXT HXT  sing N N 289 
THR N   CA   sing N N 290 
THR N   H    sing N N 291 
THR N   H2   sing N N 292 
THR CA  C    sing N N 293 
THR CA  CB   sing N N 294 
THR CA  HA   sing N N 295 
THR C   O    doub N N 296 
THR C   OXT  sing N N 297 
THR CB  OG1  sing N N 298 
THR CB  CG2  sing N N 299 
THR CB  HB   sing N N 300 
THR OG1 HG1  sing N N 301 
THR CG2 HG21 sing N N 302 
THR CG2 HG22 sing N N 303 
THR CG2 HG23 sing N N 304 
THR OXT HXT  sing N N 305 
TRP N   CA   sing N N 306 
TRP N   H    sing N N 307 
TRP N   H2   sing N N 308 
TRP CA  C    sing N N 309 
TRP CA  CB   sing N N 310 
TRP CA  HA   sing N N 311 
TRP C   O    doub N N 312 
TRP C   OXT  sing N N 313 
TRP CB  CG   sing N N 314 
TRP CB  HB2  sing N N 315 
TRP CB  HB3  sing N N 316 
TRP CG  CD1  doub Y N 317 
TRP CG  CD2  sing Y N 318 
TRP CD1 NE1  sing Y N 319 
TRP CD1 HD1  sing N N 320 
TRP CD2 CE2  doub Y N 321 
TRP CD2 CE3  sing Y N 322 
TRP NE1 CE2  sing Y N 323 
TRP NE1 HE1  sing N N 324 
TRP CE2 CZ2  sing Y N 325 
TRP CE3 CZ3  doub Y N 326 
TRP CE3 HE3  sing N N 327 
TRP CZ2 CH2  doub Y N 328 
TRP CZ2 HZ2  sing N N 329 
TRP CZ3 CH2  sing Y N 330 
TRP CZ3 HZ3  sing N N 331 
TRP CH2 HH2  sing N N 332 
TRP OXT HXT  sing N N 333 
TYR N   CA   sing N N 334 
TYR N   H    sing N N 335 
TYR N   H2   sing N N 336 
TYR CA  C    sing N N 337 
TYR CA  CB   sing N N 338 
TYR CA  HA   sing N N 339 
TYR C   O    doub N N 340 
TYR C   OXT  sing N N 341 
TYR CB  CG   sing N N 342 
TYR CB  HB2  sing N N 343 
TYR CB  HB3  sing N N 344 
TYR CG  CD1  doub Y N 345 
TYR CG  CD2  sing Y N 346 
TYR CD1 CE1  sing Y N 347 
TYR CD1 HD1  sing N N 348 
TYR CD2 CE2  doub Y N 349 
TYR CD2 HD2  sing N N 350 
TYR CE1 CZ   doub Y N 351 
TYR CE1 HE1  sing N N 352 
TYR CE2 CZ   sing Y N 353 
TYR CE2 HE2  sing N N 354 
TYR CZ  OH   sing N N 355 
TYR OH  HH   sing N N 356 
TYR OXT HXT  sing N N 357 
VAL N   CA   sing N N 358 
VAL N   H    sing N N 359 
VAL N   H2   sing N N 360 
VAL CA  C    sing N N 361 
VAL CA  CB   sing N N 362 
VAL CA  HA   sing N N 363 
VAL C   O    doub N N 364 
VAL C   OXT  sing N N 365 
VAL CB  CG1  sing N N 366 
VAL CB  CG2  sing N N 367 
VAL CB  HB   sing N N 368 
VAL CG1 HG11 sing N N 369 
VAL CG1 HG12 sing N N 370 
VAL CG1 HG13 sing N N 371 
VAL CG2 HG21 sing N N 372 
VAL CG2 HG22 sing N N 373 
VAL CG2 HG23 sing N N 374 
VAL OXT HXT  sing N N 375 
ZQ0 C1  C2   sing N N 376 
ZQ0 C2  C3   sing N N 377 
ZQ0 C3  C4   sing N N 378 
ZQ0 C4  N1   sing N N 379 
ZQ0 N1  C5   sing N N 380 
ZQ0 C5  O1   doub N N 381 
ZQ0 C5  N2   sing N N 382 
ZQ0 N2  C6   sing N N 383 
ZQ0 C6  C7   sing N N 384 
ZQ0 C7  N3   sing N N 385 
ZQ0 N3  C8   sing N N 386 
ZQ0 C8  C9   sing N N 387 
ZQ0 N3  C10  sing N N 388 
ZQ0 C10 O2   doub N N 389 
ZQ0 C10 C11  sing N N 390 
ZQ0 C11 C12  doub Y N 391 
ZQ0 C12 C13  sing Y N 392 
ZQ0 C13 C14  doub Y N 393 
ZQ0 C14 C15  sing N N 394 
ZQ0 C14 O3   sing Y N 395 
ZQ0 N2  C9   sing N N 396 
ZQ0 C11 O3   sing Y N 397 
ZQ0 N1  H10  sing N N 398 
ZQ0 C4  H9   sing N N 399 
ZQ0 C4  H8   sing N N 400 
ZQ0 C6  H12  sing N N 401 
ZQ0 C6  H11  sing N N 402 
ZQ0 C7  H14  sing N N 403 
ZQ0 C7  H13  sing N N 404 
ZQ0 C8  H15  sing N N 405 
ZQ0 C8  H16  sing N N 406 
ZQ0 C13 H20  sing N N 407 
ZQ0 C15 H23  sing N N 408 
ZQ0 C15 H22  sing N N 409 
ZQ0 C15 H21  sing N N 410 
ZQ0 C1  H2   sing N N 411 
ZQ0 C1  H1   sing N N 412 
ZQ0 C1  H3   sing N N 413 
ZQ0 C12 H19  sing N N 414 
ZQ0 C2  H4   sing N N 415 
ZQ0 C2  H5   sing N N 416 
ZQ0 C3  H6   sing N N 417 
ZQ0 C3  H7   sing N N 418 
ZQ0 C9  H18  sing N N 419 
ZQ0 C9  H17  sing N N 420 
# 
_pdbx_audit_support.ordinal                1 
_pdbx_audit_support.funding_organization   'Wellcome Trust' 
_pdbx_audit_support.grant_number           None 
_pdbx_audit_support.country                'United Kingdom' 
# 
_pdbx_deposit_group.group_id            G_1002265 
_pdbx_deposit_group.group_description   
;XDomainX of XOrganismX PHIP screened against predicted false negatives and catalogue compounds by X-ray Crystallography at the XChem facility of Diamond Light Source beamline I04-1
;
_pdbx_deposit_group.group_title         'PanDDA analysis group deposition' 
_pdbx_deposit_group.group_type          'changed state' 
# 
_pdbx_entity_instance_feature.ordinal        1 
_pdbx_entity_instance_feature.comp_id        ZQ0 
_pdbx_entity_instance_feature.asym_id        ? 
_pdbx_entity_instance_feature.seq_num        ? 
_pdbx_entity_instance_feature.auth_comp_id   ZQ0 
_pdbx_entity_instance_feature.auth_asym_id   ? 
_pdbx_entity_instance_feature.auth_seq_num   ? 
_pdbx_entity_instance_feature.feature_type   'SUBJECT OF INVESTIGATION' 
_pdbx_entity_instance_feature.details        ? 
# 
_atom_sites.entry_id                    7FVP 
_atom_sites.fract_transf_matrix[1][1]   -0.00747773 
_atom_sites.fract_transf_matrix[1][2]   0.00889474 
_atom_sites.fract_transf_matrix[1][3]   0.00428562 
_atom_sites.fract_transf_matrix[2][1]   0.00878741 
_atom_sites.fract_transf_matrix[2][2]   0.02105486 
_atom_sites.fract_transf_matrix[2][3]   -0.02836640 
_atom_sites.fract_transf_matrix[3][1]   -0.01534270 
_atom_sites.fract_transf_matrix[3][2]   -0.00460086 
_atom_sites.fract_transf_matrix[3][3]   -0.00816787 
_atom_sites.fract_transf_vector[1]      -0.146750 
_atom_sites.fract_transf_vector[2]      0.450936 
_atom_sites.fract_transf_vector[3]      0.217490 
# 
loop_
_atom_type.symbol 
C 
N 
O 
S 
# 
loop_
_atom_site.group_PDB 
_atom_site.id 
_atom_site.type_symbol 
_atom_site.label_atom_id 
_atom_site.label_alt_id 
_atom_site.label_comp_id 
_atom_site.label_asym_id 
_atom_site.label_entity_id 
_atom_site.label_seq_id 
_atom_site.pdbx_PDB_ins_code 
_atom_site.Cartn_x 
_atom_site.Cartn_y 
_atom_site.Cartn_z 
_atom_site.occupancy 
_atom_site.B_iso_or_equiv 
_atom_site.pdbx_formal_charge 
_atom_site.auth_seq_id 
_atom_site.auth_comp_id 
_atom_site.auth_asym_id 
_atom_site.auth_atom_id 
_atom_site.pdbx_PDB_model_num 
ATOM   1    N N   . SER A 1 24  ? 19.424  9.054   12.362  1.00 24.69  ? 1315 SER A N   1 
ATOM   2    C CA  . SER A 1 24  ? 18.345  9.553   11.443  1.00 24.56  ? 1315 SER A CA  1 
ATOM   3    C C   . SER A 1 24  ? 17.002  9.524   12.180  1.00 21.25  ? 1315 SER A C   1 
ATOM   4    O O   . SER A 1 24  ? 16.187  8.615   11.883  1.00 20.54  ? 1315 SER A O   1 
ATOM   5    C CB  . SER A 1 24  ? 18.317  8.718   10.184  1.00 25.81  ? 1315 SER A CB  1 
ATOM   6    O OG  . SER A 1 24  ? 17.332  9.192   9.269   1.00 30.01  ? 1315 SER A OG  1 
ATOM   7    N N   . TYR A 1 25  ? 16.760  10.459  13.112  1.00 18.69  ? 1316 TYR A N   1 
ATOM   8    C CA  . TYR A 1 25  ? 15.710  10.273  14.150  1.00 15.63  ? 1316 TYR A CA  1 
ATOM   9    C C   . TYR A 1 25  ? 14.516  11.217  13.924  1.00 14.91  ? 1316 TYR A C   1 
ATOM   10   O O   . TYR A 1 25  ? 13.809  11.527  14.885  1.00 13.37  ? 1316 TYR A O   1 
ATOM   11   C CB  . TYR A 1 25  ? 16.298  10.428  15.550  1.00 15.66  ? 1316 TYR A CB  1 
ATOM   12   C CG  . TYR A 1 25  ? 17.471  9.523   15.861  1.00 14.85  ? 1316 TYR A CG  1 
ATOM   13   C CD1 . TYR A 1 25  ? 17.372  8.137   15.798  1.00 14.50  ? 1316 TYR A CD1 1 
ATOM   14   C CD2 . TYR A 1 25  ? 18.665  10.060  16.306  1.00 15.35  ? 1316 TYR A CD2 1 
ATOM   15   C CE1 . TYR A 1 25  ? 18.446  7.316   16.123  1.00 14.54  ? 1316 TYR A CE1 1 
ATOM   16   C CE2 . TYR A 1 25  ? 19.743  9.254   16.638  1.00 15.63  ? 1316 TYR A CE2 1 
ATOM   17   C CZ  . TYR A 1 25  ? 19.636  7.883   16.540  1.00 14.52  ? 1316 TYR A CZ  1 
ATOM   18   O OH  . TYR A 1 25  ? 20.700  7.065   16.866  1.00 15.71  ? 1316 TYR A OH  1 
ATOM   19   N N   . ASP A 1 26  ? 14.244  11.570  12.668  1.00 14.82  ? 1317 ASP A N   1 
ATOM   20   C CA  . ASP A 1 26  ? 13.077  12.418  12.299  1.00 14.22  ? 1317 ASP A CA  1 
ATOM   21   C C   . ASP A 1 26  ? 11.809  11.571  12.341  1.00 13.51  ? 1317 ASP A C   1 
ATOM   22   O O   . ASP A 1 26  ? 11.600  10.704  11.486  1.00 13.98  ? 1317 ASP A O   1 
ATOM   23   C CB  . ASP A 1 26  ? 13.310  13.036  10.931  1.00 15.45  ? 1317 ASP A CB  1 
ATOM   24   C CG  . ASP A 1 26  ? 12.238  14.011  10.477  1.00 14.91  ? 1317 ASP A CG  1 
ATOM   25   O OD1 . ASP A 1 26  ? 11.116  13.981  11.041  1.00 14.79  ? 1317 ASP A OD1 1 
ATOM   26   O OD2 . ASP A 1 26  ? 12.565  14.851  9.608   1.00 19.35  ? 1317 ASP A OD2 1 
ATOM   27   N N   . ILE A 1 27  ? 10.953  11.852  13.322  1.00 13.05  ? 1318 ILE A N   1 
ATOM   28   C CA  . ILE A 1 27  ? 9.674   11.130  13.573  1.00 13.61  ? 1318 ILE A CA  1 
ATOM   29   C C   . ILE A 1 27  ? 8.694   11.392  12.421  1.00 13.22  ? 1318 ILE A C   1 
ATOM   30   O O   . ILE A 1 27  ? 7.804   10.552  12.228  1.00 13.97  ? 1318 ILE A O   1 
ATOM   31   C CB  . ILE A 1 27  ? 9.078   11.555  14.933  1.00 13.62  ? 1318 ILE A CB  1 
ATOM   32   C CG1 . ILE A 1 27  ? 10.032  11.238  16.092  1.00 14.42  ? 1318 ILE A CG1 1 
ATOM   33   C CG2 . ILE A 1 27  ? 7.686   10.962  15.166  1.00 15.09  ? 1318 ILE A CG2 1 
ATOM   34   C CD1 . ILE A 1 27  ? 9.589   11.807  17.417  1.00 14.81  ? 1318 ILE A CD1 1 
ATOM   35   N N   . GLN A 1 28  ? 8.819   12.511  11.688  1.00 12.49  ? 1319 GLN A N   1 
ATOM   36   C CA  . GLN A 1 28  ? 7.840   12.895  10.622  1.00 12.64  ? 1319 GLN A CA  1 
ATOM   37   C C   . GLN A 1 28  ? 8.310   12.488  9.217   1.00 13.56  ? 1319 GLN A C   1 
ATOM   38   O O   . GLN A 1 28  ? 7.486   12.600  8.270   1.00 13.34  ? 1319 GLN A O   1 
ATOM   39   C CB  . GLN A 1 28  ? 7.547   14.403  10.645  1.00 12.98  ? 1319 GLN A CB  1 
ATOM   40   C CG  . GLN A 1 28  ? 6.624   14.842  11.781  1.00 13.34  ? 1319 GLN A CG  1 
ATOM   41   C CD  . GLN A 1 28  ? 7.363   15.276  13.030  1.00 13.10  ? 1319 GLN A CD  1 
ATOM   42   O OE1 . GLN A 1 28  ? 8.306   16.070  12.999  1.00 14.29  ? 1319 GLN A OE1 1 
ATOM   43   N NE2 . GLN A 1 28  ? 6.901   14.789  14.164  1.00 14.07  ? 1319 GLN A NE2 1 
ATOM   44   N N   . ALA A 1 29  ? 9.532   11.957  9.062   1.00 13.31  ? 1320 ALA A N   1 
ATOM   45   C CA  . ALA A 1 29  ? 10.135  11.751  7.712   1.00 13.09  ? 1320 ALA A CA  1 
ATOM   46   C C   . ALA A 1 29  ? 9.345   10.713  6.868   1.00 12.16  ? 1320 ALA A C   1 
ATOM   47   O O   . ALA A 1 29  ? 9.394   10.804  5.632   1.00 13.09  ? 1320 ALA A O   1 
ATOM   48   C CB  . ALA A 1 29  ? 11.603  11.405  7.793   1.00 13.32  ? 1320 ALA A CB  1 
ATOM   49   N N   . TRP A 1 30  ? 8.677   9.767   7.532   1.00 12.10  ? 1321 TRP A N   1 
ATOM   50   C CA  . TRP A 1 30  ? 7.946   8.686   6.833   1.00 12.47  ? 1321 TRP A CA  1 
ATOM   51   C C   . TRP A 1 30  ? 6.948   9.273   5.829   1.00 12.24  ? 1321 TRP A C   1 
ATOM   52   O O   . TRP A 1 30  ? 6.678   8.630   4.812   1.00 12.50  ? 1321 TRP A O   1 
ATOM   53   C CB  . TRP A 1 30  ? 7.253   7.779   7.842   1.00 13.07  ? 1321 TRP A CB  1 
ATOM   54   C CG  . TRP A 1 30  ? 6.177   8.499   8.591   1.00 13.10  ? 1321 TRP A CG  1 
ATOM   55   C CD1 . TRP A 1 30  ? 6.336   9.216   9.718   1.00 13.53  ? 1321 TRP A CD1 1 
ATOM   56   C CD2 . TRP A 1 30  ? 4.769   8.549   8.265   1.00 11.82  ? 1321 TRP A CD2 1 
ATOM   57   N NE1 . TRP A 1 30  ? 5.134   9.726   10.150  1.00 13.34  ? 1321 TRP A NE1 1 
ATOM   58   C CE2 . TRP A 1 30  ? 4.169   9.331   9.274   1.00 12.98  ? 1321 TRP A CE2 1 
ATOM   59   C CE3 . TRP A 1 30  ? 3.955   8.000   7.279   1.00 12.77  ? 1321 TRP A CE3 1 
ATOM   60   C CZ2 . TRP A 1 30  ? 2.789   9.570   9.317   1.00 14.34  ? 1321 TRP A CZ2 1 
ATOM   61   C CZ3 . TRP A 1 30  ? 2.592   8.260   7.306   1.00 14.06  ? 1321 TRP A CZ3 1 
ATOM   62   C CH2 . TRP A 1 30  ? 2.029   9.086   8.283   1.00 15.58  ? 1321 TRP A CH2 1 
ATOM   63   N N   . LYS A 1 31  ? 6.342   10.434  6.107   1.00 12.43  ? 1322 LYS A N   1 
ATOM   64   C CA  . LYS A 1 31  ? 5.217   10.890  5.281   1.00 12.47  ? 1322 LYS A CA  1 
ATOM   65   C C   . LYS A 1 31  ? 5.678   11.219  3.855   1.00 12.77  ? 1322 LYS A C   1 
ATOM   66   O O   . LYS A 1 31  ? 5.110   10.693  2.901   1.00 13.65  ? 1322 LYS A O   1 
ATOM   67   C CB  . LYS A 1 31  ? 4.457   12.007  5.992   1.00 12.61  ? 1322 LYS A CB  1 
ATOM   68   C CG  . LYS A 1 31  ? 3.287   12.572  5.172   1.00 14.25  ? 1322 LYS A CG  1 
ATOM   69   C CD  . LYS A 1 31  ? 2.444   13.505  6.009   1.00 14.11  ? 1322 LYS A CD  1 
ATOM   70   C CE  . LYS A 1 31  ? 1.238   14.032  5.266   1.00 14.65  ? 1322 LYS A CE  1 
ATOM   71   N NZ  . LYS A 1 31  ? 0.478   14.957  6.141   1.00 15.77  ? 1322 LYS A NZ  1 
ATOM   72   N N   . LYS A 1 32  ? 6.723   12.040  3.686   1.00 14.48  ? 1323 LYS A N   1 
ATOM   73   C CA  . LYS A 1 32  ? 7.240   12.346  2.347   1.00 14.56  ? 1323 LYS A CA  1 
ATOM   74   C C   . LYS A 1 32  ? 7.853   11.078  1.726   1.00 12.73  ? 1323 LYS A C   1 
ATOM   75   O O   . LYS A 1 32  ? 7.691   10.912  0.507   1.00 14.46  ? 1323 LYS A O   1 
ATOM   76   C CB  . LYS A 1 32  ? 8.266   13.480  2.404   1.00 17.81  ? 1323 LYS A CB  1 
ATOM   77   C CG  . LYS A 1 32  ? 8.800   13.885  1.049   1.00 26.46  ? 1323 LYS A CG  1 
ATOM   78   C CD  . LYS A 1 32  ? 9.377   15.320  0.938   1.00 33.77  ? 1323 LYS A CD  1 
ATOM   79   C CE  . LYS A 1 32  ? 9.218   15.876  -0.476  1.00 42.92  ? 1323 LYS A CE  1 
ATOM   80   N NZ  . LYS A 1 32  ? 10.026  17.099  -0.719  1.00 46.02  ? 1323 LYS A NZ  1 
ATOM   81   N N   . GLN A 1 33  ? 8.447   10.188  2.532   1.00 13.65  ? 1324 GLN A N   1 
ATOM   82   C CA  . GLN A 1 33  ? 9.001   8.927   1.977   1.00 12.93  ? 1324 GLN A CA  1 
ATOM   83   C C   . GLN A 1 33  ? 7.851   8.121   1.346   1.00 12.75  ? 1324 GLN A C   1 
ATOM   84   O O   . GLN A 1 33  ? 7.998   7.507   0.274   1.00 13.69  ? 1324 GLN A O   1 
ATOM   85   C CB  . GLN A 1 33  ? 9.761   8.134   3.028   1.00 14.23  ? 1324 GLN A CB  1 
ATOM   86   C CG  . GLN A 1 33  ? 11.059  8.816   3.455   1.00 14.07  ? 1324 GLN A CG  1 
ATOM   87   C CD  . GLN A 1 33  ? 11.618  8.300   4.741   1.00 15.51  ? 1324 GLN A CD  1 
ATOM   88   O OE1 . GLN A 1 33  ? 11.024  7.486   5.412   1.00 17.01  ? 1324 GLN A OE1 1 
ATOM   89   N NE2 . GLN A 1 33  ? 12.720  8.893   5.169   1.00 17.99  ? 1324 GLN A NE2 1 
ATOM   90   N N   . CYS A 1 34  ? 6.704   8.052   2.010   1.00 13.09  ? 1325 CYS A N   1 
ATOM   91   C CA  . CYS A 1 34  ? 5.523   7.334   1.489   1.00 12.54  ? 1325 CYS A CA  1 
ATOM   92   C C   . CYS A 1 34  ? 4.941   8.064   0.285   1.00 12.55  ? 1325 CYS A C   1 
ATOM   93   O O   . CYS A 1 34  ? 4.495   7.396   -0.673  1.00 12.34  ? 1325 CYS A O   1 
ATOM   94   C CB  . CYS A 1 34  ? 4.483   7.113   2.576   1.00 13.27  ? 1325 CYS A CB  1 
ATOM   95   S SG  . CYS A 1 34  ? 4.932   5.902   3.840   1.00 13.53  ? 1325 CYS A SG  1 
ATOM   96   N N   . GLU A 1 35  ? 4.911   9.385   0.276   1.00 13.18  ? 1326 GLU A N   1 
ATOM   97   C CA  . GLU A 1 35  ? 4.450   10.133  -0.925  1.00 13.89  ? 1326 GLU A CA  1 
ATOM   98   C C   . GLU A 1 35  ? 5.315   9.751   -2.135  1.00 14.08  ? 1326 GLU A C   1 
ATOM   99   O O   . GLU A 1 35  ? 4.747   9.514   -3.230  1.00 15.94  ? 1326 GLU A O   1 
ATOM   100  C CB  . GLU A 1 35  ? 4.519   11.652  -0.713  1.00 16.23  ? 1326 GLU A CB  1 
ATOM   101  C CG  . GLU A 1 35  ? 3.512   12.222  0.256   1.00 19.78  ? 1326 GLU A CG  1 
ATOM   102  C CD  . GLU A 1 35  ? 3.762   13.658  0.730   1.00 23.87  ? 1326 GLU A CD  1 
ATOM   103  O OE1 . GLU A 1 35  ? 4.754   14.282  0.321   1.00 26.26  ? 1326 GLU A OE1 1 
ATOM   104  O OE2 . GLU A 1 35  ? 2.992   14.103  1.615   1.00 26.82  ? 1326 GLU A OE2 1 
ATOM   105  N N   . GLU A 1 36  ? 6.629   9.738   -1.984  1.00 15.70  ? 1327 GLU A N   1 
ATOM   106  C CA  . GLU A 1 36  ? 7.561   9.424   -3.091  1.00 16.40  ? 1327 GLU A CA  1 
ATOM   107  C C   . GLU A 1 36  ? 7.330   7.980   -3.524  1.00 15.57  ? 1327 GLU A C   1 
ATOM   108  O O   . GLU A 1 36  ? 7.329   7.701   -4.739  1.00 16.80  ? 1327 GLU A O   1 
ATOM   109  C CB  . GLU A 1 36  ? 8.987   9.761   -2.630  1.00 20.43  ? 1327 GLU A CB  1 
ATOM   110  C CG  . GLU A 1 36  ? 9.128   11.256  -2.391  1.00 27.53  ? 1327 GLU A CG  1 
ATOM   111  C CD  . GLU A 1 36  ? 10.357  11.737  -1.626  1.00 37.46  ? 1327 GLU A CD  1 
ATOM   112  O OE1 . GLU A 1 36  ? 11.076  10.890  -1.009  1.00 43.59  ? 1327 GLU A OE1 1 
ATOM   113  O OE2 . GLU A 1 36  ? 10.587  12.979  -1.640  1.00 43.06  ? 1327 GLU A OE2 1 
ATOM   114  N N   . LEU A 1 37  ? 7.171   7.046   -2.593  1.00 14.90  ? 1328 LEU A N   1 
ATOM   115  C CA  . LEU A 1 37  ? 6.957   5.628   -2.997  1.00 13.65  ? 1328 LEU A CA  1 
ATOM   116  C C   . LEU A 1 37  ? 5.617   5.477   -3.741  1.00 13.75  ? 1328 LEU A C   1 
ATOM   117  O O   . LEU A 1 37  ? 5.540   4.748   -4.770  1.00 14.19  ? 1328 LEU A O   1 
ATOM   118  C CB  . LEU A 1 37  ? 7.031   4.721   -1.778  1.00 15.08  ? 1328 LEU A CB  1 
ATOM   119  C CG  . LEU A 1 37  ? 6.741   3.238   -1.966  1.00 14.62  ? 1328 LEU A CG  1 
ATOM   120  C CD1 . LEU A 1 37  ? 7.657   2.676   -3.060  1.00 15.62  ? 1328 LEU A CD1 1 
ATOM   121  C CD2 . LEU A 1 37  ? 6.955   2.502   -0.677  1.00 15.43  ? 1328 LEU A CD2 1 
ATOM   122  N N   . LEU A 1 38  ? 4.560   6.177   -3.301  1.00 13.35  ? 1329 LEU A N   1 
ATOM   123  C CA  . LEU A 1 38  ? 3.286   6.159   -4.053  1.00 13.46  ? 1329 LEU A CA  1 
ATOM   124  C C   . LEU A 1 38  ? 3.469   6.729   -5.450  1.00 15.64  ? 1329 LEU A C   1 
ATOM   125  O O   . LEU A 1 38  ? 2.910   6.160   -6.390  1.00 17.28  ? 1329 LEU A O   1 
ATOM   126  C CB  . LEU A 1 38  ? 2.211   6.924   -3.271  1.00 14.69  ? 1329 LEU A CB  1 
ATOM   127  C CG  . LEU A 1 38  ? 1.695   6.212   -2.016  1.00 14.46  ? 1329 LEU A CG  1 
ATOM   128  C CD1 . LEU A 1 38  ? 0.852   7.150   -1.141  1.00 16.45  ? 1329 LEU A CD1 1 
ATOM   129  C CD2 . LEU A 1 38  ? 0.876   4.960   -2.342  1.00 17.36  ? 1329 LEU A CD2 1 
ATOM   130  N N   . ASN A 1 39  ? 4.277   7.757   -5.619  1.00 16.61  ? 1330 ASN A N   1 
ATOM   131  C CA  . ASN A 1 39  ? 4.570   8.308   -6.974  1.00 18.87  ? 1330 ASN A CA  1 
ATOM   132  C C   . ASN A 1 39  ? 5.239   7.215   -7.824  1.00 16.80  ? 1330 ASN A C   1 
ATOM   133  O O   . ASN A 1 39  ? 4.821   7.008   -9.020  1.00 20.41  ? 1330 ASN A O   1 
ATOM   134  C CB  . ASN A 1 39  ? 5.447   9.561   -6.898  1.00 20.85  ? 1330 ASN A CB  1 
ATOM   135  C CG  . ASN A 1 39  ? 4.699   10.803  -6.442  1.00 24.26  ? 1330 ASN A CG  1 
ATOM   136  O OD1 . ASN A 1 39  ? 3.473   10.865  -6.483  1.00 29.75  ? 1330 ASN A OD1 1 
ATOM   137  N ND2 . ASN A 1 39  ? 5.441   11.805  -5.984  1.00 27.36  ? 1330 ASN A ND2 1 
ATOM   138  N N   . LEU A 1 40  ? 6.179   6.475   -7.278  1.00 16.14  ? 1331 LEU A N   1 
ATOM   139  C CA  . LEU A 1 40  ? 6.846   5.383   -8.038  1.00 16.68  ? 1331 LEU A CA  1 
ATOM   140  C C   . LEU A 1 40  ? 5.811   4.311   -8.397  1.00 17.09  ? 1331 LEU A C   1 
ATOM   141  O O   . LEU A 1 40  ? 5.802   3.835   -9.579  1.00 19.54  ? 1331 LEU A O   1 
ATOM   142  C CB  . LEU A 1 40  ? 7.991   4.782   -7.233  1.00 16.94  ? 1331 LEU A CB  1 
ATOM   143  C CG  . LEU A 1 40  ? 9.227   5.664   -7.010  1.00 17.18  ? 1331 LEU A CG  1 
ATOM   144  C CD1 . LEU A 1 40  ? 10.233  4.991   -6.099  1.00 21.54  ? 1331 LEU A CD1 1 
ATOM   145  C CD2 . LEU A 1 40  ? 9.864   6.121   -8.334  1.00 22.20  ? 1331 LEU A CD2 1 
ATOM   146  N N   . ILE A 1 41  ? 4.915   3.944   -7.460  1.00 16.17  ? 1332 ILE A N   1 
ATOM   147  C CA  . ILE A 1 41  ? 3.890   2.915   -7.740  1.00 14.84  ? 1332 ILE A CA  1 
ATOM   148  C C   . ILE A 1 41  ? 2.963   3.386   -8.873  1.00 16.07  ? 1332 ILE A C   1 
ATOM   149  O O   . ILE A 1 41  ? 2.696   2.579   -9.787  1.00 15.86  ? 1332 ILE A O   1 
ATOM   150  C CB  . ILE A 1 41  ? 3.166   2.592   -6.422  1.00 14.84  ? 1332 ILE A CB  1 
ATOM   151  C CG1 . ILE A 1 41  ? 4.102   1.768   -5.525  1.00 16.01  ? 1332 ILE A CG1 1 
ATOM   152  C CG2 . ILE A 1 41  ? 1.819   1.917   -6.662  1.00 15.33  ? 1332 ILE A CG2 1 
ATOM   153  C CD1 . ILE A 1 41  ? 3.630   1.613   -4.146  1.00 17.58  ? 1332 ILE A CD1 1 
ATOM   154  N N   . PHE A 1 42  ? 2.553   4.659   -8.884  1.00 17.04  ? 1333 PHE A N   1 
ATOM   155  C CA  . PHE A 1 42  ? 1.710   5.225   -9.970  1.00 19.19  ? 1333 PHE A CA  1 
ATOM   156  C C   . PHE A 1 42  ? 2.475   5.202   -11.312 1.00 20.00  ? 1333 PHE A C   1 
ATOM   157  O O   . PHE A 1 42  ? 1.758   4.993   -12.335 1.00 26.83  ? 1333 PHE A O   1 
ATOM   158  C CB  . PHE A 1 42  ? 1.134   6.573   -9.521  1.00 18.94  ? 1333 PHE A CB  1 
ATOM   159  C CG  . PHE A 1 42  ? -0.148  6.502   -8.735  1.00 18.94  ? 1333 PHE A CG  1 
ATOM   160  C CD1 . PHE A 1 42  ? -1.378  6.565   -9.379  1.00 19.79  ? 1333 PHE A CD1 1 
ATOM   161  C CD2 . PHE A 1 42  ? -0.139  6.404   -7.353  1.00 21.92  ? 1333 PHE A CD2 1 
ATOM   162  C CE1 . PHE A 1 42  ? -2.568  6.523   -8.653  1.00 24.05  ? 1333 PHE A CE1 1 
ATOM   163  C CE2 . PHE A 1 42  ? -1.328  6.389   -6.640  1.00 21.83  ? 1333 PHE A CE2 1 
ATOM   164  C CZ  . PHE A 1 42  ? -2.536  6.407   -7.292  1.00 21.97  ? 1333 PHE A CZ  1 
ATOM   165  N N   . GLN A 1 43  ? 3.806   5.241   -11.369 1.00 20.64  ? 1334 GLN A N   1 
ATOM   166  C CA  . GLN A 1 43  ? 4.588   5.159   -12.659 1.00 22.11  ? 1334 GLN A CA  1 
ATOM   167  C C   . GLN A 1 43  ? 4.740   3.716   -13.166 1.00 22.74  ? 1334 GLN A C   1 
ATOM   168  O O   . GLN A 1 43  ? 5.077   3.499   -14.354 1.00 24.73  ? 1334 GLN A O   1 
ATOM   169  C CB  . GLN A 1 43  ? 5.978   5.761   -12.437 1.00 23.75  ? 1334 GLN A CB  1 
ATOM   170  C CG  . GLN A 1 43  ? 5.930   7.234   -12.061 1.00 26.15  ? 1334 GLN A CG  1 
ATOM   171  N N   A CYS A 1 44  ? 4.522   2.734   -12.289 0.31 20.92  ? 1335 CYS A N   1 
ATOM   172  N N   B CYS A 1 44  ? 4.509   2.736   -12.294 0.31 21.57  ? 1335 CYS A N   1 
ATOM   173  C CA  A CYS A 1 44  ? 4.585   1.283   -12.606 0.31 18.94  ? 1335 CYS A CA  1 
ATOM   174  C CA  B CYS A 1 44  ? 4.605   1.289   -12.617 0.31 19.89  ? 1335 CYS A CA  1 
ATOM   175  C C   A CYS A 1 44  ? 3.348   0.904   -13.435 0.31 18.24  ? 1335 CYS A C   1 
ATOM   176  C C   B CYS A 1 44  ? 3.361   0.875   -13.418 0.31 18.70  ? 1335 CYS A C   1 
ATOM   177  O O   A CYS A 1 44  ? 2.208   1.162   -12.989 0.31 17.79  ? 1335 CYS A O   1 
ATOM   178  O O   B CYS A 1 44  ? 2.233   1.062   -12.922 0.31 17.98  ? 1335 CYS A O   1 
ATOM   179  C CB  A CYS A 1 44  ? 4.649   0.436   -11.335 0.31 17.52  ? 1335 CYS A CB  1 
ATOM   180  C CB  B CYS A 1 44  ? 4.716   0.439   -11.354 0.31 19.35  ? 1335 CYS A CB  1 
ATOM   181  S SG  A CYS A 1 44  ? 6.238   0.577   -10.479 0.31 19.33  ? 1335 CYS A SG  1 
ATOM   182  S SG  B CYS A 1 44  ? 5.295   -1.239  -11.711 0.31 23.08  ? 1335 CYS A SG  1 
ATOM   183  N N   . GLU A 1 45  ? 3.531   0.291   -14.611 1.00 18.58  ? 1336 GLU A N   1 
ATOM   184  C CA  . GLU A 1 45  ? 2.368   -0.224  -15.386 1.00 18.05  ? 1336 GLU A CA  1 
ATOM   185  C C   . GLU A 1 45  ? 1.592   -1.279  -14.572 1.00 16.42  ? 1336 GLU A C   1 
ATOM   186  O O   . GLU A 1 45  ? 0.359   -1.364  -14.723 1.00 16.46  ? 1336 GLU A O   1 
ATOM   187  C CB  . GLU A 1 45  ? 2.857   -0.844  -16.689 1.00 18.28  ? 1336 GLU A CB  1 
ATOM   188  C CG  . GLU A 1 45  ? 3.262   0.206   -17.705 1.00 22.32  ? 1336 GLU A CG  1 
ATOM   189  C CD  . GLU A 1 45  ? 3.869   -0.321  -18.983 1.00 24.17  ? 1336 GLU A CD  1 
ATOM   190  O OE1 . GLU A 1 45  ? 3.891   -1.566  -19.188 1.00 24.99  ? 1336 GLU A OE1 1 
ATOM   191  O OE2 . GLU A 1 45  ? 4.268   0.546   -19.792 1.00 25.13  ? 1336 GLU A OE2 1 
ATOM   192  N N   . ASP A 1 46  ? 2.275   -2.019  -13.688 1.00 14.85  ? 1337 ASP A N   1 
ATOM   193  C CA  . ASP A 1 46  ? 1.641   -3.057  -12.830 1.00 15.61  ? 1337 ASP A CA  1 
ATOM   194  C C   . ASP A 1 46  ? 0.625   -2.443  -11.842 1.00 14.31  ? 1337 ASP A C   1 
ATOM   195  O O   . ASP A 1 46  ? -0.198  -3.209  -11.311 1.00 14.84  ? 1337 ASP A O   1 
ATOM   196  C CB  . ASP A 1 46  ? 2.665   -3.882  -12.063 1.00 14.86  ? 1337 ASP A CB  1 
ATOM   197  C CG  . ASP A 1 46  ? 3.433   -4.879  -12.945 1.00 16.64  ? 1337 ASP A CG  1 
ATOM   198  O OD1 . ASP A 1 46  ? 2.912   -5.203  -14.049 1.00 18.44  ? 1337 ASP A OD1 1 
ATOM   199  O OD2 . ASP A 1 46  ? 4.445   -5.419  -12.486 1.00 16.94  ? 1337 ASP A OD2 1 
ATOM   200  N N   . SER A 1 47  ? 0.639   -1.135  -11.585 1.00 13.87  ? 1338 SER A N   1 
ATOM   201  C CA  . SER A 1 47  ? -0.374  -0.563  -10.673 1.00 14.73  ? 1338 SER A CA  1 
ATOM   202  C C   . SER A 1 47  ? -1.726  -0.241  -11.318 1.00 14.53  ? 1338 SER A C   1 
ATOM   203  O O   . SER A 1 47  ? -2.678  0.079   -10.598 1.00 14.77  ? 1338 SER A O   1 
ATOM   204  C CB  . SER A 1 47  ? 0.153   0.641   -9.963  1.00 13.57  ? 1338 SER A CB  1 
ATOM   205  O OG  . SER A 1 47  ? 0.260   1.800   -10.802 1.00 15.06  ? 1338 SER A OG  1 
ATOM   206  N N   . GLU A 1 48  ? -1.813  -0.263  -12.645 1.00 15.26  ? 1339 GLU A N   1 
ATOM   207  C CA  . GLU A 1 48  ? -3.001  0.292   -13.352 1.00 17.21  ? 1339 GLU A CA  1 
ATOM   208  C C   . GLU A 1 48  ? -4.304  -0.239  -12.736 1.00 14.88  ? 1339 GLU A C   1 
ATOM   209  O O   . GLU A 1 48  ? -5.205  0.551   -12.426 1.00 15.42  ? 1339 GLU A O   1 
ATOM   210  C CB  . GLU A 1 48  ? -2.895  0.027   -14.858 1.00 21.64  ? 1339 GLU A CB  1 
ATOM   211  C CG  . GLU A 1 48  ? -3.924  0.801   -15.663 1.00 25.04  ? 1339 GLU A CG  1 
ATOM   212  C CD  . GLU A 1 48  ? -5.353  0.371   -15.400 1.00 29.10  ? 1339 GLU A CD  1 
ATOM   213  O OE1 . GLU A 1 48  ? -5.578  -0.852  -15.359 1.00 32.00  ? 1339 GLU A OE1 1 
ATOM   214  O OE2 . GLU A 1 48  ? -6.231  1.258   -15.212 1.00 32.82  ? 1339 GLU A OE2 1 
ATOM   215  N N   . PRO A 1 49  ? -4.470  -1.567  -12.506 1.00 14.33  ? 1340 PRO A N   1 
ATOM   216  C CA  . PRO A 1 49  ? -5.735  -2.087  -11.968 1.00 13.30  ? 1340 PRO A CA  1 
ATOM   217  C C   . PRO A 1 49  ? -6.095  -1.663  -10.533 1.00 12.88  ? 1340 PRO A C   1 
ATOM   218  O O   . PRO A 1 49  ? -7.245  -1.818  -10.135 1.00 12.55  ? 1340 PRO A O   1 
ATOM   219  C CB  . PRO A 1 49  ? -5.535  -3.615  -11.999 1.00 14.01  ? 1340 PRO A CB  1 
ATOM   220  C CG  . PRO A 1 49  ? -4.450  -3.830  -13.031 1.00 14.76  ? 1340 PRO A CG  1 
ATOM   221  C CD  . PRO A 1 49  ? -3.524  -2.653  -12.824 1.00 14.76  ? 1340 PRO A CD  1 
ATOM   222  N N   . PHE A 1 50  ? -5.113  -1.136  -9.801  1.00 13.31  ? 1341 PHE A N   1 
ATOM   223  C CA  . PHE A 1 50  ? -5.191  -0.827  -8.349  1.00 13.00  ? 1341 PHE A CA  1 
ATOM   224  C C   . PHE A 1 50  ? -5.181  0.688   -8.098  1.00 13.65  ? 1341 PHE A C   1 
ATOM   225  O O   . PHE A 1 50  ? -5.003  1.094   -6.954  1.00 13.49  ? 1341 PHE A O   1 
ATOM   226  C CB  . PHE A 1 50  ? -4.056  -1.538  -7.608  1.00 12.49  ? 1341 PHE A CB  1 
ATOM   227  C CG  . PHE A 1 50  ? -3.864  -2.980  -8.024  1.00 12.65  ? 1341 PHE A CG  1 
ATOM   228  C CD1 . PHE A 1 50  ? -4.857  -3.911  -7.775  1.00 13.28  ? 1341 PHE A CD1 1 
ATOM   229  C CD2 . PHE A 1 50  ? -2.777  -3.370  -8.799  1.00 13.22  ? 1341 PHE A CD2 1 
ATOM   230  C CE1 . PHE A 1 50  ? -4.722  -5.221  -8.208  1.00 13.93  ? 1341 PHE A CE1 1 
ATOM   231  C CE2 . PHE A 1 50  ? -2.640  -4.685  -9.218  1.00 13.82  ? 1341 PHE A CE2 1 
ATOM   232  C CZ  . PHE A 1 50  ? -3.630  -5.597  -8.952  1.00 13.68  ? 1341 PHE A CZ  1 
ATOM   233  N N   . ARG A 1 51  ? -5.430  1.522   -9.108  1.00 14.15  ? 1342 ARG A N   1 
ATOM   234  C CA  . ARG A 1 51  ? -5.295  2.996   -8.967  1.00 15.92  ? 1342 ARG A CA  1 
ATOM   235  C C   . ARG A 1 51  ? -6.621  3.646   -8.606  1.00 16.98  ? 1342 ARG A C   1 
ATOM   236  O O   . ARG A 1 51  ? -6.584  4.866   -8.310  1.00 18.52  ? 1342 ARG A O   1 
ATOM   237  C CB  . ARG A 1 51  ? -4.797  3.634   -10.264 1.00 16.50  ? 1342 ARG A CB  1 
ATOM   238  C CG  . ARG A 1 51  ? -3.308  3.441   -10.477 1.00 16.38  ? 1342 ARG A CG  1 
ATOM   239  C CD  . ARG A 1 51  ? -2.860  4.070   -11.776 1.00 16.81  ? 1342 ARG A CD  1 
ATOM   240  N NE  . ARG A 1 51  ? -1.609  3.498   -12.212 1.00 17.69  ? 1342 ARG A NE  1 
ATOM   241  C CZ  . ARG A 1 51  ? -1.145  3.546   -13.454 1.00 18.03  ? 1342 ARG A CZ  1 
ATOM   242  N NH1 . ARG A 1 51  ? -1.837  4.162   -14.402 1.00 19.34  ? 1342 ARG A NH1 1 
ATOM   243  N NH2 . ARG A 1 51  ? 0.013   2.988   -13.740 1.00 17.90  ? 1342 ARG A NH2 1 
ATOM   244  N N   . GLN A 1 52  ? -7.725  2.903   -8.738  1.00 17.97  ? 1343 GLN A N   1 
ATOM   245  C CA  . GLN A 1 52  ? -9.115  3.371   -8.529  1.00 21.11  ? 1343 GLN A CA  1 
ATOM   246  C C   . GLN A 1 52  ? -9.946  2.187   -8.046  1.00 21.17  ? 1343 GLN A C   1 
ATOM   247  O O   . GLN A 1 52  ? -9.535  1.035   -8.191  1.00 20.23  ? 1343 GLN A O   1 
ATOM   248  C CB  . GLN A 1 52  ? -9.700  3.947   -9.827  1.00 22.96  ? 1343 GLN A CB  1 
ATOM   249  C CG  . GLN A 1 52  ? -9.031  5.226   -10.323 1.00 27.46  ? 1343 GLN A CG  1 
ATOM   250  C CD  . GLN A 1 52  ? -9.152  6.414   -9.396  1.00 30.39  ? 1343 GLN A CD  1 
ATOM   251  O OE1 . GLN A 1 52  ? -8.242  7.241   -9.291  1.00 32.68  ? 1343 GLN A OE1 1 
ATOM   252  N NE2 . GLN A 1 52  ? -10.276 6.514   -8.700  1.00 32.50  ? 1343 GLN A NE2 1 
ATOM   253  N N   . PRO A 1 53  ? -11.126 2.425   -7.433  1.00 24.85  ? 1344 PRO A N   1 
ATOM   254  C CA  . PRO A 1 53  ? -11.968 1.327   -6.965  1.00 26.37  ? 1344 PRO A CA  1 
ATOM   255  C C   . PRO A 1 53  ? -12.382 0.374   -8.092  1.00 28.83  ? 1344 PRO A C   1 
ATOM   256  O O   . PRO A 1 53  ? -12.553 0.819   -9.226  1.00 27.13  ? 1344 PRO A O   1 
ATOM   257  C CB  . PRO A 1 53  ? -13.205 2.024   -6.385  1.00 27.03  ? 1344 PRO A CB  1 
ATOM   258  C CG  . PRO A 1 53  ? -12.716 3.412   -6.050  1.00 25.93  ? 1344 PRO A CG  1 
ATOM   259  C CD  . PRO A 1 53  ? -11.706 3.745   -7.132  1.00 25.59  ? 1344 PRO A CD  1 
ATOM   260  N N   . VAL A 1 54  ? -12.501 -0.913  -7.762  1.00 29.85  ? 1345 VAL A N   1 
ATOM   261  C CA  . VAL A 1 54  ? -13.060 -1.942  -8.681  1.00 32.50  ? 1345 VAL A CA  1 
ATOM   262  C C   . VAL A 1 54  ? -14.431 -1.448  -9.149  1.00 33.64  ? 1345 VAL A C   1 
ATOM   263  O O   . VAL A 1 54  ? -15.224 -0.996  -8.296  1.00 34.78  ? 1345 VAL A O   1 
ATOM   264  C CB  . VAL A 1 54  ? -13.157 -3.330  -8.019  1.00 31.42  ? 1345 VAL A CB  1 
ATOM   265  C CG1 . VAL A 1 54  ? -13.943 -4.302  -8.886  1.00 31.51  ? 1345 VAL A CG1 1 
ATOM   266  C CG2 . VAL A 1 54  ? -11.780 -3.881  -7.706  1.00 31.84  ? 1345 VAL A CG2 1 
ATOM   267  N N   . ASP A 1 55  ? -14.667 -1.497  -10.461 1.00 37.02  ? 1346 ASP A N   1 
ATOM   268  C CA  . ASP A 1 55  ? -15.983 -1.209  -11.083 1.00 37.01  ? 1346 ASP A CA  1 
ATOM   269  C C   . ASP A 1 55  ? -16.885 -2.422  -10.841 1.00 35.71  ? 1346 ASP A C   1 
ATOM   270  O O   . ASP A 1 55  ? -16.577 -3.508  -11.371 1.00 34.57  ? 1346 ASP A O   1 
ATOM   271  C CB  . ASP A 1 55  ? -15.849 -0.885  -12.575 1.00 39.52  ? 1346 ASP A CB  1 
ATOM   272  C CG  . ASP A 1 55  ? -17.165 -0.534  -13.248 1.00 40.95  ? 1346 ASP A CG  1 
ATOM   273  O OD1 . ASP A 1 55  ? -17.292 -0.811  -14.451 1.00 43.19  ? 1346 ASP A OD1 1 
ATOM   274  O OD2 . ASP A 1 55  ? -18.056 0.013   -12.561 1.00 43.65  ? 1346 ASP A OD2 1 
ATOM   275  N N   . LEU A 1 56  ? -17.955 -2.245  -10.068 1.00 36.06  ? 1347 LEU A N   1 
ATOM   276  C CA  . LEU A 1 56  ? -18.902 -3.336  -9.723  1.00 36.34  ? 1347 LEU A CA  1 
ATOM   277  C C   . LEU A 1 56  ? -19.729 -3.706  -10.963 1.00 35.42  ? 1347 LEU A C   1 
ATOM   278  O O   . LEU A 1 56  ? -20.186 -4.859  -11.035 1.00 36.74  ? 1347 LEU A O   1 
ATOM   279  C CB  . LEU A 1 56  ? -19.776 -2.901  -8.542  1.00 36.79  ? 1347 LEU A CB  1 
ATOM   280  C CG  . LEU A 1 56  ? -19.021 -2.463  -7.283  1.00 38.32  ? 1347 LEU A CG  1 
ATOM   281  C CD1 . LEU A 1 56  ? -19.962 -2.369  -6.093  1.00 39.05  ? 1347 LEU A CD1 1 
ATOM   282  C CD2 . LEU A 1 56  ? -17.859 -3.394  -6.959  1.00 39.20  ? 1347 LEU A CD2 1 
ATOM   283  N N   . LEU A 1 57  ? -19.881 -2.793  -11.927 1.00 35.96  ? 1348 LEU A N   1 
ATOM   284  C CA  . LEU A 1 57  ? -20.598 -3.076  -13.202 1.00 34.42  ? 1348 LEU A CA  1 
ATOM   285  C C   . LEU A 1 57  ? -19.878 -4.199  -13.962 1.00 32.90  ? 1348 LEU A C   1 
ATOM   286  O O   . LEU A 1 57  ? -20.573 -5.109  -14.465 1.00 33.72  ? 1348 LEU A O   1 
ATOM   287  C CB  . LEU A 1 57  ? -20.686 -1.799  -14.047 1.00 37.33  ? 1348 LEU A CB  1 
ATOM   288  C CG  . LEU A 1 57  ? -21.920 -0.928  -13.812 1.00 38.99  ? 1348 LEU A CG  1 
ATOM   289  C CD1 . LEU A 1 57  ? -23.168 -1.593  -14.370 1.00 39.81  ? 1348 LEU A CD1 1 
ATOM   290  C CD2 . LEU A 1 57  ? -22.100 -0.599  -12.334 1.00 39.98  ? 1348 LEU A CD2 1 
ATOM   291  N N   . GLU A 1 58  ? -18.544 -4.138  -14.037 1.00 27.50  ? 1349 GLU A N   1 
ATOM   292  C CA  . GLU A 1 58  ? -17.684 -5.088  -14.797 1.00 27.03  ? 1349 GLU A CA  1 
ATOM   293  C C   . GLU A 1 58  ? -17.417 -6.364  -13.984 1.00 24.26  ? 1349 GLU A C   1 
ATOM   294  O O   . GLU A 1 58  ? -17.175 -7.427  -14.601 1.00 26.09  ? 1349 GLU A O   1 
ATOM   295  C CB  . GLU A 1 58  ? -16.352 -4.418  -15.137 1.00 27.79  ? 1349 GLU A CB  1 
ATOM   296  C CG  . GLU A 1 58  ? -16.470 -3.309  -16.167 1.00 30.33  ? 1349 GLU A CG  1 
ATOM   297  C CD  . GLU A 1 58  ? -15.240 -2.418  -16.303 1.00 34.63  ? 1349 GLU A CD  1 
ATOM   298  O OE1 . GLU A 1 58  ? -14.263 -2.625  -15.542 1.00 36.77  ? 1349 GLU A OE1 1 
ATOM   299  O OE2 . GLU A 1 58  ? -15.249 -1.527  -17.188 1.00 37.78  ? 1349 GLU A OE2 1 
ATOM   300  N N   . TYR A 1 59  ? -17.393 -6.254  -12.652 1.00 22.86  ? 1350 TYR A N   1 
ATOM   301  C CA  . TYR A 1 59  ? -17.143 -7.381  -11.710 1.00 20.99  ? 1350 TYR A CA  1 
ATOM   302  C C   . TYR A 1 59  ? -18.318 -7.422  -10.738 1.00 19.82  ? 1350 TYR A C   1 
ATOM   303  O O   . TYR A 1 59  ? -18.210 -7.008  -9.581  1.00 18.77  ? 1350 TYR A O   1 
ATOM   304  C CB  . TYR A 1 59  ? -15.765 -7.221  -11.053 1.00 20.58  ? 1350 TYR A CB  1 
ATOM   305  C CG  . TYR A 1 59  ? -14.625 -7.104  -12.039 1.00 19.79  ? 1350 TYR A CG  1 
ATOM   306  C CD1 . TYR A 1 59  ? -13.988 -8.222  -12.559 1.00 19.99  ? 1350 TYR A CD1 1 
ATOM   307  C CD2 . TYR A 1 59  ? -14.189 -5.861  -12.465 1.00 20.98  ? 1350 TYR A CD2 1 
ATOM   308  C CE1 . TYR A 1 59  ? -12.947 -8.106  -13.473 1.00 20.18  ? 1350 TYR A CE1 1 
ATOM   309  C CE2 . TYR A 1 59  ? -13.162 -5.728  -13.388 1.00 20.43  ? 1350 TYR A CE2 1 
ATOM   310  C CZ  . TYR A 1 59  ? -12.535 -6.850  -13.889 1.00 20.06  ? 1350 TYR A CZ  1 
ATOM   311  O OH  . TYR A 1 59  ? -11.492 -6.696  -14.761 1.00 20.38  ? 1350 TYR A OH  1 
ATOM   312  N N   . PRO A 1 60  ? -19.506 -7.889  -11.195 1.00 20.41  ? 1351 PRO A N   1 
ATOM   313  C CA  . PRO A 1 60  ? -20.741 -7.719  -10.425 1.00 18.80  ? 1351 PRO A CA  1 
ATOM   314  C C   . PRO A 1 60  ? -20.765 -8.446  -9.070  1.00 18.24  ? 1351 PRO A C   1 
ATOM   315  O O   . PRO A 1 60  ? -21.538 -8.074  -8.211  1.00 18.14  ? 1351 PRO A O   1 
ATOM   316  C CB  . PRO A 1 60  ? -21.844 -8.271  -11.354 1.00 20.31  ? 1351 PRO A CB  1 
ATOM   317  C CG  . PRO A 1 60  ? -21.220 -8.363  -12.729 1.00 22.08  ? 1351 PRO A CG  1 
ATOM   318  C CD  . PRO A 1 60  ? -19.734 -8.540  -12.497 1.00 20.75  ? 1351 PRO A CD  1 
ATOM   319  N N   . ASP A 1 61  ? -19.922 -9.462  -8.912  1.00 17.36  ? 1352 ASP A N   1 
ATOM   320  C CA  . ASP A 1 61  ? -19.840 -10.274 -7.670  1.00 17.19  ? 1352 ASP A CA  1 
ATOM   321  C C   . ASP A 1 61  ? -18.744 -9.740  -6.728  1.00 17.01  ? 1352 ASP A C   1 
ATOM   322  O O   . ASP A 1 61  ? -18.531 -10.358 -5.667  1.00 15.03  ? 1352 ASP A O   1 
ATOM   323  C CB  . ASP A 1 61  ? -19.578 -11.745 -8.002  1.00 18.70  ? 1352 ASP A CB  1 
ATOM   324  C CG  . ASP A 1 61  ? -18.263 -11.959 -8.719  1.00 19.35  ? 1352 ASP A CG  1 
ATOM   325  O OD1 . ASP A 1 61  ? -17.817 -11.011 -9.416  1.00 22.92  ? 1352 ASP A OD1 1 
ATOM   326  O OD2 . ASP A 1 61  ? -17.698 -13.065 -8.600  1.00 24.18  ? 1352 ASP A OD2 1 
ATOM   327  N N   . TYR A 1 62  ? -18.073 -8.633  -7.048  1.00 15.61  ? 1353 TYR A N   1 
ATOM   328  C CA  . TYR A 1 62  ? -16.844 -8.218  -6.311  1.00 15.90  ? 1353 TYR A CA  1 
ATOM   329  C C   . TYR A 1 62  ? -17.164 -8.086  -4.816  1.00 16.55  ? 1353 TYR A C   1 
ATOM   330  O O   . TYR A 1 62  ? -16.445 -8.692  -3.973  1.00 15.89  ? 1353 TYR A O   1 
ATOM   331  C CB  . TYR A 1 62  ? -16.251 -6.938  -6.911  1.00 15.20  ? 1353 TYR A CB  1 
ATOM   332  C CG  . TYR A 1 62  ? -14.902 -6.563  -6.342  1.00 14.68  ? 1353 TYR A CG  1 
ATOM   333  C CD1 . TYR A 1 62  ? -13.777 -7.292  -6.685  1.00 14.18  ? 1353 TYR A CD1 1 
ATOM   334  C CD2 . TYR A 1 62  ? -14.755 -5.519  -5.437  1.00 14.69  ? 1353 TYR A CD2 1 
ATOM   335  C CE1 . TYR A 1 62  ? -12.531 -7.004  -6.148  1.00 13.65  ? 1353 TYR A CE1 1 
ATOM   336  C CE2 . TYR A 1 62  ? -13.506 -5.201  -4.911  1.00 13.97  ? 1353 TYR A CE2 1 
ATOM   337  C CZ  . TYR A 1 62  ? -12.394 -5.945  -5.269  1.00 13.33  ? 1353 TYR A CZ  1 
ATOM   338  O OH  . TYR A 1 62  ? -11.174 -5.651  -4.719  1.00 14.08  ? 1353 TYR A OH  1 
ATOM   339  N N   . ARG A 1 63  ? -18.203 -7.325  -4.467  1.00 17.46  ? 1354 ARG A N   1 
ATOM   340  C CA  . ARG A 1 63  ? -18.525 -6.989  -3.057  1.00 18.65  ? 1354 ARG A CA  1 
ATOM   341  C C   . ARG A 1 63  ? -19.194 -8.167  -2.332  1.00 19.16  ? 1354 ARG A C   1 
ATOM   342  O O   . ARG A 1 63  ? -19.346 -8.058  -1.111  1.00 18.90  ? 1354 ARG A O   1 
ATOM   343  C CB  . ARG A 1 63  ? -19.340 -5.696  -2.996  1.00 20.73  ? 1354 ARG A CB  1 
ATOM   344  C CG  . ARG A 1 63  ? -18.582 -4.479  -3.509  1.00 23.04  ? 1354 ARG A CG  1 
ATOM   345  C CD  . ARG A 1 63  ? -17.321 -4.157  -2.718  1.00 25.16  ? 1354 ARG A CD  1 
ATOM   346  N NE  . ARG A 1 63  ? -17.608 -3.795  -1.335  1.00 26.33  ? 1354 ARG A NE  1 
ATOM   347  C CZ  . ARG A 1 63  ? -18.052 -2.598  -0.936  1.00 27.80  ? 1354 ARG A CZ  1 
ATOM   348  N NH1 . ARG A 1 63  ? -18.274 -1.631  -1.816  1.00 29.28  ? 1354 ARG A NH1 1 
ATOM   349  N NH2 . ARG A 1 63  ? -18.281 -2.371  0.346   1.00 29.09  ? 1354 ARG A NH2 1 
ATOM   350  N N   . ASP A 1 64  ? -19.512 -9.267  -3.024  1.00 19.44  ? 1355 ASP A N   1 
ATOM   351  C CA  . ASP A 1 64  ? -19.922 -10.543 -2.372  1.00 21.05  ? 1355 ASP A CA  1 
ATOM   352  C C   . ASP A 1 64  ? -18.711 -11.107 -1.610  1.00 21.25  ? 1355 ASP A C   1 
ATOM   353  O O   . ASP A 1 64  ? -18.897 -11.668 -0.509  1.00 22.73  ? 1355 ASP A O   1 
ATOM   354  C CB  . ASP A 1 64  ? -20.463 -11.557 -3.385  1.00 21.22  ? 1355 ASP A CB  1 
ATOM   355  C CG  . ASP A 1 64  ? -21.666 -11.097 -4.203  1.00 20.75  ? 1355 ASP A CG  1 
ATOM   356  O OD1 . ASP A 1 64  ? -22.305 -10.078 -3.838  1.00 20.92  ? 1355 ASP A OD1 1 
ATOM   357  O OD2 . ASP A 1 64  ? -21.956 -11.767 -5.218  1.00 23.05  ? 1355 ASP A OD2 1 
ATOM   358  N N   . ILE A 1 65  ? -17.510 -10.925 -2.172  1.00 20.37  ? 1356 ILE A N   1 
ATOM   359  C CA  . ILE A 1 65  ? -16.234 -11.549 -1.710  1.00 19.68  ? 1356 ILE A CA  1 
ATOM   360  C C   . ILE A 1 65  ? -15.400 -10.535 -0.909  1.00 19.45  ? 1356 ILE A C   1 
ATOM   361  O O   . ILE A 1 65  ? -14.826 -10.941 0.126   1.00 20.11  ? 1356 ILE A O   1 
ATOM   362  C CB  . ILE A 1 65  ? -15.462 -12.111 -2.920  1.00 20.35  ? 1356 ILE A CB  1 
ATOM   363  C CG1 . ILE A 1 65  ? -16.346 -13.031 -3.772  1.00 22.62  ? 1356 ILE A CG1 1 
ATOM   364  C CG2 . ILE A 1 65  ? -14.178 -12.802 -2.493  1.00 20.30  ? 1356 ILE A CG2 1 
ATOM   365  C CD1 . ILE A 1 65  ? -15.812 -13.289 -5.155  1.00 22.48  ? 1356 ILE A CD1 1 
ATOM   366  N N   . ILE A 1 66  ? -15.365 -9.268  -1.340  1.00 18.80  ? 1357 ILE A N   1 
ATOM   367  C CA  . ILE A 1 66  ? -14.493 -8.193  -0.773  1.00 17.94  ? 1357 ILE A CA  1 
ATOM   368  C C   . ILE A 1 66  ? -15.331 -7.297  0.143   1.00 18.74  ? 1357 ILE A C   1 
ATOM   369  O O   . ILE A 1 66  ? -16.147 -6.512  -0.373  1.00 19.09  ? 1357 ILE A O   1 
ATOM   370  C CB  . ILE A 1 66  ? -13.801 -7.421  -1.916  1.00 16.83  ? 1357 ILE A CB  1 
ATOM   371  C CG1 . ILE A 1 66  ? -12.971 -8.358  -2.804  1.00 17.58  ? 1357 ILE A CG1 1 
ATOM   372  C CG2 . ILE A 1 66  ? -12.978 -6.241  -1.395  1.00 16.75  ? 1357 ILE A CG2 1 
ATOM   373  C CD1 . ILE A 1 66  ? -11.984 -9.227  -2.069  1.00 17.70  ? 1357 ILE A CD1 1 
ATOM   374  N N   . ASP A 1 67  ? -15.111 -7.403  1.454   1.00 20.23  ? 1358 ASP A N   1 
ATOM   375  C CA  . ASP A 1 67  ? -15.837 -6.601  2.472   1.00 21.38  ? 1358 ASP A CA  1 
ATOM   376  C C   . ASP A 1 67  ? -15.212 -5.214  2.656   1.00 20.56  ? 1358 ASP A C   1 
ATOM   377  O O   . ASP A 1 67  ? -15.915 -4.333  3.192   1.00 21.11  ? 1358 ASP A O   1 
ATOM   378  C CB  . ASP A 1 67  ? -15.874 -7.323  3.822   1.00 24.51  ? 1358 ASP A CB  1 
ATOM   379  C CG  . ASP A 1 67  ? -17.057 -8.257  3.965   1.00 28.49  ? 1358 ASP A CG  1 
ATOM   380  O OD1 . ASP A 1 67  ? -18.138 -7.935  3.409   1.00 33.95  ? 1358 ASP A OD1 1 
ATOM   381  O OD2 . ASP A 1 67  ? -16.895 -9.293  4.643   1.00 35.94  ? 1358 ASP A OD2 1 
ATOM   382  N N   . THR A 1 68  ? -13.953 -5.001  2.247   1.00 19.89  ? 1359 THR A N   1 
ATOM   383  C CA  . THR A 1 68  ? -13.237 -3.724  2.504   1.00 20.06  ? 1359 THR A CA  1 
ATOM   384  C C   . THR A 1 68  ? -12.421 -3.330  1.279   1.00 18.14  ? 1359 THR A C   1 
ATOM   385  O O   . THR A 1 68  ? -11.211 -3.582  1.220   1.00 18.13  ? 1359 THR A O   1 
ATOM   386  C CB  . THR A 1 68  ? -12.323 -3.802  3.733   1.00 20.83  ? 1359 THR A CB  1 
ATOM   387  O OG1 . THR A 1 68  ? -12.977 -4.508  4.790   1.00 22.48  ? 1359 THR A OG1 1 
ATOM   388  C CG2 . THR A 1 68  ? -11.940 -2.427  4.234   1.00 22.22  ? 1359 THR A CG2 1 
ATOM   389  N N   . PRO A 1 69  ? -13.049 -2.663  0.292   1.00 16.57  ? 1360 PRO A N   1 
ATOM   390  C CA  . PRO A 1 69  ? -12.344 -2.247  -0.915  1.00 16.49  ? 1360 PRO A CA  1 
ATOM   391  C C   . PRO A 1 69  ? -11.154 -1.379  -0.494  1.00 14.97  ? 1360 PRO A C   1 
ATOM   392  O O   . PRO A 1 69  ? -11.158 -0.791  0.586   1.00 15.18  ? 1360 PRO A O   1 
ATOM   393  C CB  . PRO A 1 69  ? -13.355 -1.469  -1.769  1.00 17.32  ? 1360 PRO A CB  1 
ATOM   394  C CG  . PRO A 1 69  ? -14.692 -1.595  -1.056  1.00 18.12  ? 1360 PRO A CG  1 
ATOM   395  C CD  . PRO A 1 69  ? -14.466 -2.257  0.289   1.00 17.26  ? 1360 PRO A CD  1 
ATOM   396  N N   . MET A 1 70  ? -10.139 -1.339  -1.346  1.00 14.31  ? 1361 MET A N   1 
ATOM   397  C CA  . MET A 1 70  ? -8.970  -0.458  -1.119  1.00 13.98  ? 1361 MET A CA  1 
ATOM   398  C C   . MET A 1 70  ? -8.237  -0.259  -2.447  1.00 14.36  ? 1361 MET A C   1 
ATOM   399  O O   . MET A 1 70  ? -8.146  -1.210  -3.218  1.00 13.97  ? 1361 MET A O   1 
ATOM   400  C CB  . MET A 1 70  ? -8.034  -1.050  -0.057  1.00 13.17  ? 1361 MET A CB  1 
ATOM   401  C CG  . MET A 1 70  ? -6.975  -0.084  0.451   1.00 12.98  ? 1361 MET A CG  1 
ATOM   402  S SD  . MET A 1 70  ? -7.612  1.501   1.041   1.00 12.82  ? 1361 MET A SD  1 
ATOM   403  C CE  . MET A 1 70  ? -8.613  0.999   2.445   1.00 14.18  ? 1361 MET A CE  1 
ATOM   404  N N   . ASP A 1 71  ? -7.761  0.955   -2.705  1.00 14.19  ? 1362 ASP A N   1 
ATOM   405  C CA  . ASP A 1 71  ? -6.979  1.261   -3.929  1.00 14.81  ? 1362 ASP A CA  1 
ATOM   406  C C   . ASP A 1 71  ? -5.929  2.323   -3.591  1.00 13.96  ? 1362 ASP A C   1 
ATOM   407  O O   . ASP A 1 71  ? -6.021  2.969   -2.526  1.00 13.91  ? 1362 ASP A O   1 
ATOM   408  C CB  . ASP A 1 71  ? -7.902  1.689   -5.073  1.00 16.82  ? 1362 ASP A CB  1 
ATOM   409  C CG  . ASP A 1 71  ? -8.589  3.019   -4.838  1.00 19.61  ? 1362 ASP A CG  1 
ATOM   410  O OD1 . ASP A 1 71  ? -9.841  3.024   -4.762  1.00 23.61  ? 1362 ASP A OD1 1 
ATOM   411  O OD2 . ASP A 1 71  ? -7.879  4.042   -4.790  1.00 20.03  ? 1362 ASP A OD2 1 
ATOM   412  N N   . PHE A 1 72  ? -4.968  2.528   -4.488  1.00 13.40  ? 1363 PHE A N   1 
ATOM   413  C CA  . PHE A 1 72  ? -3.828  3.440   -4.230  1.00 12.76  ? 1363 PHE A CA  1 
ATOM   414  C C   . PHE A 1 72  ? -4.267  4.907   -4.229  1.00 13.03  ? 1363 PHE A C   1 
ATOM   415  O O   . PHE A 1 72  ? -3.551  5.700   -3.620  1.00 13.10  ? 1363 PHE A O   1 
ATOM   416  C CB  . PHE A 1 72  ? -2.684  3.180   -5.206  1.00 12.54  ? 1363 PHE A CB  1 
ATOM   417  C CG  . PHE A 1 72  ? -1.850  1.982   -4.833  1.00 12.52  ? 1363 PHE A CG  1 
ATOM   418  C CD1 . PHE A 1 72  ? -1.001  2.016   -3.739  1.00 12.87  ? 1363 PHE A CD1 1 
ATOM   419  C CD2 . PHE A 1 72  ? -1.895  0.824   -5.588  1.00 13.03  ? 1363 PHE A CD2 1 
ATOM   420  C CE1 . PHE A 1 72  ? -0.234  0.919   -3.399  1.00 13.47  ? 1363 PHE A CE1 1 
ATOM   421  C CE2 . PHE A 1 72  ? -1.132  -0.278  -5.251  1.00 12.90  ? 1363 PHE A CE2 1 
ATOM   422  C CZ  . PHE A 1 72  ? -0.306  -0.232  -4.152  1.00 12.84  ? 1363 PHE A CZ  1 
ATOM   423  N N   . ALA A 1 73  ? -5.369  5.267   -4.906  1.00 11.87  ? 1364 ALA A N   1 
ATOM   424  C CA  . ALA A 1 73  ? -5.893  6.658   -4.840  1.00 13.20  ? 1364 ALA A CA  1 
ATOM   425  C C   . ALA A 1 73  ? -6.463  6.908   -3.432  1.00 13.49  ? 1364 ALA A C   1 
ATOM   426  O O   . ALA A 1 73  ? -6.171  7.976   -2.804  1.00 13.77  ? 1364 ALA A O   1 
ATOM   427  C CB  . ALA A 1 73  ? -6.912  6.924   -5.935  1.00 13.77  ? 1364 ALA A CB  1 
ATOM   428  N N   . THR A 1 74  ? -7.159  5.941   -2.875  1.00 13.52  ? 1365 THR A N   1 
ATOM   429  C CA  . THR A 1 74  ? -7.684  6.076   -1.488  1.00 13.71  ? 1365 THR A CA  1 
ATOM   430  C C   . THR A 1 74  ? -6.504  6.191   -0.503  1.00 12.06  ? 1365 THR A C   1 
ATOM   431  O O   . THR A 1 74  ? -6.513  7.064   0.388   1.00 12.36  ? 1365 THR A O   1 
ATOM   432  C CB  . THR A 1 74  ? -8.606  4.930   -1.127  1.00 13.85  ? 1365 THR A CB  1 
ATOM   433  O OG1 . THR A 1 74  ? -9.699  4.962   -2.070  1.00 16.10  ? 1365 THR A OG1 1 
ATOM   434  C CG2 . THR A 1 74  ? -9.094  4.944   0.314   1.00 14.43  ? 1365 THR A CG2 1 
ATOM   435  N N   . VAL A 1 75  ? -5.459  5.373   -0.679  1.00 11.65  ? 1366 VAL A N   1 
ATOM   436  C CA  . VAL A 1 75  ? -4.280  5.467   0.235   1.00 11.69  ? 1366 VAL A CA  1 
ATOM   437  C C   . VAL A 1 75  ? -3.642  6.862   0.122   1.00 12.00  ? 1366 VAL A C   1 
ATOM   438  O O   . VAL A 1 75  ? -3.338  7.507   1.164   1.00 11.75  ? 1366 VAL A O   1 
ATOM   439  C CB  . VAL A 1 75  ? -3.283  4.327   -0.040  1.00 12.23  ? 1366 VAL A CB  1 
ATOM   440  C CG1 . VAL A 1 75  ? -2.005  4.547   0.756   1.00 13.05  ? 1366 VAL A CG1 1 
ATOM   441  C CG2 . VAL A 1 75  ? -3.872  2.966   0.227   1.00 12.79  ? 1366 VAL A CG2 1 
ATOM   442  N N   . ARG A 1 76  ? -3.411  7.371   -1.097  1.00 11.90  ? 1367 ARG A N   1 
ATOM   443  C CA  . ARG A 1 76  ? -2.791  8.698   -1.286  1.00 14.49  ? 1367 ARG A CA  1 
ATOM   444  C C   . ARG A 1 76  ? -3.665  9.805   -0.667  1.00 13.61  ? 1367 ARG A C   1 
ATOM   445  O O   . ARG A 1 76  ? -3.109  10.724  -0.034  1.00 13.52  ? 1367 ARG A O   1 
ATOM   446  C CB  . ARG A 1 76  ? -2.561  8.945   -2.787  1.00 15.62  ? 1367 ARG A CB  1 
ATOM   447  C CG  . ARG A 1 76  ? -1.993  10.303  -3.151  1.00 20.79  ? 1367 ARG A CG  1 
ATOM   448  C CD  . ARG A 1 76  ? -1.905  10.307  -4.672  1.00 25.02  ? 1367 ARG A CD  1 
ATOM   449  N NE  . ARG A 1 76  ? -0.595  9.970   -5.167  1.00 27.47  ? 1367 ARG A NE  1 
ATOM   450  C CZ  . ARG A 1 76  ? -0.282  9.821   -6.458  1.00 27.81  ? 1367 ARG A CZ  1 
ATOM   451  N NH1 . ARG A 1 76  ? -1.221  9.820   -7.401  1.00 27.11  ? 1367 ARG A NH1 1 
ATOM   452  N NH2 . ARG A 1 76  ? 0.981   9.654   -6.781  1.00 29.27  ? 1367 ARG A NH2 1 
ATOM   453  N N   . GLU A 1 77  ? -4.970  9.721   -0.857  1.00 13.01  ? 1368 GLU A N   1 
ATOM   454  C CA  . GLU A 1 77  ? -5.888  10.763  -0.314  1.00 14.22  ? 1368 GLU A CA  1 
ATOM   455  C C   . GLU A 1 77  ? -5.872  10.694  1.207   1.00 14.04  ? 1368 GLU A C   1 
ATOM   456  O O   . GLU A 1 77  ? -5.938  11.727  1.867   1.00 14.49  ? 1368 GLU A O   1 
ATOM   457  C CB  . GLU A 1 77  ? -7.270  10.525  -0.902  1.00 17.01  ? 1368 GLU A CB  1 
ATOM   458  C CG  . GLU A 1 77  ? -7.435  10.949  -2.349  1.00 20.85  ? 1368 GLU A CG  1 
ATOM   459  C CD  . GLU A 1 77  ? -8.603  10.317  -3.099  1.00 31.58  ? 1368 GLU A CD  1 
ATOM   460  O OE1 . GLU A 1 77  ? -9.517  9.754   -2.428  1.00 35.34  ? 1368 GLU A OE1 1 
ATOM   461  O OE2 . GLU A 1 77  ? -8.602  10.399  -4.374  1.00 41.76  ? 1368 GLU A OE2 1 
ATOM   462  N N   . THR A 1 78  ? -5.862  9.527   1.801   1.00 12.88  ? 1369 THR A N   1 
ATOM   463  C CA  . THR A 1 78  ? -5.833  9.352   3.286   1.00 12.71  ? 1369 THR A CA  1 
ATOM   464  C C   . THR A 1 78  ? -4.535  9.977   3.846   1.00 13.48  ? 1369 THR A C   1 
ATOM   465  O O   . THR A 1 78  ? -4.565  10.745  4.850   1.00 13.12  ? 1369 THR A O   1 
ATOM   466  C CB  . THR A 1 78  ? -5.983  7.872   3.679   1.00 13.02  ? 1369 THR A CB  1 
ATOM   467  O OG1 . THR A 1 78  ? -7.184  7.330   3.162   1.00 13.79  ? 1369 THR A OG1 1 
ATOM   468  C CG2 . THR A 1 78  ? -5.969  7.658   5.173   1.00 13.55  ? 1369 THR A CG2 1 
ATOM   469  N N   . LEU A 1 79  ? -3.404  9.715   3.187   1.00 11.45  ? 1370 LEU A N   1 
ATOM   470  C CA  . LEU A 1 79  ? -2.107  10.267  3.601   1.00 11.61  ? 1370 LEU A CA  1 
ATOM   471  C C   . LEU A 1 79  ? -2.172  11.793  3.488   1.00 12.09  ? 1370 LEU A C   1 
ATOM   472  O O   . LEU A 1 79  ? -1.750  12.519  4.478   1.00 13.31  ? 1370 LEU A O   1 
ATOM   473  C CB  . LEU A 1 79  ? -1.024  9.649   2.703   1.00 11.83  ? 1370 LEU A CB  1 
ATOM   474  C CG  . LEU A 1 79  ? 0.420   10.077  3.029   1.00 12.41  ? 1370 LEU A CG  1 
ATOM   475  C CD1 . LEU A 1 79  ? 0.809   9.535   4.394   1.00 12.82  ? 1370 LEU A CD1 1 
ATOM   476  C CD2 . LEU A 1 79  ? 1.390   9.592   1.928   1.00 13.64  ? 1370 LEU A CD2 1 
ATOM   477  N N   . GLU A 1 80  ? -2.638  12.341  2.366   1.00 13.60  ? 1371 GLU A N   1 
ATOM   478  C CA  . GLU A 1 80  ? -2.629  13.817  2.110   1.00 15.20  ? 1371 GLU A CA  1 
ATOM   479  C C   . GLU A 1 80  ? -3.651  14.520  3.005   1.00 14.07  ? 1371 GLU A C   1 
ATOM   480  O O   . GLU A 1 80  ? -3.436  15.696  3.341   1.00 16.06  ? 1371 GLU A O   1 
ATOM   481  C CB  . GLU A 1 80  ? -2.806  14.101  0.615   1.00 16.55  ? 1371 GLU A CB  1 
ATOM   482  C CG  . GLU A 1 80  ? -1.609  13.605  -0.200  1.00 24.22  ? 1371 GLU A CG  1 
ATOM   483  C CD  . GLU A 1 80  ? -0.228  14.060  0.325   1.00 33.92  ? 1371 GLU A CD  1 
ATOM   484  O OE1 . GLU A 1 80  ? 0.152   15.199  -0.081  1.00 42.58  ? 1371 GLU A OE1 1 
ATOM   485  O OE2 . GLU A 1 80  ? 0.461   13.348  1.201   1.00 25.49  ? 1371 GLU A OE2 1 
ATOM   486  N N   . ALA A 1 81  ? -4.705  13.862  3.438   1.00 14.16  ? 1372 ALA A N   1 
ATOM   487  C CA  . ALA A 1 81  ? -5.680  14.413  4.425   1.00 14.57  ? 1372 ALA A CA  1 
ATOM   488  C C   . ALA A 1 81  ? -5.080  14.510  5.824   1.00 15.22  ? 1372 ALA A C   1 
ATOM   489  O O   . ALA A 1 81  ? -5.694  15.120  6.730   1.00 15.91  ? 1372 ALA A O   1 
ATOM   490  C CB  . ALA A 1 81  ? -6.944  13.599  4.415   1.00 16.28  ? 1372 ALA A CB  1 
ATOM   491  N N   . GLY A 1 82  ? -3.922  13.885  6.086   1.00 14.78  ? 1373 GLY A N   1 
ATOM   492  C CA  . GLY A 1 82  ? -3.424  13.766  7.462   1.00 13.42  ? 1373 GLY A CA  1 
ATOM   493  C C   . GLY A 1 82  ? -4.182  12.776  8.288   1.00 13.11  ? 1373 GLY A C   1 
ATOM   494  O O   . GLY A 1 82  ? -4.397  12.997  9.480   1.00 13.94  ? 1373 GLY A O   1 
ATOM   495  N N   . ASN A 1 83  ? -4.657  11.676  7.699   1.00 12.57  ? 1374 ASN A N   1 
ATOM   496  C CA  . ASN A 1 83  ? -5.475  10.676  8.415   1.00 13.27  ? 1374 ASN A CA  1 
ATOM   497  C C   . ASN A 1 83  ? -4.722  9.331   8.590   1.00 13.10  ? 1374 ASN A C   1 
ATOM   498  O O   . ASN A 1 83  ? -5.319  8.359   8.996   1.00 14.28  ? 1374 ASN A O   1 
ATOM   499  C CB  . ASN A 1 83  ? -6.776  10.530  7.638   1.00 13.93  ? 1374 ASN A CB  1 
ATOM   500  C CG  . ASN A 1 83  ? -7.751  11.689  7.732   1.00 15.17  ? 1374 ASN A CG  1 
ATOM   501  O OD1 . ASN A 1 83  ? -8.817  11.590  7.124   1.00 18.68  ? 1374 ASN A OD1 1 
ATOM   502  N ND2 . ASN A 1 83  ? -7.488  12.715  8.521   1.00 15.74  ? 1374 ASN A ND2 1 
ATOM   503  N N   . TYR A 1 84  ? -3.411  9.313   8.332   1.00 13.81  ? 1375 TYR A N   1 
ATOM   504  C CA  . TYR A 1 84  ? -2.533  8.240   8.848   1.00 13.01  ? 1375 TYR A CA  1 
ATOM   505  C C   . TYR A 1 84  ? -1.688  8.839   9.987   1.00 13.50  ? 1375 TYR A C   1 
ATOM   506  O O   . TYR A 1 84  ? -1.077  9.876   9.790   1.00 14.54  ? 1375 TYR A O   1 
ATOM   507  C CB  . TYR A 1 84  ? -1.626  7.657   7.743   1.00 12.59  ? 1375 TYR A CB  1 
ATOM   508  C CG  . TYR A 1 84  ? -2.294  6.803   6.703   1.00 11.91  ? 1375 TYR A CG  1 
ATOM   509  C CD1 . TYR A 1 84  ? -3.121  5.745   7.038   1.00 13.12  ? 1375 TYR A CD1 1 
ATOM   510  C CD2 . TYR A 1 84  ? -2.142  7.062   5.350   1.00 12.44  ? 1375 TYR A CD2 1 
ATOM   511  C CE1 . TYR A 1 84  ? -3.741  4.947   6.090   1.00 12.21  ? 1375 TYR A CE1 1 
ATOM   512  C CE2 . TYR A 1 84  ? -2.722  6.251   4.389   1.00 12.21  ? 1375 TYR A CE2 1 
ATOM   513  C CZ  . TYR A 1 84  ? -3.552  5.218   4.754   1.00 12.45  ? 1375 TYR A CZ  1 
ATOM   514  O OH  . TYR A 1 84  ? -4.161  4.480   3.781   1.00 13.53  ? 1375 TYR A OH  1 
ATOM   515  N N   . GLU A 1 85  ? -1.596  8.101   11.110  1.00 14.29  ? 1376 GLU A N   1 
ATOM   516  C CA  . GLU A 1 85  ? -0.686  8.496   12.228  1.00 15.11  ? 1376 GLU A CA  1 
ATOM   517  C C   . GLU A 1 85  ? 0.732   7.926   12.051  1.00 16.12  ? 1376 GLU A C   1 
ATOM   518  O O   . GLU A 1 85  ? 1.703   8.541   12.574  1.00 19.56  ? 1376 GLU A O   1 
ATOM   519  C CB  . GLU A 1 85  ? -1.268  8.093   13.585  1.00 17.36  ? 1376 GLU A CB  1 
ATOM   520  C CG  . GLU A 1 85  ? -0.391  8.551   14.741  1.00 23.26  ? 1376 GLU A CG  1 
ATOM   521  C CD  . GLU A 1 85  ? -1.029  8.353   16.104  1.00 29.56  ? 1376 GLU A CD  1 
ATOM   522  O OE1 . GLU A 1 85  ? -1.950  7.502   16.209  1.00 37.69  ? 1376 GLU A OE1 1 
ATOM   523  O OE2 . GLU A 1 85  ? -0.624  9.100   17.054  1.00 35.29  ? 1376 GLU A OE2 1 
ATOM   524  N N   . SER A 1 86  ? 0.890   6.835   11.304  1.00 14.47  ? 1377 SER A N   1 
ATOM   525  C CA  . SER A 1 86  ? 2.168   6.098   11.215  1.00 14.39  ? 1377 SER A CA  1 
ATOM   526  C C   . SER A 1 86  ? 2.254   5.405   9.873   1.00 13.62  ? 1377 SER A C   1 
ATOM   527  O O   . SER A 1 86  ? 1.228   5.138   9.222   1.00 13.15  ? 1377 SER A O   1 
ATOM   528  C CB  . SER A 1 86  ? 2.291   5.048   12.298  1.00 13.92  ? 1377 SER A CB  1 
ATOM   529  O OG  . SER A 1 86  ? 1.379   3.997   12.057  1.00 15.38  ? 1377 SER A OG  1 
ATOM   530  N N   . PRO A 1 87  ? 3.487   5.064   9.426   1.00 12.88  ? 1378 PRO A N   1 
ATOM   531  C CA  . PRO A 1 87  ? 3.615   4.295   8.192   1.00 12.51  ? 1378 PRO A CA  1 
ATOM   532  C C   . PRO A 1 87  ? 3.103   2.861   8.335   1.00 12.55  ? 1378 PRO A C   1 
ATOM   533  O O   . PRO A 1 87  ? 2.752   2.273   7.322   1.00 12.44  ? 1378 PRO A O   1 
ATOM   534  C CB  . PRO A 1 87  ? 5.132   4.317   7.922   1.00 13.65  ? 1378 PRO A CB  1 
ATOM   535  C CG  . PRO A 1 87  ? 5.778   4.498   9.320   1.00 12.96  ? 1378 PRO A CG  1 
ATOM   536  C CD  . PRO A 1 87  ? 4.806   5.460   9.985   1.00 13.50  ? 1378 PRO A CD  1 
ATOM   537  N N   . MET A 1 88  ? 2.989   2.323   9.561   1.00 11.65  ? 1379 MET A N   1 
ATOM   538  C CA  . MET A 1 88  ? 2.367   0.999   9.749   1.00 12.60  ? 1379 MET A CA  1 
ATOM   539  C C   . MET A 1 88  ? 0.900   0.980   9.300   1.00 11.58  ? 1379 MET A C   1 
ATOM   540  O O   . MET A 1 88  ? 0.413   0.051   8.730   1.00 11.90  ? 1379 MET A O   1 
ATOM   541  C CB  . MET A 1 88  ? 2.471   0.533   11.204  1.00 12.95  ? 1379 MET A CB  1 
ATOM   542  C CG  . MET A 1 88  ? 3.924   0.364   11.682  1.00 13.65  ? 1379 MET A CG  1 
ATOM   543  S SD  . MET A 1 88  ? 4.788   1.846   12.245  1.00 15.85  ? 1379 MET A SD  1 
ATOM   544  C CE  . MET A 1 88  ? 4.078   1.963   13.888  1.00 18.23  ? 1379 MET A CE  1 
ATOM   545  N N   . GLU A 1 89  ? 0.160   2.067   9.578   1.00 12.04  ? 1380 GLU A N   1 
ATOM   546  C CA  . GLU A 1 89  ? -1.240  2.159   9.134   1.00 11.98  ? 1380 GLU A CA  1 
ATOM   547  C C   . GLU A 1 89  ? -1.316  2.211   7.609   1.00 11.58  ? 1380 GLU A C   1 
ATOM   548  O O   . GLU A 1 89  ? -2.202  1.557   7.016   1.00 12.37  ? 1380 GLU A O   1 
ATOM   549  C CB  . GLU A 1 89  ? -1.903  3.391   9.745   1.00 13.10  ? 1380 GLU A CB  1 
ATOM   550  C CG  . GLU A 1 89  ? -2.092  3.361   11.243  1.00 14.42  ? 1380 GLU A CG  1 
ATOM   551  C CD  . GLU A 1 89  ? -2.710  4.643   11.781  1.00 16.21  ? 1380 GLU A CD  1 
ATOM   552  O OE1 . GLU A 1 89  ? -2.866  5.576   11.031  1.00 16.13  ? 1380 GLU A OE1 1 
ATOM   553  O OE2 . GLU A 1 89  ? -3.112  4.643   12.987  1.00 21.17  ? 1380 GLU A OE2 1 
ATOM   554  N N   . LEU A 1 90  ? -0.457  2.989   6.945   1.00 11.41  ? 1381 LEU A N   1 
ATOM   555  C CA  . LEU A 1 90  ? -0.454  3.039   5.474   1.00 11.99  ? 1381 LEU A CA  1 
ATOM   556  C C   . LEU A 1 90  ? -0.131  1.643   4.906   1.00 11.51  ? 1381 LEU A C   1 
ATOM   557  O O   . LEU A 1 90  ? -0.781  1.198   3.963   1.00 11.24  ? 1381 LEU A O   1 
ATOM   558  C CB  . LEU A 1 90  ? 0.565   4.077   5.006   1.00 12.26  ? 1381 LEU A CB  1 
ATOM   559  C CG  . LEU A 1 90  ? 0.738   4.232   3.478   1.00 12.90  ? 1381 LEU A CG  1 
ATOM   560  C CD1 . LEU A 1 90  ? 0.973   5.666   3.064   1.00 12.89  ? 1381 LEU A CD1 1 
ATOM   561  C CD2 . LEU A 1 90  ? 1.819   3.311   2.943   1.00 12.69  ? 1381 LEU A CD2 1 
ATOM   562  N N   A CYS A 1 91  ? 0.853   0.969   5.493   0.35 11.93  ? 1382 CYS A N   1 
ATOM   563  N N   B CYS A 1 91  ? 0.855   0.952   5.472   0.15 11.84  ? 1382 CYS A N   1 
ATOM   564  C CA  A CYS A 1 91  ? 1.303   -0.382  5.078   0.35 12.46  ? 1382 CYS A CA  1 
ATOM   565  C CA  B CYS A 1 91  ? 1.217   -0.427  5.056   0.15 12.15  ? 1382 CYS A CA  1 
ATOM   566  C C   A CYS A 1 91  ? 0.132   -1.386  5.202   0.35 12.36  ? 1382 CYS A C   1 
ATOM   567  C C   B CYS A 1 91  ? 0.017   -1.354  5.130   0.15 12.29  ? 1382 CYS A C   1 
ATOM   568  O O   A CYS A 1 91  ? -0.002  -2.248  4.336   0.35 13.62  ? 1382 CYS A O   1 
ATOM   569  O O   B CYS A 1 91  ? -0.197  -2.142  4.194   0.15 12.82  ? 1382 CYS A O   1 
ATOM   570  C CB  A CYS A 1 91  ? 2.539   -0.774  5.889   0.35 12.34  ? 1382 CYS A CB  1 
ATOM   571  C CB  B CYS A 1 91  ? 2.253   -1.040  5.973   0.15 12.11  ? 1382 CYS A CB  1 
ATOM   572  S SG  A CYS A 1 91  ? 3.356   -2.284  5.308   0.35 14.37  ? 1382 CYS A SG  1 
ATOM   573  S SG  B CYS A 1 91  ? 3.879   -0.407  5.551   0.15 12.44  ? 1382 CYS A SG  1 
ATOM   574  N N   . LYS A 1 92  ? -0.700  -1.292  6.249   1.00 12.55  ? 1383 LYS A N   1 
ATOM   575  C CA  . LYS A 1 92  ? -1.844  -2.196  6.419   1.00 13.47  ? 1383 LYS A CA  1 
ATOM   576  C C   . LYS A 1 92  ? -2.812  -1.984  5.239   1.00 12.88  ? 1383 LYS A C   1 
ATOM   577  O O   . LYS A 1 92  ? -3.338  -2.977  4.694   1.00 13.86  ? 1383 LYS A O   1 
ATOM   578  C CB  . LYS A 1 92  ? -2.474  -1.907  7.781   1.00 15.78  ? 1383 LYS A CB  1 
ATOM   579  C CG  . LYS A 1 92  ? -3.683  -2.766  8.103   1.00 18.43  ? 1383 LYS A CG  1 
ATOM   580  C CD  . LYS A 1 92  ? -4.131  -2.624  9.549   1.00 21.97  ? 1383 LYS A CD  1 
ATOM   581  C CE  . LYS A 1 92  ? -5.483  -3.268  9.788   1.00 29.91  ? 1383 LYS A CE  1 
ATOM   582  N NZ  . LYS A 1 92  ? -6.090  -2.899  11.101  1.00 34.88  ? 1383 LYS A NZ  1 
ATOM   583  N N   . ASP A 1 93  ? -3.132  -0.745  4.882   1.00 11.88  ? 1384 ASP A N   1 
ATOM   584  C CA  . ASP A 1 93  ? -4.061  -0.488  3.750   1.00 12.36  ? 1384 ASP A CA  1 
ATOM   585  C C   . ASP A 1 93  ? -3.451  -0.977  2.423   1.00 11.13  ? 1384 ASP A C   1 
ATOM   586  O O   . ASP A 1 93  ? -4.171  -1.530  1.593   1.00 11.60  ? 1384 ASP A O   1 
ATOM   587  C CB  . ASP A 1 93  ? -4.488  0.963   3.666   1.00 12.55  ? 1384 ASP A CB  1 
ATOM   588  C CG  . ASP A 1 93  ? -5.498  1.407   4.710   1.00 16.86  ? 1384 ASP A CG  1 
ATOM   589  O OD1 . ASP A 1 93  ? -6.025  0.529   5.409   1.00 19.66  ? 1384 ASP A OD1 1 
ATOM   590  O OD2 . ASP A 1 93  ? -5.749  2.629   4.778   1.00 15.30  ? 1384 ASP A OD2 1 
ATOM   591  N N   . VAL A 1 94  ? -2.155  -0.743  2.173   1.00 11.01  ? 1385 VAL A N   1 
ATOM   592  C CA  . VAL A 1 94  ? -1.538  -1.215  0.891   1.00 11.20  ? 1385 VAL A CA  1 
ATOM   593  C C   . VAL A 1 94  ? -1.601  -2.752  0.886   1.00 11.32  ? 1385 VAL A C   1 
ATOM   594  O O   . VAL A 1 94  ? -1.936  -3.356  -0.142  1.00 11.59  ? 1385 VAL A O   1 
ATOM   595  C CB  . VAL A 1 94  ? -0.103  -0.693  0.718   1.00 11.12  ? 1385 VAL A CB  1 
ATOM   596  C CG1 . VAL A 1 94  ? 0.625   -1.376  -0.425  1.00 11.59  ? 1385 VAL A CG1 1 
ATOM   597  C CG2 . VAL A 1 94  ? -0.115  0.813   0.512   1.00 10.84  ? 1385 VAL A CG2 1 
ATOM   598  N N   . ARG A 1 95  ? -1.324  -3.424  2.010   1.00 11.61  ? 1386 ARG A N   1 
ATOM   599  C CA  . ARG A 1 95  ? -1.352  -4.896  2.031   1.00 11.70  ? 1386 ARG A CA  1 
ATOM   600  C C   . ARG A 1 95  ? -2.784  -5.384  1.779   1.00 11.32  ? 1386 ARG A C   1 
ATOM   601  O O   . ARG A 1 95  ? -2.935  -6.451  1.184   1.00 12.22  ? 1386 ARG A O   1 
ATOM   602  C CB  . ARG A 1 95  ? -0.720  -5.421  3.330   1.00 12.01  ? 1386 ARG A CB  1 
ATOM   603  C CG  . ARG A 1 95  ? 0.805   -5.277  3.326   1.00 13.27  ? 1386 ARG A CG  1 
ATOM   604  C CD  . ARG A 1 95  ? 1.401   -5.528  4.699   1.00 15.30  ? 1386 ARG A CD  1 
ATOM   605  N NE  . ARG A 1 95  ? 2.848   -5.401  4.660   1.00 16.59  ? 1386 ARG A NE  1 
ATOM   606  C CZ  . ARG A 1 95  ? 3.636   -5.531  5.738   1.00 20.52  ? 1386 ARG A CZ  1 
ATOM   607  N NH1 . ARG A 1 95  ? 3.111   -5.645  6.961   1.00 21.11  ? 1386 ARG A NH1 1 
ATOM   608  N NH2 . ARG A 1 95  ? 4.951   -5.468  5.597   1.00 22.39  ? 1386 ARG A NH2 1 
ATOM   609  N N   . LEU A 1 96  ? -3.809  -4.630  2.187   1.00 11.41  ? 1387 LEU A N   1 
ATOM   610  C CA  . LEU A 1 96  ? -5.236  -4.971  1.907   1.00 11.84  ? 1387 LEU A CA  1 
ATOM   611  C C   . LEU A 1 96  ? -5.500  -4.905  0.388   1.00 11.25  ? 1387 LEU A C   1 
ATOM   612  O O   . LEU A 1 96  ? -6.248  -5.734  -0.152  1.00 12.08  ? 1387 LEU A O   1 
ATOM   613  C CB  . LEU A 1 96  ? -6.144  -3.998  2.674   1.00 12.88  ? 1387 LEU A CB  1 
ATOM   614  C CG  . LEU A 1 96  ? -7.644  -4.200  2.546   1.00 13.94  ? 1387 LEU A CG  1 
ATOM   615  C CD1 . LEU A 1 96  ? -8.069  -5.546  3.003   1.00 14.41  ? 1387 LEU A CD1 1 
ATOM   616  C CD2 . LEU A 1 96  ? -8.395  -3.142  3.346   1.00 14.19  ? 1387 LEU A CD2 1 
ATOM   617  N N   . ILE A 1 97  ? -4.909  -3.974  -0.359  1.00 12.39  ? 1388 ILE A N   1 
ATOM   618  C CA  . ILE A 1 97  ? -5.067  -3.995  -1.841  1.00 12.03  ? 1388 ILE A CA  1 
ATOM   619  C C   . ILE A 1 97  ? -4.640  -5.376  -2.364  1.00 11.63  ? 1388 ILE A C   1 
ATOM   620  O O   . ILE A 1 97  ? -5.339  -5.959  -3.198  1.00 11.84  ? 1388 ILE A O   1 
ATOM   621  C CB  . ILE A 1 97  ? -4.226  -2.870  -2.474  1.00 12.47  ? 1388 ILE A CB  1 
ATOM   622  C CG1 . ILE A 1 97  ? -4.702  -1.486  -2.026  1.00 11.98  ? 1388 ILE A CG1 1 
ATOM   623  C CG2 . ILE A 1 97  ? -4.265  -2.981  -3.980  1.00 12.57  ? 1388 ILE A CG2 1 
ATOM   624  C CD1 . ILE A 1 97  ? -3.757  -0.347  -2.376  1.00 13.02  ? 1388 ILE A CD1 1 
ATOM   625  N N   . PHE A 1 98  ? -3.519  -5.878  -1.865  1.00 11.07  ? 1389 PHE A N   1 
ATOM   626  C CA  . PHE A 1 98  ? -2.912  -7.125  -2.403  1.00 12.31  ? 1389 PHE A CA  1 
ATOM   627  C C   . PHE A 1 98  ? -3.728  -8.321  -1.916  1.00 11.94  ? 1389 PHE A C   1 
ATOM   628  O O   . PHE A 1 98  ? -3.984  -9.235  -2.700  1.00 11.91  ? 1389 PHE A O   1 
ATOM   629  C CB  . PHE A 1 98  ? -1.408  -7.200  -2.086  1.00 12.76  ? 1389 PHE A CB  1 
ATOM   630  C CG  . PHE A 1 98  ? -0.612  -6.052  -2.674  1.00 12.98  ? 1389 PHE A CG  1 
ATOM   631  C CD1 . PHE A 1 98  ? -0.805  -5.653  -3.984  1.00 14.78  ? 1389 PHE A CD1 1 
ATOM   632  C CD2 . PHE A 1 98  ? 0.303   -5.338  -1.916  1.00 13.25  ? 1389 PHE A CD2 1 
ATOM   633  C CE1 . PHE A 1 98  ? -0.061  -4.610  -4.544  1.00 15.17  ? 1389 PHE A CE1 1 
ATOM   634  C CE2 . PHE A 1 98  ? 1.039   -4.296  -2.498  1.00 13.69  ? 1389 PHE A CE2 1 
ATOM   635  C CZ  . PHE A 1 98  ? 0.840   -3.964  -3.790  1.00 14.43  ? 1389 PHE A CZ  1 
ATOM   636  N N   . SER A 1 99  ? -4.130  -8.345  -0.636  1.00 12.13  ? 1390 SER A N   1 
ATOM   637  C CA  . SER A 1 99  ? -4.939  -9.499  -0.147  1.00 12.54  ? 1390 SER A CA  1 
ATOM   638  C C   . SER A 1 99  ? -6.306  -9.522  -0.846  1.00 12.21  ? 1390 SER A C   1 
ATOM   639  O O   . SER A 1 99  ? -6.816  -10.641 -1.150  1.00 12.52  ? 1390 SER A O   1 
ATOM   640  C CB  . SER A 1 99  ? -5.042  -9.531  1.357   1.00 13.07  ? 1390 SER A CB  1 
ATOM   641  O OG  . SER A 1 99  ? -5.703  -8.397  1.845   1.00 14.32  ? 1390 SER A OG  1 
ATOM   642  N N   . ASN A 1 100 ? -6.900  -8.380  -1.154  1.00 11.92  ? 1391 ASN A N   1 
ATOM   643  C CA  . ASN A 1 100 ? -8.165  -8.347  -1.931  1.00 11.81  ? 1391 ASN A CA  1 
ATOM   644  C C   . ASN A 1 100 ? -7.951  -8.979  -3.296  1.00 12.15  ? 1391 ASN A C   1 
ATOM   645  O O   . ASN A 1 100 ? -8.806  -9.780  -3.752  1.00 13.34  ? 1391 ASN A O   1 
ATOM   646  C CB  . ASN A 1 100 ? -8.735  -6.952  -2.038  1.00 11.90  ? 1391 ASN A CB  1 
ATOM   647  C CG  . ASN A 1 100 ? -9.322  -6.398  -0.768  1.00 12.80  ? 1391 ASN A CG  1 
ATOM   648  O OD1 . ASN A 1 100 ? -9.574  -7.127  0.202   1.00 13.02  ? 1391 ASN A OD1 1 
ATOM   649  N ND2 . ASN A 1 100 ? -9.623  -5.126  -0.794  1.00 13.28  ? 1391 ASN A ND2 1 
ATOM   650  N N   . SER A 1 101 ? -6.871  -8.654  -3.984  1.00 12.38  ? 1392 SER A N   1 
ATOM   651  C CA  . SER A 1 101 ? -6.591  -9.234  -5.309  1.00 12.30  ? 1392 SER A CA  1 
ATOM   652  C C   . SER A 1 101 ? -6.455  -10.756 -5.185  1.00 12.40  ? 1392 SER A C   1 
ATOM   653  O O   . SER A 1 101 ? -7.004  -11.496 -6.039  1.00 12.79  ? 1392 SER A O   1 
ATOM   654  C CB  . SER A 1 101 ? -5.392  -8.562  -5.937  1.00 11.78  ? 1392 SER A CB  1 
ATOM   655  O OG  . SER A 1 101 ? -5.162  -9.081  -7.237  1.00 13.58  ? 1392 SER A OG  1 
ATOM   656  N N   . LYS A 1 102 ? -5.746  -11.266 -4.196  1.00 12.35  ? 1393 LYS A N   1 
ATOM   657  C CA  . LYS A 1 102 ? -5.594  -12.726 -3.990  1.00 13.60  ? 1393 LYS A CA  1 
ATOM   658  C C   . LYS A 1 102 ? -6.937  -13.392 -3.666  1.00 14.13  ? 1393 LYS A C   1 
ATOM   659  O O   . LYS A 1 102 ? -7.157  -14.513 -4.141  1.00 15.53  ? 1393 LYS A O   1 
ATOM   660  C CB  . LYS A 1 102 ? -4.593  -12.947 -2.879  1.00 13.62  ? 1393 LYS A CB  1 
ATOM   661  C CG  . LYS A 1 102 ? -4.158  -14.399 -2.694  1.00 14.68  ? 1393 LYS A CG  1 
ATOM   662  C CD  . LYS A 1 102 ? -3.027  -14.534 -1.749  1.00 15.66  ? 1393 LYS A CD  1 
ATOM   663  C CE  . LYS A 1 102 ? -2.419  -15.926 -1.755  1.00 17.57  ? 1393 LYS A CE  1 
ATOM   664  N NZ  . LYS A 1 102 ? -1.276  -16.007 -0.829  1.00 20.35  ? 1393 LYS A NZ  1 
ATOM   665  N N   . ALA A 1 103 ? -7.789  -12.743 -2.900  1.00 13.92  ? 1394 ALA A N   1 
ATOM   666  C CA  . ALA A 1 103 ? -9.086  -13.331 -2.535  1.00 14.73  ? 1394 ALA A CA  1 
ATOM   667  C C   . ALA A 1 103 ? -10.014 -13.322 -3.740  1.00 14.86  ? 1394 ALA A C   1 
ATOM   668  O O   . ALA A 1 103 ? -10.840 -14.268 -3.887  1.00 16.35  ? 1394 ALA A O   1 
ATOM   669  C CB  . ALA A 1 103 ? -9.678  -12.543 -1.387  1.00 14.20  ? 1394 ALA A CB  1 
ATOM   670  N N   . TYR A 1 104 ? -9.973  -12.302 -4.605  1.00 13.47  ? 1395 TYR A N   1 
ATOM   671  C CA  . TYR A 1 104 ? -10.924 -12.198 -5.736  1.00 13.71  ? 1395 TYR A CA  1 
ATOM   672  C C   . TYR A 1 104 ? -10.474 -13.028 -6.939  1.00 14.54  ? 1395 TYR A C   1 
ATOM   673  O O   . TYR A 1 104 ? -11.310 -13.384 -7.795  1.00 14.59  ? 1395 TYR A O   1 
ATOM   674  C CB  . TYR A 1 104 ? -11.209 -10.745 -6.121  1.00 14.80  ? 1395 TYR A CB  1 
ATOM   675  C CG  . TYR A 1 104 ? -12.388 -10.660 -7.067  1.00 16.02  ? 1395 TYR A CG  1 
ATOM   676  C CD1 . TYR A 1 104 ? -13.694 -10.938 -6.675  1.00 16.42  ? 1395 TYR A CD1 1 
ATOM   677  C CD2 . TYR A 1 104 ? -12.152 -10.281 -8.377  1.00 18.18  ? 1395 TYR A CD2 1 
ATOM   678  C CE1 . TYR A 1 104 ? -14.735 -10.903 -7.615  1.00 17.36  ? 1395 TYR A CE1 1 
ATOM   679  C CE2 . TYR A 1 104 ? -13.176 -10.230 -9.309  1.00 19.01  ? 1395 TYR A CE2 1 
ATOM   680  C CZ  . TYR A 1 104 ? -14.456 -10.537 -8.917  1.00 17.79  ? 1395 TYR A CZ  1 
ATOM   681  O OH  . TYR A 1 104 ? -15.443 -10.480 -9.884  1.00 22.87  ? 1395 TYR A OH  1 
ATOM   682  N N   . THR A 1 105 ? -9.211  -13.330 -7.084  1.00 15.28  ? 1396 THR A N   1 
ATOM   683  C CA  . THR A 1 105 ? -8.726  -13.969 -8.322  1.00 13.73  ? 1396 THR A CA  1 
ATOM   684  C C   . THR A 1 105 ? -9.340  -15.371 -8.498  1.00 16.54  ? 1396 THR A C   1 
ATOM   685  O O   . THR A 1 105 ? -9.401  -16.145 -7.541  1.00 16.18  ? 1396 THR A O   1 
ATOM   686  C CB  . THR A 1 105 ? -7.196  -14.003 -8.400  1.00 14.13  ? 1396 THR A CB  1 
ATOM   687  O OG1 . THR A 1 105 ? -6.861  -14.331 -9.751  1.00 15.06  ? 1396 THR A OG1 1 
ATOM   688  C CG2 . THR A 1 105 ? -6.539  -15.009 -7.488  1.00 14.20  ? 1396 THR A CG2 1 
ATOM   689  N N   . PRO A 1 106 ? -9.764  -15.767 -9.722  1.00 16.90  ? 1397 PRO A N   1 
ATOM   690  C CA  . PRO A 1 106 ? -10.269 -17.127 -9.938  1.00 17.09  ? 1397 PRO A CA  1 
ATOM   691  C C   . PRO A 1 106 ? -9.139  -18.136 -10.107 1.00 18.19  ? 1397 PRO A C   1 
ATOM   692  O O   . PRO A 1 106 ? -9.364  -19.349 -10.054 1.00 19.41  ? 1397 PRO A O   1 
ATOM   693  C CB  . PRO A 1 106 ? -11.095 -16.963 -11.226 1.00 18.93  ? 1397 PRO A CB  1 
ATOM   694  C CG  . PRO A 1 106 ? -10.447 -15.821 -11.994 1.00 20.91  ? 1397 PRO A CG  1 
ATOM   695  C CD  . PRO A 1 106 ? -9.910  -14.914 -10.910 1.00 18.30  ? 1397 PRO A CD  1 
ATOM   696  N N   . SER A 1 107 ? -7.904  -17.642 -10.336 1.00 17.28  ? 1398 SER A N   1 
ATOM   697  C CA  . SER A 1 107 ? -6.712  -18.455 -10.630 1.00 17.70  ? 1398 SER A CA  1 
ATOM   698  C C   . SER A 1 107 ? -5.445  -17.727 -10.167 1.00 17.72  ? 1398 SER A C   1 
ATOM   699  O O   . SER A 1 107 ? -5.337  -16.480 -10.265 1.00 16.40  ? 1398 SER A O   1 
ATOM   700  C CB  . SER A 1 107 ? -6.646  -18.736 -12.097 1.00 21.06  ? 1398 SER A CB  1 
ATOM   701  O OG  . SER A 1 107 ? -5.378  -19.208 -12.447 1.00 23.19  ? 1398 SER A OG  1 
ATOM   702  N N   . LYS A 1 108 ? -4.455  -18.506 -9.724  1.00 19.96  ? 1399 LYS A N   1 
ATOM   703  C CA  . LYS A 1 108 ? -3.118  -17.979 -9.356  1.00 21.94  ? 1399 LYS A CA  1 
ATOM   704  C C   . LYS A 1 108 ? -2.410  -17.487 -10.620 1.00 22.54  ? 1399 LYS A C   1 
ATOM   705  O O   . LYS A 1 108 ? -1.454  -16.714 -10.478 1.00 20.47  ? 1399 LYS A O   1 
ATOM   706  C CB  . LYS A 1 108 ? -2.300  -19.039 -8.612  1.00 24.08  ? 1399 LYS A CB  1 
ATOM   707  C CG  . LYS A 1 108 ? -2.896  -19.455 -7.269  1.00 26.22  ? 1399 LYS A CG  1 
ATOM   708  C CD  . LYS A 1 108 ? -1.976  -19.274 -6.077  1.00 29.26  ? 1399 LYS A CD  1 
ATOM   709  C CE  . LYS A 1 108 ? -2.673  -19.490 -4.747  1.00 29.89  ? 1399 LYS A CE  1 
ATOM   710  N NZ  . LYS A 1 108 ? -3.417  -18.289 -4.296  1.00 31.93  ? 1399 LYS A NZ  1 
ATOM   711  N N   . ARG A 1 109 ? -2.884  -17.891 -11.808 1.00 21.52  ? 1400 ARG A N   1 
ATOM   712  C CA  . ARG A 1 109 ? -2.259  -17.564 -13.120 1.00 25.10  ? 1400 ARG A CA  1 
ATOM   713  C C   . ARG A 1 109 ? -3.024  -16.435 -13.823 1.00 23.90  ? 1400 ARG A C   1 
ATOM   714  O O   . ARG A 1 109 ? -2.791  -16.228 -15.028 1.00 25.04  ? 1400 ARG A O   1 
ATOM   715  C CB  . ARG A 1 109 ? -2.196  -18.835 -13.976 1.00 28.64  ? 1400 ARG A CB  1 
ATOM   716  C CG  . ARG A 1 109 ? -1.591  -20.034 -13.257 1.00 32.17  ? 1400 ARG A CG  1 
ATOM   717  C CD  . ARG A 1 109 ? -1.674  -21.317 -14.070 1.00 35.35  ? 1400 ARG A CD  1 
ATOM   718  N NE  . ARG A 1 109 ? -1.029  -21.161 -15.369 1.00 37.33  ? 1400 ARG A NE  1 
ATOM   719  C CZ  . ARG A 1 109 ? -1.639  -20.831 -16.511 1.00 38.94  ? 1400 ARG A CZ  1 
ATOM   720  N NH1 . ARG A 1 109 ? -2.945  -20.615 -16.551 1.00 42.15  ? 1400 ARG A NH1 1 
ATOM   721  N NH2 . ARG A 1 109 ? -0.930  -20.707 -17.621 1.00 40.61  ? 1400 ARG A NH2 1 
ATOM   722  N N   . SER A 1 110 ? -3.875  -15.693 -13.108 1.00 21.31  ? 1401 SER A N   1 
ATOM   723  C CA  . SER A 1 110 ? -4.599  -14.536 -13.690 1.00 20.28  ? 1401 SER A CA  1 
ATOM   724  C C   . SER A 1 110 ? -3.617  -13.384 -13.944 1.00 17.39  ? 1401 SER A C   1 
ATOM   725  O O   . SER A 1 110 ? -2.636  -13.219 -13.185 1.00 16.68  ? 1401 SER A O   1 
ATOM   726  C CB  . SER A 1 110 ? -5.762  -14.120 -12.840 1.00 21.60  ? 1401 SER A CB  1 
ATOM   727  O OG  . SER A 1 110 ? -5.494  -12.920 -12.127 1.00 26.00  ? 1401 SER A OG  1 
ATOM   728  N N   . ARG A 1 111 ? -3.869  -12.618 -15.003 1.00 16.27  ? 1402 ARG A N   1 
ATOM   729  C CA  . ARG A 1 111 ? -3.086  -11.409 -15.363 1.00 15.76  ? 1402 ARG A CA  1 
ATOM   730  C C   . ARG A 1 111 ? -3.085  -10.434 -14.178 1.00 15.57  ? 1402 ARG A C   1 
ATOM   731  O O   . ARG A 1 111 ? -1.992  -10.054 -13.726 1.00 15.23  ? 1402 ARG A O   1 
ATOM   732  C CB  . ARG A 1 111 ? -3.708  -10.755 -16.603 1.00 16.39  ? 1402 ARG A CB  1 
ATOM   733  C CG  . ARG A 1 111 ? -3.125  -9.388  -16.926 1.00 16.95  ? 1402 ARG A CG  1 
ATOM   734  C CD  . ARG A 1 111 ? -1.754  -9.502  -17.573 1.00 17.82  ? 1402 ARG A CD  1 
ATOM   735  N NE  . ARG A 1 111 ? -0.982  -8.260  -17.628 1.00 19.65  ? 1402 ARG A NE  1 
ATOM   736  C CZ  . ARG A 1 111 ? -0.979  -7.383  -18.632 1.00 19.14  ? 1402 ARG A CZ  1 
ATOM   737  N NH1 . ARG A 1 111 ? -1.709  -7.577  -19.715 1.00 20.33  ? 1402 ARG A NH1 1 
ATOM   738  N NH2 . ARG A 1 111 ? -0.226  -6.294  -18.550 1.00 20.41  ? 1402 ARG A NH2 1 
ATOM   739  N N   . ILE A 1 112 ? -4.255  -9.987  -13.733 1.00 14.40  ? 1403 ILE A N   1 
ATOM   740  C CA  . ILE A 1 112 ? -4.352  -8.879  -12.729 1.00 14.48  ? 1403 ILE A CA  1 
ATOM   741  C C   . ILE A 1 112 ? -3.746  -9.354  -11.401 1.00 14.20  ? 1403 ILE A C   1 
ATOM   742  O O   . ILE A 1 112 ? -3.020  -8.557  -10.752 1.00 13.66  ? 1403 ILE A O   1 
ATOM   743  C CB  . ILE A 1 112 ? -5.791  -8.334  -12.598 1.00 14.42  ? 1403 ILE A CB  1 
ATOM   744  C CG1 . ILE A 1 112 ? -6.230  -7.622  -13.886 1.00 15.25  ? 1403 ILE A CG1 1 
ATOM   745  C CG2 . ILE A 1 112 ? -5.945  -7.406  -11.391 1.00 15.22  ? 1403 ILE A CG2 1 
ATOM   746  C CD1 . ILE A 1 112 ? -7.715  -7.348  -13.981 1.00 15.56  ? 1403 ILE A CD1 1 
ATOM   747  N N   . TYR A 1 113 ? -3.901  -10.627 -11.026 1.00 13.04  ? 1404 TYR A N   1 
ATOM   748  C CA  . TYR A 1 113 ? -3.282  -11.162 -9.790  1.00 13.02  ? 1404 TYR A CA  1 
ATOM   749  C C   . TYR A 1 113 ? -1.761  -11.137 -9.952  1.00 12.68  ? 1404 TYR A C   1 
ATOM   750  O O   . TYR A 1 113 ? -1.075  -10.697 -9.018  1.00 11.97  ? 1404 TYR A O   1 
ATOM   751  C CB  . TYR A 1 113 ? -3.823  -12.551 -9.455  1.00 13.63  ? 1404 TYR A CB  1 
ATOM   752  C CG  . TYR A 1 113 ? -3.149  -13.203 -8.275  1.00 13.70  ? 1404 TYR A CG  1 
ATOM   753  C CD1 . TYR A 1 113 ? -3.209  -12.634 -7.012  1.00 14.48  ? 1404 TYR A CD1 1 
ATOM   754  C CD2 . TYR A 1 113 ? -2.487  -14.414 -8.414  1.00 15.03  ? 1404 TYR A CD2 1 
ATOM   755  C CE1 . TYR A 1 113 ? -2.591  -13.239 -5.924  1.00 15.30  ? 1404 TYR A CE1 1 
ATOM   756  C CE2 . TYR A 1 113 ? -1.891  -15.041 -7.333  1.00 16.44  ? 1404 TYR A CE2 1 
ATOM   757  C CZ  . TYR A 1 113 ? -1.947  -14.453 -6.083  1.00 15.82  ? 1404 TYR A CZ  1 
ATOM   758  O OH  . TYR A 1 113 ? -1.359  -15.080 -5.016  1.00 17.35  ? 1404 TYR A OH  1 
ATOM   759  N N   A SER A 1 114 ? -1.231  -11.588 -11.094 0.31 12.69  ? 1405 SER A N   1 
ATOM   760  N N   B SER A 1 114 ? -1.221  -11.593 -11.077 0.31 12.89  ? 1405 SER A N   1 
ATOM   761  C CA  A SER A 1 114 ? 0.232   -11.618 -11.355 0.31 13.77  ? 1405 SER A CA  1 
ATOM   762  C CA  B SER A 1 114 ? 0.245   -11.618 -11.304 0.31 14.06  ? 1405 SER A CA  1 
ATOM   763  C C   A SER A 1 114 ? 0.821   -10.206 -11.244 0.31 13.12  ? 1405 SER A C   1 
ATOM   764  C C   B SER A 1 114 ? 0.828   -10.202 -11.227 0.31 13.31  ? 1405 SER A C   1 
ATOM   765  O O   A SER A 1 114 ? 1.945   -10.057 -10.729 0.31 12.47  ? 1405 SER A O   1 
ATOM   766  O O   B SER A 1 114 ? 1.956   -10.043 -10.729 0.31 12.62  ? 1405 SER A O   1 
ATOM   767  C CB  A SER A 1 114 ? 0.569   -12.269 -12.679 0.31 14.38  ? 1405 SER A CB  1 
ATOM   768  C CB  B SER A 1 114 ? 0.595   -12.291 -12.595 0.31 14.76  ? 1405 SER A CB  1 
ATOM   769  O OG  A SER A 1 114 ? 0.378   -11.386 -13.782 0.31 14.21  ? 1405 SER A OG  1 
ATOM   770  O OG  B SER A 1 114 ? 0.280   -13.672 -12.545 0.31 15.23  ? 1405 SER A OG  1 
ATOM   771  N N   . MET A 1 115 ? 0.105   -9.193  -11.725 1.00 12.70  ? 1406 MET A N   1 
ATOM   772  C CA  . MET A 1 115 ? 0.512   -7.768  -11.598 1.00 13.22  ? 1406 MET A CA  1 
ATOM   773  C C   . MET A 1 115 ? 0.584   -7.416  -10.105 1.00 12.32  ? 1406 MET A C   1 
ATOM   774  O O   . MET A 1 115 ? 1.550   -6.726  -9.693  1.00 11.97  ? 1406 MET A O   1 
ATOM   775  C CB  . MET A 1 115 ? -0.474  -6.859  -12.334 1.00 13.54  ? 1406 MET A CB  1 
ATOM   776  C CG  . MET A 1 115 ? -0.468  -7.098  -13.832 1.00 13.92  ? 1406 MET A CG  1 
ATOM   777  S SD  . MET A 1 115 ? -1.847  -6.370  -14.744 1.00 15.34  ? 1406 MET A SD  1 
ATOM   778  C CE  . MET A 1 115 ? -1.345  -4.660  -14.764 1.00 15.39  ? 1406 MET A CE  1 
ATOM   779  N N   . SER A 1 116 ? -0.352  -7.923  -9.296  1.00 11.93  ? 1407 SER A N   1 
ATOM   780  C CA  . SER A 1 116 ? -0.389  -7.614  -7.843  1.00 12.09  ? 1407 SER A CA  1 
ATOM   781  C C   . SER A 1 116 ? 0.862   -8.202  -7.176  1.00 11.87  ? 1407 SER A C   1 
ATOM   782  O O   . SER A 1 116 ? 1.411   -7.578  -6.281  1.00 12.53  ? 1407 SER A O   1 
ATOM   783  C CB  . SER A 1 116 ? -1.673  -8.099  -7.192  1.00 12.98  ? 1407 SER A CB  1 
ATOM   784  O OG  . SER A 1 116 ? -1.605  -9.461  -6.779  1.00 12.78  ? 1407 SER A OG  1 
ATOM   785  N N   . LEU A 1 117 ? 1.300   -9.403  -7.573  1.00 13.08  ? 1408 LEU A N   1 
ATOM   786  C CA  . LEU A 1 117 ? 2.425   -10.053 -6.878  1.00 13.03  ? 1408 LEU A CA  1 
ATOM   787  C C   . LEU A 1 117 ? 3.726   -9.299  -7.169  1.00 12.53  ? 1408 LEU A C   1 
ATOM   788  O O   . LEU A 1 117 ? 4.577   -9.115  -6.266  1.00 12.51  ? 1408 LEU A O   1 
ATOM   789  C CB  . LEU A 1 117 ? 2.580   -11.510 -7.299  1.00 14.18  ? 1408 LEU A CB  1 
ATOM   790  C CG  . LEU A 1 117 ? 1.462   -12.446 -6.844  1.00 15.56  ? 1408 LEU A CG  1 
ATOM   791  C CD1 . LEU A 1 117 ? 1.758   -13.871 -7.305  1.00 18.33  ? 1408 LEU A CD1 1 
ATOM   792  C CD2 . LEU A 1 117 ? 1.311   -12.395 -5.340  1.00 18.01  ? 1408 LEU A CD2 1 
ATOM   793  N N   . ARG A 1 118 ? 3.912   -8.829  -8.426  1.00 12.43  ? 1409 ARG A N   1 
ATOM   794  C CA  . ARG A 1 118 ? 5.131   -8.041  -8.741  1.00 13.27  ? 1409 ARG A CA  1 
ATOM   795  C C   . ARG A 1 118 ? 5.087   -6.703  -7.997  1.00 12.22  ? 1409 ARG A C   1 
ATOM   796  O O   . ARG A 1 118 ? 6.123   -6.255  -7.427  1.00 12.70  ? 1409 ARG A O   1 
ATOM   797  C CB  . ARG A 1 118 ? 5.274   -7.807  -10.247 1.00 13.27  ? 1409 ARG A CB  1 
ATOM   798  C CG  . ARG A 1 118 ? 5.618   -9.069  -11.033 1.00 13.15  ? 1409 ARG A CG  1 
ATOM   799  C CD  . ARG A 1 118 ? 5.945   -8.710  -12.483 1.00 14.84  ? 1409 ARG A CD  1 
ATOM   800  N NE  . ARG A 1 118 ? 4.866   -8.138  -13.238 1.00 14.72  ? 1409 ARG A NE  1 
ATOM   801  C CZ  . ARG A 1 118 ? 4.024   -8.780  -14.036 1.00 16.20  ? 1409 ARG A CZ  1 
ATOM   802  N NH1 . ARG A 1 118 ? 4.140   -10.064 -14.254 1.00 17.30  ? 1409 ARG A NH1 1 
ATOM   803  N NH2 . ARG A 1 118 ? 3.089   -8.068  -14.669 1.00 17.67  ? 1409 ARG A NH2 1 
ATOM   804  N N   . LEU A 1 119 ? 3.940   -6.060  -7.985  1.00 11.80  ? 1410 LEU A N   1 
ATOM   805  C CA  . LEU A 1 119 ? 3.818   -4.752  -7.318  1.00 12.15  ? 1410 LEU A CA  1 
ATOM   806  C C   . LEU A 1 119 ? 4.016   -4.880  -5.803  1.00 12.29  ? 1410 LEU A C   1 
ATOM   807  O O   . LEU A 1 119 ? 4.684   -3.998  -5.181  1.00 11.49  ? 1410 LEU A O   1 
ATOM   808  C CB  . LEU A 1 119 ? 2.488   -4.107  -7.653  1.00 13.89  ? 1410 LEU A CB  1 
ATOM   809  C CG  . LEU A 1 119 ? 2.390   -2.613  -7.344  1.00 14.96  ? 1410 LEU A CG  1 
ATOM   810  C CD1 . LEU A 1 119 ? 3.330   -1.848  -8.273  1.00 16.73  ? 1410 LEU A CD1 1 
ATOM   811  C CD2 . LEU A 1 119 ? 0.975   -2.120  -7.569  1.00 15.22  ? 1410 LEU A CD2 1 
ATOM   812  N N   . SER A 1 120 ? 3.524   -5.971  -5.214  1.00 11.63  ? 1411 SER A N   1 
ATOM   813  C CA  . SER A 1 120 ? 3.706   -6.252  -3.770  1.00 12.60  ? 1411 SER A CA  1 
ATOM   814  C C   . SER A 1 120 ? 5.201   -6.396  -3.482  1.00 12.04  ? 1411 SER A C   1 
ATOM   815  O O   . SER A 1 120 ? 5.698   -5.856  -2.476  1.00 12.27  ? 1411 SER A O   1 
ATOM   816  C CB  . SER A 1 120 ? 2.915   -7.469  -3.397  1.00 12.37  ? 1411 SER A CB  1 
ATOM   817  O OG  . SER A 1 120 ? 3.213   -7.846  -2.044  1.00 13.82  ? 1411 SER A OG  1 
ATOM   818  N N   . ALA A 1 121 ? 5.964   -7.137  -4.313  1.00 11.87  ? 1412 ALA A N   1 
ATOM   819  C CA  . ALA A 1 121 ? 7.401   -7.320  -4.045  1.00 12.46  ? 1412 ALA A CA  1 
ATOM   820  C C   . ALA A 1 121 ? 8.111   -5.978  -4.098  1.00 11.81  ? 1412 ALA A C   1 
ATOM   821  O O   . ALA A 1 121 ? 8.993   -5.672  -3.264  1.00 12.78  ? 1412 ALA A O   1 
ATOM   822  C CB  . ALA A 1 121 ? 7.987   -8.284  -5.056  1.00 14.15  ? 1412 ALA A CB  1 
ATOM   823  N N   . PHE A 1 122 ? 7.743   -5.142  -5.065  1.00 11.60  ? 1413 PHE A N   1 
ATOM   824  C CA  . PHE A 1 122 ? 8.369   -3.789  -5.183  1.00 11.96  ? 1413 PHE A CA  1 
ATOM   825  C C   . PHE A 1 122 ? 8.042   -2.941  -3.939  1.00 11.44  ? 1413 PHE A C   1 
ATOM   826  O O   . PHE A 1 122 ? 8.932   -2.289  -3.341  1.00 12.18  ? 1413 PHE A O   1 
ATOM   827  C CB  . PHE A 1 122 ? 7.877   -3.136  -6.473  1.00 12.04  ? 1413 PHE A CB  1 
ATOM   828  C CG  . PHE A 1 122 ? 8.314   -1.708  -6.665  1.00 13.82  ? 1413 PHE A CG  1 
ATOM   829  C CD1 . PHE A 1 122 ? 9.559   -1.430  -7.206  1.00 15.64  ? 1413 PHE A CD1 1 
ATOM   830  C CD2 . PHE A 1 122 ? 7.504   -0.636  -6.332  1.00 15.09  ? 1413 PHE A CD2 1 
ATOM   831  C CE1 . PHE A 1 122 ? 10.003  -0.122  -7.336  1.00 17.85  ? 1413 PHE A CE1 1 
ATOM   832  C CE2 . PHE A 1 122 ? 7.939   0.674   -6.516  1.00 16.53  ? 1413 PHE A CE2 1 
ATOM   833  C CZ  . PHE A 1 122 ? 9.190   0.928   -7.010  1.00 17.71  ? 1413 PHE A CZ  1 
ATOM   834  N N   . PHE A 1 123 ? 6.767   -2.952  -3.523  1.00 11.22  ? 1414 PHE A N   1 
ATOM   835  C CA  . PHE A 1 123 ? 6.340   -2.165  -2.342  1.00 11.56  ? 1414 PHE A CA  1 
ATOM   836  C C   . PHE A 1 123 ? 7.092   -2.641  -1.099  1.00 11.52  ? 1414 PHE A C   1 
ATOM   837  O O   . PHE A 1 123 ? 7.629   -1.821  -0.354  1.00 11.96  ? 1414 PHE A O   1 
ATOM   838  C CB  . PHE A 1 123 ? 4.823   -2.277  -2.127  1.00 12.27  ? 1414 PHE A CB  1 
ATOM   839  C CG  . PHE A 1 123 ? 4.330   -1.642  -0.836  1.00 12.02  ? 1414 PHE A CG  1 
ATOM   840  C CD1 . PHE A 1 123 ? 4.261   -0.273  -0.712  1.00 12.83  ? 1414 PHE A CD1 1 
ATOM   841  C CD2 . PHE A 1 123 ? 4.029   -2.454  0.263   1.00 12.45  ? 1414 PHE A CD2 1 
ATOM   842  C CE1 . PHE A 1 123 ? 3.860   0.295   0.497   1.00 12.79  ? 1414 PHE A CE1 1 
ATOM   843  C CE2 . PHE A 1 123 ? 3.615   -1.872  1.461   1.00 13.61  ? 1414 PHE A CE2 1 
ATOM   844  C CZ  . PHE A 1 123 ? 3.559   -0.524  1.553   1.00 12.77  ? 1414 PHE A CZ  1 
ATOM   845  N N   . GLU A 1 124 ? 7.146   -3.942  -0.854  1.00 10.84  ? 1415 GLU A N   1 
ATOM   846  C CA  . GLU A 1 124 ? 7.801   -4.478  0.356   1.00 12.42  ? 1415 GLU A CA  1 
ATOM   847  C C   . GLU A 1 124 ? 9.293   -4.129  0.357   1.00 13.20  ? 1415 GLU A C   1 
ATOM   848  O O   . GLU A 1 124 ? 9.861   -3.806  1.430   1.00 14.91  ? 1415 GLU A O   1 
ATOM   849  C CB  . GLU A 1 124 ? 7.565   -5.975  0.513   1.00 13.34  ? 1415 GLU A CB  1 
ATOM   850  C CG  . GLU A 1 124 ? 6.095   -6.346  0.801   1.00 14.58  ? 1415 GLU A CG  1 
ATOM   851  C CD  . GLU A 1 124 ? 5.496   -5.859  2.117   1.00 17.12  ? 1415 GLU A CD  1 
ATOM   852  O OE1 . GLU A 1 124 ? 6.267   -5.705  3.092   1.00 18.12  ? 1415 GLU A OE1 1 
ATOM   853  O OE2 . GLU A 1 124 ? 4.282   -5.665  2.173   1.00 15.95  ? 1415 GLU A OE2 1 
ATOM   854  N N   . GLU A 1 125 ? 9.953   -4.191  -0.805  1.00 12.51  ? 1416 GLU A N   1 
ATOM   855  C CA  . GLU A 1 125 ? 11.398  -3.854  -0.902  1.00 13.87  ? 1416 GLU A CA  1 
ATOM   856  C C   . GLU A 1 125 ? 11.632  -2.417  -0.463  1.00 13.82  ? 1416 GLU A C   1 
ATOM   857  O O   . GLU A 1 125 ? 12.650  -2.152  0.207   1.00 14.98  ? 1416 GLU A O   1 
ATOM   858  C CB  . GLU A 1 125 ? 11.784  -4.087  -2.361  1.00 13.48  ? 1416 GLU A CB  1 
ATOM   859  C CG  . GLU A 1 125 ? 13.197  -3.684  -2.741  1.00 15.18  ? 1416 GLU A CG  1 
ATOM   860  C CD  . GLU A 1 125 ? 13.422  -4.010  -4.217  1.00 15.60  ? 1416 GLU A CD  1 
ATOM   861  O OE1 . GLU A 1 125 ? 13.444  -5.215  -4.547  1.00 16.11  ? 1416 GLU A OE1 1 
ATOM   862  O OE2 . GLU A 1 125 ? 13.468  -3.062  -5.062  1.00 17.68  ? 1416 GLU A OE2 1 
ATOM   863  N N   . HIS A 1 126 ? 10.741  -1.516  -0.787  1.00 13.41  ? 1417 HIS A N   1 
ATOM   864  C CA  . HIS A 1 126 ? 10.896  -0.065  -0.521  1.00 14.72  ? 1417 HIS A CA  1 
ATOM   865  C C   . HIS A 1 126 ? 10.315  0.381   0.826   1.00 14.47  ? 1417 HIS A C   1 
ATOM   866  O O   . HIS A 1 126 ? 10.909  1.293   1.429   1.00 16.43  ? 1417 HIS A O   1 
ATOM   867  C CB  . HIS A 1 126 ? 10.263  0.724   -1.673  1.00 15.63  ? 1417 HIS A CB  1 
ATOM   868  C CG  . HIS A 1 126 ? 11.106  0.703   -2.897  1.00 19.12  ? 1417 HIS A CG  1 
ATOM   869  N ND1 . HIS A 1 126 ? 11.198  -0.376  -3.738  1.00 20.20  ? 1417 HIS A ND1 1 
ATOM   870  C CD2 . HIS A 1 126 ? 11.878  1.679   -3.417  1.00 25.68  ? 1417 HIS A CD2 1 
ATOM   871  C CE1 . HIS A 1 126 ? 12.123  -0.102  -4.670  1.00 20.70  ? 1417 HIS A CE1 1 
ATOM   872  N NE2 . HIS A 1 126 ? 12.474  1.160   -4.553  1.00 28.55  ? 1417 HIS A NE2 1 
ATOM   873  N N   . ILE A 1 127 ? 9.288   -0.275  1.380   1.00 12.87  ? 1418 ILE A N   1 
ATOM   874  C CA  . ILE A 1 127 ? 8.672   0.182   2.655   1.00 12.37  ? 1418 ILE A CA  1 
ATOM   875  C C   . ILE A 1 127 ? 9.517   -0.235  3.860   1.00 13.42  ? 1418 ILE A C   1 
ATOM   876  O O   . ILE A 1 127 ? 9.399   0.388   4.902   1.00 13.34  ? 1418 ILE A O   1 
ATOM   877  C CB  . ILE A 1 127 ? 7.218   -0.306  2.781   1.00 12.43  ? 1418 ILE A CB  1 
ATOM   878  C CG1 . ILE A 1 127 ? 6.348   0.560   3.712   1.00 13.14  ? 1418 ILE A CG1 1 
ATOM   879  C CG2 . ILE A 1 127 ? 7.163   -1.751  3.185   1.00 12.66  ? 1418 ILE A CG2 1 
ATOM   880  C CD1 . ILE A 1 127 ? 6.199   1.985   3.281   1.00 15.35  ? 1418 ILE A CD1 1 
ATOM   881  N N   A SER A 1 128 ? 10.351  -1.267  3.738   0.25 13.01  ? 1419 SER A N   1 
ATOM   882  N N   B SER A 1 128 ? 10.336  -1.283  3.718   0.25 13.38  ? 1419 SER A N   1 
ATOM   883  C CA  A SER A 1 128 ? 11.096  -1.827  4.899   0.25 13.31  ? 1419 SER A CA  1 
ATOM   884  C CA  B SER A 1 128 ? 11.175  -1.854  4.809   0.25 13.98  ? 1419 SER A CA  1 
ATOM   885  C C   A SER A 1 128 ? 11.972  -0.753  5.578   0.25 13.35  ? 1419 SER A C   1 
ATOM   886  C C   B SER A 1 128 ? 11.946  -0.751  5.551   0.25 13.82  ? 1419 SER A C   1 
ATOM   887  O O   A SER A 1 128 ? 11.944  -0.666  6.821   0.25 14.17  ? 1419 SER A O   1 
ATOM   888  O O   B SER A 1 128 ? 11.834  -0.668  6.792   0.25 14.95  ? 1419 SER A O   1 
ATOM   889  C CB  A SER A 1 128 ? 11.882  -3.048  4.498   0.25 14.14  ? 1419 SER A CB  1 
ATOM   890  C CB  B SER A 1 128 ? 12.125  -2.896  4.268   0.25 15.19  ? 1419 SER A CB  1 
ATOM   891  O OG  A SER A 1 128 ? 12.723  -2.769  3.396   0.25 16.22  ? 1419 SER A OG  1 
ATOM   892  O OG  B SER A 1 128 ? 12.960  -3.397  5.305   0.25 18.46  ? 1419 SER A OG  1 
ATOM   893  N N   . SER A 1 129 ? 12.690  0.079   4.821   1.00 13.01  ? 1420 SER A N   1 
ATOM   894  C CA  . SER A 1 129 ? 13.532  1.126   5.438   1.00 14.08  ? 1420 SER A CA  1 
ATOM   895  C C   . SER A 1 129 ? 12.643  2.216   6.070   1.00 13.93  ? 1420 SER A C   1 
ATOM   896  O O   . SER A 1 129 ? 13.026  2.790   7.091   1.00 14.22  ? 1420 SER A O   1 
ATOM   897  C CB  . SER A 1 129 ? 14.515  1.710   4.485   1.00 16.41  ? 1420 SER A CB  1 
ATOM   898  O OG  . SER A 1 129 ? 13.919  2.315   3.357   1.00 22.37  ? 1420 SER A OG  1 
ATOM   899  N N   . VAL A 1 130 ? 11.519  2.522   5.428   1.00 12.21  ? 1421 VAL A N   1 
ATOM   900  C CA  . VAL A 1 130 ? 10.593  3.568   5.951   1.00 12.48  ? 1421 VAL A CA  1 
ATOM   901  C C   . VAL A 1 130 ? 10.100  3.132   7.322   1.00 12.19  ? 1421 VAL A C   1 
ATOM   902  O O   . VAL A 1 130 ? 10.134  3.950   8.292   1.00 13.14  ? 1421 VAL A O   1 
ATOM   903  C CB  . VAL A 1 130 ? 9.427   3.799   4.990   1.00 11.45  ? 1421 VAL A CB  1 
ATOM   904  C CG1 . VAL A 1 130 ? 8.458   4.833   5.565   1.00 12.14  ? 1421 VAL A CG1 1 
ATOM   905  C CG2 . VAL A 1 130 ? 9.922   4.228   3.630   1.00 13.15  ? 1421 VAL A CG2 1 
ATOM   906  N N   . LEU A 1 131 ? 9.702   1.862   7.516   1.00 12.58  ? 1422 LEU A N   1 
ATOM   907  C CA  . LEU A 1 131 ? 9.217   1.354   8.805   1.00 12.98  ? 1422 LEU A CA  1 
ATOM   908  C C   . LEU A 1 131 ? 10.344  1.317   9.824   1.00 12.65  ? 1422 LEU A C   1 
ATOM   909  O O   . LEU A 1 131 ? 10.144  1.742   10.955  1.00 12.59  ? 1422 LEU A O   1 
ATOM   910  C CB  . LEU A 1 131 ? 8.642   -0.057  8.604   1.00 12.96  ? 1422 LEU A CB  1 
ATOM   911  C CG  . LEU A 1 131 ? 7.362   -0.144  7.772   1.00 14.18  ? 1422 LEU A CG  1 
ATOM   912  C CD1 . LEU A 1 131 ? 7.076   -1.585  7.378   1.00 16.09  ? 1422 LEU A CD1 1 
ATOM   913  C CD2 . LEU A 1 131 ? 6.184   0.480   8.508   1.00 14.72  ? 1422 LEU A CD2 1 
ATOM   914  N N   A SER A 1 132 ? 11.490  0.776   9.431   0.40 13.62  ? 1423 SER A N   1 
ATOM   915  N N   B SER A 1 132 ? 11.512  0.830   9.413   0.10 13.48  ? 1423 SER A N   1 
ATOM   916  C CA  A SER A 1 132 ? 12.662  0.679   10.344  0.40 13.16  ? 1423 SER A CA  1 
ATOM   917  C CA  B SER A 1 132 ? 12.695  0.656   10.294  0.10 13.69  ? 1423 SER A CA  1 
ATOM   918  C C   A SER A 1 132 ? 13.034  2.071   10.870  0.40 13.42  ? 1423 SER A C   1 
ATOM   919  C C   B SER A 1 132 ? 13.181  2.018   10.819  0.10 13.80  ? 1423 SER A C   1 
ATOM   920  O O   A SER A 1 132 ? 13.217  2.223   12.101  0.40 12.95  ? 1423 SER A O   1 
ATOM   921  O O   B SER A 1 132 ? 13.572  2.102   11.995  0.10 13.71  ? 1423 SER A O   1 
ATOM   922  C CB  A SER A 1 132 ? 13.839  0.024   9.661   0.40 13.92  ? 1423 SER A CB  1 
ATOM   923  C CB  B SER A 1 132 ? 13.777  -0.090  9.562   0.10 14.09  ? 1423 SER A CB  1 
ATOM   924  O OG  A SER A 1 132 ? 13.576  -1.325  9.377   0.40 15.73  ? 1423 SER A OG  1 
ATOM   925  O OG  B SER A 1 132 ? 14.866  -0.360  10.421  0.10 15.15  ? 1423 SER A OG  1 
ATOM   926  N N   . ASP A 1 133 ? 13.180  3.047   9.973   1.00 13.70  ? 1424 ASP A N   1 
ATOM   927  C CA  . ASP A 1 133 ? 13.609  4.413   10.377  1.00 13.87  ? 1424 ASP A CA  1 
ATOM   928  C C   . ASP A 1 133 ? 12.563  5.022   11.309  1.00 12.81  ? 1424 ASP A C   1 
ATOM   929  O O   . ASP A 1 133 ? 12.934  5.635   12.327  1.00 13.39  ? 1424 ASP A O   1 
ATOM   930  C CB  . ASP A 1 133 ? 13.868  5.304   9.160   1.00 15.16  ? 1424 ASP A CB  1 
ATOM   931  C CG  . ASP A 1 133 ? 15.116  4.999   8.337   1.00 19.04  ? 1424 ASP A CG  1 
ATOM   932  O OD1 . ASP A 1 133 ? 15.876  4.038   8.681   1.00 19.56  ? 1424 ASP A OD1 1 
ATOM   933  O OD2 . ASP A 1 133 ? 15.321  5.730   7.329   1.00 25.83  ? 1424 ASP A OD2 1 
ATOM   934  N N   . TYR A 1 134 ? 11.282  4.873   11.004  1.00 11.96  ? 1425 TYR A N   1 
ATOM   935  C CA  . TYR A 1 134 ? 10.219  5.443   11.872  1.00 11.97  ? 1425 TYR A CA  1 
ATOM   936  C C   . TYR A 1 134 ? 10.306  4.823   13.266  1.00 12.82  ? 1425 TYR A C   1 
ATOM   937  O O   . TYR A 1 134 ? 10.251  5.531   14.295  1.00 12.72  ? 1425 TYR A O   1 
ATOM   938  C CB  . TYR A 1 134 ? 8.823   5.271   11.243  1.00 11.73  ? 1425 TYR A CB  1 
ATOM   939  C CG  . TYR A 1 134 ? 7.731   5.721   12.156  1.00 12.10  ? 1425 TYR A CG  1 
ATOM   940  C CD1 . TYR A 1 134 ? 7.411   7.057   12.265  1.00 13.45  ? 1425 TYR A CD1 1 
ATOM   941  C CD2 . TYR A 1 134 ? 7.031   4.806   12.929  1.00 13.96  ? 1425 TYR A CD2 1 
ATOM   942  C CE1 . TYR A 1 134 ? 6.385   7.498   13.070  1.00 14.51  ? 1425 TYR A CE1 1 
ATOM   943  C CE2 . TYR A 1 134 ? 5.988   5.219   13.731  1.00 14.01  ? 1425 TYR A CE2 1 
ATOM   944  C CZ  . TYR A 1 134 ? 5.687   6.566   13.820  1.00 14.91  ? 1425 TYR A CZ  1 
ATOM   945  O OH  . TYR A 1 134 ? 4.669   7.020   14.635  1.00 19.20  ? 1425 TYR A OH  1 
ATOM   946  N N   . LYS A 1 135 ? 10.382  3.493   13.340  1.00 13.41  ? 1426 LYS A N   1 
ATOM   947  C CA  . LYS A 1 135 ? 10.356  2.821   14.659  1.00 12.34  ? 1426 LYS A CA  1 
ATOM   948  C C   . LYS A 1 135 ? 11.609  3.198   15.472  1.00 12.47  ? 1426 LYS A C   1 
ATOM   949  O O   . LYS A 1 135 ? 11.532  3.404   16.670  1.00 12.22  ? 1426 LYS A O   1 
ATOM   950  C CB  . LYS A 1 135 ? 10.188  1.314   14.441  1.00 14.30  ? 1426 LYS A CB  1 
ATOM   951  C CG  . LYS A 1 135 ? 8.833   0.963   13.813  1.00 15.21  ? 1426 LYS A CG  1 
ATOM   952  C CD  . LYS A 1 135 ? 8.663   -0.561  13.669  1.00 17.08  ? 1426 LYS A CD  1 
ATOM   953  C CE  . LYS A 1 135 ? 7.260   -0.962  13.250  1.00 20.83  ? 1426 LYS A CE  1 
ATOM   954  N NZ  . LYS A 1 135 ? 7.063   -2.436  13.203  1.00 25.76  ? 1426 LYS A NZ  1 
ATOM   955  N N   A SER A 1 136 ? 12.738  3.317   14.794  0.40 12.18  ? 1427 SER A N   1 
ATOM   956  N N   B SER A 1 136 ? 12.747  3.363   14.801  0.10 12.58  ? 1427 SER A N   1 
ATOM   957  C CA  A SER A 1 136 ? 14.017  3.762   15.417  0.40 13.17  ? 1427 SER A CA  1 
ATOM   958  C CA  B SER A 1 136 ? 14.032  3.741   15.452  0.10 12.98  ? 1427 SER A CA  1 
ATOM   959  C C   A SER A 1 136 ? 13.857  5.185   15.979  0.40 12.74  ? 1427 SER A C   1 
ATOM   960  C C   B SER A 1 136 ? 14.010  5.220   15.886  0.10 13.15  ? 1427 SER A C   1 
ATOM   961  O O   A SER A 1 136 ? 14.265  5.443   17.137  0.40 11.52  ? 1427 SER A O   1 
ATOM   962  O O   B SER A 1 136 ? 14.688  5.551   16.877  0.10 13.28  ? 1427 SER A O   1 
ATOM   963  C CB  A SER A 1 136 ? 15.110  3.693   14.398  0.40 13.63  ? 1427 SER A CB  1 
ATOM   964  C CB  B SER A 1 136 ? 15.195  3.417   14.555  0.10 13.00  ? 1427 SER A CB  1 
ATOM   965  O OG  A SER A 1 136 ? 16.253  4.423   14.822  0.40 17.59  ? 1427 SER A OG  1 
ATOM   966  O OG  B SER A 1 136 ? 15.286  4.330   13.475  0.10 13.61  ? 1427 SER A OG  1 
ATOM   967  N N   . ALA A 1 137 ? 13.261  6.079   15.184  1.00 13.41  ? 1428 ALA A N   1 
ATOM   968  C CA  . ALA A 1 137 ? 13.040  7.492   15.587  1.00 13.75  ? 1428 ALA A CA  1 
ATOM   969  C C   . ALA A 1 137 ? 12.149  7.531   16.800  1.00 13.78  ? 1428 ALA A C   1 
ATOM   970  O O   . ALA A 1 137 ? 12.395  8.318   17.768  1.00 15.53  ? 1428 ALA A O   1 
ATOM   971  C CB  . ALA A 1 137 ? 12.387  8.279   14.479  1.00 14.99  ? 1428 ALA A CB  1 
ATOM   972  N N   . LEU A 1 138 ? 11.096  6.738   16.860  1.00 14.16  ? 1429 LEU A N   1 
ATOM   973  C CA  . LEU A 1 138 ? 10.214  6.727   18.036  1.00 15.69  ? 1429 LEU A CA  1 
ATOM   974  C C   . LEU A 1 138 ? 10.952  6.207   19.261  1.00 13.50  ? 1429 LEU A C   1 
ATOM   975  O O   . LEU A 1 138 ? 10.765  6.735   20.373  1.00 14.95  ? 1429 LEU A O   1 
ATOM   976  C CB  . LEU A 1 138 ? 8.973   5.908   17.709  1.00 21.69  ? 1429 LEU A CB  1 
ATOM   977  C CG  . LEU A 1 138 ? 7.642   6.543   18.038  1.00 27.37  ? 1429 LEU A CG  1 
ATOM   978  C CD1 . LEU A 1 138 ? 7.509   7.997   17.617  1.00 26.44  ? 1429 LEU A CD1 1 
ATOM   979  C CD2 . LEU A 1 138 ? 6.549   5.683   17.436  1.00 25.76  ? 1429 LEU A CD2 1 
ATOM   980  N N   . ARG A 1 139 ? 11.765  5.148   19.104  1.00 12.07  ? 1430 ARG A N   1 
ATOM   981  C CA  . ARG A 1 139 ? 12.533  4.607   20.247  1.00 12.86  ? 1430 ARG A CA  1 
ATOM   982  C C   . ARG A 1 139 ? 13.495  5.697   20.749  1.00 11.91  ? 1430 ARG A C   1 
ATOM   983  O O   . ARG A 1 139 ? 13.634  5.854   21.982  1.00 14.43  ? 1430 ARG A O   1 
ATOM   984  C CB  . ARG A 1 139 ? 13.304  3.338   19.869  1.00 13.04  ? 1430 ARG A CB  1 
ATOM   985  C CG  . ARG A 1 139 ? 12.417  2.118   19.615  1.00 13.70  ? 1430 ARG A CG  1 
ATOM   986  C CD  . ARG A 1 139 ? 13.216  0.831   19.441  1.00 13.49  ? 1430 ARG A CD  1 
ATOM   987  N NE  . ARG A 1 139 ? 14.076  0.777   18.292  1.00 14.67  ? 1430 ARG A NE  1 
ATOM   988  C CZ  . ARG A 1 139 ? 13.790  0.258   17.116  1.00 13.34  ? 1430 ARG A CZ  1 
ATOM   989  N NH1 . ARG A 1 139 ? 12.556  -0.168  16.871  1.00 15.12  ? 1430 ARG A NH1 1 
ATOM   990  N NH2 . ARG A 1 139 ? 14.702  0.183   16.164  1.00 14.33  ? 1430 ARG A NH2 1 
ATOM   991  N N   . PHE A 1 140 ? 14.171  6.422   19.842  1.00 11.38  ? 1431 PHE A N   1 
ATOM   992  C CA  . PHE A 1 140 ? 15.092  7.486   20.266  1.00 12.99  ? 1431 PHE A CA  1 
ATOM   993  C C   . PHE A 1 140 ? 14.320  8.583   21.036  1.00 13.02  ? 1431 PHE A C   1 
ATOM   994  O O   . PHE A 1 140 ? 14.792  9.092   22.065  1.00 14.33  ? 1431 PHE A O   1 
ATOM   995  C CB  . PHE A 1 140 ? 15.833  8.061   19.076  1.00 12.70  ? 1431 PHE A CB  1 
ATOM   996  C CG  . PHE A 1 140 ? 16.927  9.026   19.462  1.00 14.50  ? 1431 PHE A CG  1 
ATOM   997  C CD1 . PHE A 1 140 ? 18.164  8.549   19.922  1.00 15.95  ? 1431 PHE A CD1 1 
ATOM   998  C CD2 . PHE A 1 140 ? 16.723  10.385  19.397  1.00 15.97  ? 1431 PHE A CD2 1 
ATOM   999  C CE1 . PHE A 1 140 ? 19.183  9.446   20.262  1.00 17.42  ? 1431 PHE A CE1 1 
ATOM   1000 C CE2 . PHE A 1 140 ? 17.749  11.270  19.732  1.00 17.90  ? 1431 PHE A CE2 1 
ATOM   1001 C CZ  . PHE A 1 140 ? 18.961  10.797  20.159  1.00 18.30  ? 1431 PHE A CZ  1 
ATOM   1002 N N   . HIS A 1 141 ? 13.118  8.896   20.575  1.00 14.13  ? 1432 HIS A N   1 
ATOM   1003 C CA  . HIS A 1 141 ? 12.265  9.918   21.265  1.00 15.42  ? 1432 HIS A CA  1 
ATOM   1004 C C   . HIS A 1 141 ? 11.975  9.515   22.728  1.00 20.18  ? 1432 HIS A C   1 
ATOM   1005 O O   . HIS A 1 141 ? 11.910  10.418  23.604  1.00 20.47  ? 1432 HIS A O   1 
ATOM   1006 C CB  . HIS A 1 141 ? 10.972  10.139  20.481  1.00 16.27  ? 1432 HIS A CB  1 
ATOM   1007 C CG  . HIS A 1 141 ? 10.228  11.348  20.968  1.00 16.47  ? 1432 HIS A CG  1 
ATOM   1008 N ND1 . HIS A 1 141 ? 10.668  12.631  20.686  1.00 16.26  ? 1432 HIS A ND1 1 
ATOM   1009 C CD2 . HIS A 1 141 ? 9.078   11.450  21.656  1.00 19.09  ? 1432 HIS A CD2 1 
ATOM   1010 C CE1 . HIS A 1 141 ? 9.814   13.487  21.231  1.00 16.63  ? 1432 HIS A CE1 1 
ATOM   1011 N NE2 . HIS A 1 141 ? 8.811   12.799  21.789  1.00 17.36  ? 1432 HIS A NE2 1 
ATOM   1012 N N   . LYS A 1 142 ? 11.816  8.216   23.006  1.00 21.12  ? 1433 LYS A N   1 
ATOM   1013 C CA  . LYS A 1 142 ? 11.468  7.673   24.351  1.00 23.72  ? 1433 LYS A CA  1 
ATOM   1014 C C   . LYS A 1 142 ? 12.716  7.206   25.114  1.00 25.50  ? 1433 LYS A C   1 
ATOM   1015 O O   . LYS A 1 142 ? 12.542  6.651   26.219  1.00 28.64  ? 1433 LYS A O   1 
ATOM   1016 C CB  . LYS A 1 142 ? 10.472  6.522   24.176  1.00 26.19  ? 1433 LYS A CB  1 
ATOM   1017 C CG  . LYS A 1 142 ? 9.148   6.941   23.556  1.00 27.31  ? 1433 LYS A CG  1 
ATOM   1018 C CD  . LYS A 1 142 ? 8.475   5.880   22.719  1.00 28.87  ? 1433 LYS A CD  1 
ATOM   1019 C CE  . LYS A 1 142 ? 7.523   6.483   21.708  1.00 29.17  ? 1433 LYS A CE  1 
ATOM   1020 N NZ  . LYS A 1 142 ? 8.098   7.698   21.086  1.00 27.05  ? 1433 LYS A NZ  1 
ATOM   1021 N N   . ARG A 1 143 ? 13.921  7.456   24.591  1.00 25.36  ? 1434 ARG A N   1 
ATOM   1022 C CA  . ARG A 1 143 ? 15.177  6.889   25.161  1.00 27.72  ? 1434 ARG A CA  1 
ATOM   1023 C C   . ARG A 1 143 ? 15.347  7.213   26.661  1.00 36.48  ? 1434 ARG A C   1 
ATOM   1024 O O   . ARG A 1 143 ? 15.966  6.394   27.378  1.00 41.38  ? 1434 ARG A O   1 
ATOM   1025 C CB  . ARG A 1 143 ? 16.401  7.314   24.354  1.00 24.06  ? 1434 ARG A CB  1 
ATOM   1026 C CG  . ARG A 1 143 ? 16.751  8.780   24.524  1.00 23.48  ? 1434 ARG A CG  1 
ATOM   1027 C CD  . ARG A 1 143 ? 17.754  9.161   23.469  1.00 23.56  ? 1434 ARG A CD  1 
ATOM   1028 N NE  . ARG A 1 143 ? 18.164  10.543  23.630  1.00 22.03  ? 1434 ARG A NE  1 
ATOM   1029 C CZ  . ARG A 1 143 ? 17.468  11.600  23.318  1.00 23.04  ? 1434 ARG A CZ  1 
ATOM   1030 N NH1 . ARG A 1 143 ? 16.267  11.489  22.767  1.00 19.33  ? 1434 ARG A NH1 1 
ATOM   1031 N NH2 . ARG A 1 143 ? 17.992  12.805  23.518  1.00 25.19  ? 1434 ARG A NH2 1 
ATOM   1032 N N   . ASN A 1 144 ? 14.954  8.406   27.105  1.00 32.14  ? 1435 ASN A N   1 
ATOM   1033 C CA  . ASN A 1 144 ? 15.166  8.870   28.509  1.00 34.68  ? 1435 ASN A CA  1 
ATOM   1034 C C   . ASN A 1 144 ? 13.834  8.766   29.265  1.00 36.42  ? 1435 ASN A C   1 
ATOM   1035 O O   . ASN A 1 144 ? 13.725  9.414   30.330  1.00 40.05  ? 1435 ASN A O   1 
ATOM   1036 C CB  . ASN A 1 144 ? 15.741  10.291  28.583  1.00 33.57  ? 1435 ASN A CB  1 
ATOM   1037 C CG  . ASN A 1 144 ? 17.119  10.432  27.960  1.00 32.46  ? 1435 ASN A CG  1 
ATOM   1038 O OD1 . ASN A 1 144 ? 17.336  11.284  27.099  1.00 28.84  ? 1435 ASN A OD1 1 
ATOM   1039 N ND2 . ASN A 1 144 ? 18.061  9.609   28.391  1.00 31.15  ? 1435 ASN A ND2 1 
HETATM 1040 N N1  . ZQ0 B 2 .   ? -9.988  -2.271  -10.799 0.62 29.77  ? 1901 ZQ0 A N1  1 
HETATM 1041 N N3  . ZQ0 B 2 .   ? -9.329  -6.788  -9.035  0.62 25.97  ? 1901 ZQ0 A N3  1 
HETATM 1042 C C4  . ZQ0 B 2 .   ? -10.512 -0.992  -11.282 0.62 32.61  ? 1901 ZQ0 A C4  1 
HETATM 1043 C C5  . ZQ0 B 2 .   ? -10.432 -3.430  -11.221 0.62 28.23  ? 1901 ZQ0 A C5  1 
HETATM 1044 C C6  . ZQ0 B 2 .   ? -10.455 -5.882  -10.999 0.62 27.10  ? 1901 ZQ0 A C6  1 
HETATM 1045 C C7  . ZQ0 B 2 .   ? -10.602 -6.741  -9.756  0.62 26.17  ? 1901 ZQ0 A C7  1 
HETATM 1046 C C8  . ZQ0 B 2 .   ? -8.899  -5.450  -8.629  0.62 26.90  ? 1901 ZQ0 A C8  1 
HETATM 1047 C C10 . ZQ0 B 2 .   ? -8.539  -7.848  -8.799  0.62 23.65  ? 1901 ZQ0 A C10 1 
HETATM 1048 C C13 . ZQ0 B 2 .   ? -8.213  -11.100 -10.440 0.62 22.04  ? 1901 ZQ0 A C13 1 
HETATM 1049 C C15 . ZQ0 B 2 .   ? -9.654  -10.721 -12.567 0.62 23.28  ? 1901 ZQ0 A C15 1 
HETATM 1050 C C1  . ZQ0 B 2 .   ? -11.950 0.763   -13.186 0.62 38.72  ? 1901 ZQ0 A C1  1 
HETATM 1051 C C11 . ZQ0 B 2 .   ? -8.541  -9.075  -9.579  0.62 23.74  ? 1901 ZQ0 A C11 1 
HETATM 1052 C C12 . ZQ0 B 2 .   ? -7.916  -10.253 -9.347  0.62 23.07  ? 1901 ZQ0 A C12 1 
HETATM 1053 C C14 . ZQ0 B 2 .   ? -9.005  -10.408 -11.276 0.62 23.10  ? 1901 ZQ0 A C14 1 
HETATM 1054 C C2  . ZQ0 B 2 .   ? -10.435 0.707   -13.180 0.62 37.58  ? 1901 ZQ0 A C2  1 
HETATM 1055 C C3  . ZQ0 B 2 .   ? -9.867  -0.582  -12.588 0.62 35.07  ? 1901 ZQ0 A C3  1 
HETATM 1056 C C9  . ZQ0 B 2 .   ? -8.679  -4.615  -9.871  0.62 25.69  ? 1901 ZQ0 A C9  1 
HETATM 1057 N N2  . ZQ0 B 2 .   ? -9.890  -4.563  -10.696 0.62 27.36  ? 1901 ZQ0 A N2  1 
HETATM 1058 O O1  . ZQ0 B 2 .   ? -11.335 -3.486  -12.067 0.62 26.87  ? 1901 ZQ0 A O1  1 
HETATM 1059 O O2  . ZQ0 B 2 .   ? -7.689  -7.750  -7.924  0.62 23.58  ? 1901 ZQ0 A O2  1 
HETATM 1060 O O3  . ZQ0 B 2 .   ? -9.238  -9.155  -10.774 0.62 22.05  ? 1901 ZQ0 A O3  1 
HETATM 1061 O O   . HOH C 3 .   ? -13.244 -2.472  -12.291 0.62 34.24  ? 2001 HOH A O   1 
HETATM 1062 O O   . HOH C 3 .   ? -10.681 7.346   -6.718  0.62 28.67  ? 2002 HOH A O   1 
HETATM 1063 O O   . HOH C 3 .   ? -22.905 -7.936  -4.037  1.00 36.74  ? 2003 HOH A O   1 
HETATM 1064 O O   . HOH C 3 .   ? -0.874  9.380   19.426  1.00 36.21  ? 2004 HOH A O   1 
HETATM 1065 O O   . HOH C 3 .   ? -10.485 -4.514  -15.003 0.62 27.59  ? 2005 HOH A O   1 
HETATM 1066 O O   . HOH C 3 .   ? -21.649 -14.204 -5.536  1.00 30.24  ? 2006 HOH A O   1 
HETATM 1067 O O   . HOH C 3 .   ? 19.250  7.704   27.272  1.00 41.54  ? 2007 HOH A O   1 
HETATM 1068 O O   . HOH C 3 .   ? 4.060   9.469   14.796  1.00 32.46  ? 2008 HOH A O   1 
HETATM 1069 O O   . HOH C 3 .   ? -11.741 -15.867 -2.141  1.00 20.44  ? 2009 HOH A O   1 
HETATM 1070 O O   . HOH C 3 .   ? 17.131  5.694   12.398  1.00 34.47  ? 2010 HOH A O   1 
HETATM 1071 O O   . HOH C 3 .   ? 15.361  12.760  26.484  1.00 46.50  ? 2011 HOH A O   1 
HETATM 1072 O O   . HOH C 3 .   ? 1.028   -9.894  -15.749 1.00 31.34  ? 2012 HOH A O   1 
HETATM 1073 O O   . HOH C 3 .   ? -13.594 2.903   -10.305 1.00 38.23  ? 2013 HOH A O   1 
HETATM 1074 O O   . HOH C 3 .   ? -7.998  -0.822  -14.488 1.00 31.47  ? 2014 HOH A O   1 
HETATM 1075 O O   . HOH C 3 .   ? -18.033 -4.303  4.653   1.00 40.19  ? 2015 HOH A O   1 
HETATM 1076 O O   . HOH C 3 .   ? 13.992  -7.117  -2.896  1.00 24.73  ? 2016 HOH A O   1 
HETATM 1077 O O   . HOH C 3 .   ? 16.054  11.254  10.156  1.00 25.33  ? 2017 HOH A O   1 
HETATM 1078 O O   . HOH C 3 .   ? 0.565   2.911   14.263  1.00 28.50  ? 2018 HOH A O   1 
HETATM 1079 O O   . HOH C 3 .   ? -7.329  3.859   6.430   1.00 35.02  ? 2019 HOH A O   1 
HETATM 1080 O O   . HOH C 3 .   ? -10.234 -3.481  -3.617  0.62 13.09  ? 2020 HOH A O   1 
HETATM 1081 O O   . HOH C 3 .   ? 8.556   -3.659  11.441  1.00 39.55  ? 2021 HOH A O   1 
HETATM 1082 O O   . HOH C 3 .   ? 16.789  1.795   9.665   1.00 34.03  ? 2022 HOH A O   1 
HETATM 1083 O O   . HOH C 3 .   ? 12.640  3.131   0.707   1.00 29.96  ? 2023 HOH A O   1 
HETATM 1084 O O   . HOH C 3 .   ? 1.088   -7.273  7.403   1.00 92.55  ? 2024 HOH A O   1 
HETATM 1085 O O   . HOH C 3 .   ? 18.159  3.415   16.338  1.00 24.43  ? 2025 HOH A O   1 
HETATM 1086 O O   . HOH C 3 .   ? -9.051  -7.071  -5.759  0.62 17.03  ? 2026 HOH A O   1 
HETATM 1087 O O   . HOH C 3 .   ? 2.570   -6.427  0.288   1.00 18.34  ? 2027 HOH A O   1 
HETATM 1088 O O   . HOH C 3 .   ? -9.069  -1.532  -7.600  0.62 27.92  ? 2028 HOH A O   1 
HETATM 1089 O O   . HOH C 3 .   ? -19.157 -14.716 -7.082  0.62 22.93  ? 2029 HOH A O   1 
HETATM 1090 O O   . HOH C 3 .   ? 0.897   -15.593 -14.309 1.00 45.55  ? 2030 HOH A O   1 
HETATM 1091 O O   . HOH C 3 .   ? 12.331  -3.845  -7.365  1.00 16.66  ? 2031 HOH A O   1 
HETATM 1092 O O   . HOH C 3 .   ? -10.675 2.559   -1.350  0.62 32.65  ? 2032 HOH A O   1 
HETATM 1093 O O   . HOH C 3 .   ? -8.996  -16.865 -4.975  1.00 20.08  ? 2033 HOH A O   1 
HETATM 1094 O O   . HOH C 3 .   ? 13.043  12.860  19.428  1.00 15.61  ? 2034 HOH A O   1 
HETATM 1095 O O   . HOH C 3 .   ? -0.387  11.452  -0.528  1.00 29.81  ? 2035 HOH A O   1 
HETATM 1096 O O   . HOH C 3 .   ? -13.026 0.682   1.871   1.00 26.68  ? 2036 HOH A O   1 
HETATM 1097 O O   . HOH C 3 .   ? -1.625  16.590  5.142   1.00 17.92  ? 2037 HOH A O   1 
HETATM 1098 O O   . HOH C 3 .   ? -8.352  -9.010  1.717   1.00 18.35  ? 2038 HOH A O   1 
HETATM 1099 O O   . HOH C 3 .   ? 3.901   15.854  3.477   1.00 30.52  ? 2039 HOH A O   1 
HETATM 1100 O O   . HOH C 3 .   ? 3.192   5.376   16.209  1.00 28.46  ? 2040 HOH A O   1 
HETATM 1101 O O   . HOH C 3 .   ? -3.982  -5.436  5.688   1.00 16.63  ? 2041 HOH A O   1 
HETATM 1102 O O   . HOH C 3 .   ? -1.783  -10.272 -4.161  1.00 15.76  ? 2042 HOH A O   1 
HETATM 1103 O O   . HOH C 3 .   ? -0.814  -5.455  -21.214 0.62 28.39  ? 2043 HOH A O   1 
HETATM 1104 O O   . HOH C 3 .   ? 13.468  10.839  17.538  1.00 15.96  ? 2044 HOH A O   1 
HETATM 1105 O O   . HOH C 3 .   ? 8.817   -4.961  3.809   1.00 18.74  ? 2045 HOH A O   1 
HETATM 1106 O O   . HOH C 3 .   ? 13.572  3.764   23.778  1.00 28.40  ? 2046 HOH A O   1 
HETATM 1107 O O   . HOH C 3 .   ? -6.829  14.096  0.766   1.00 26.58  ? 2047 HOH A O   1 
HETATM 1108 O O   . HOH C 3 .   ? -4.584  -7.662  4.260   1.00 17.29  ? 2048 HOH A O   1 
HETATM 1109 O O   . HOH C 3 .   ? -8.840  5.493   4.393   1.00 31.05  ? 2049 HOH A O   1 
HETATM 1110 O O   . HOH C 3 .   ? -8.041  -21.770 -9.833  1.00 24.24  ? 2050 HOH A O   1 
HETATM 1111 O O   . HOH C 3 .   ? -7.398  -2.264  -5.672  0.62 15.82  ? 2051 HOH A O   1 
HETATM 1112 O O   . HOH C 3 .   ? -7.577  17.053  6.073   1.00 29.10  ? 2052 HOH A O   1 
HETATM 1113 O O   . HOH C 3 .   ? 0.557   -17.076 -5.308  1.00 33.01  ? 2053 HOH A O   1 
HETATM 1114 O O   . HOH C 3 .   ? 11.137  -2.960  8.207   1.00 21.29  ? 2054 HOH A O   1 
HETATM 1115 O O   . HOH C 3 .   ? 14.530  -4.078  0.919   1.00 29.46  ? 2055 HOH A O   1 
HETATM 1116 O O   . HOH C 3 .   ? 3.121   3.087   -19.871 1.00 24.32  ? 2056 HOH A O   1 
HETATM 1117 O O   . HOH C 3 .   ? -1.362  -8.711  1.666   1.00 15.01  ? 2057 HOH A O   1 
HETATM 1118 O O   . HOH C 3 .   ? 7.691   13.916  5.811   1.00 14.55  ? 2058 HOH A O   1 
HETATM 1119 O O   . HOH C 3 .   ? -0.290  6.695   -13.206 0.62 24.67  ? 2059 HOH A O   1 
HETATM 1120 O O   . HOH C 3 .   ? 12.975  -5.307  2.235   1.00 37.99  ? 2060 HOH A O   1 
HETATM 1121 O O   . HOH C 3 .   ? 6.980   -5.446  -13.687 0.62 18.16  ? 2061 HOH A O   1 
HETATM 1122 O O   . HOH C 3 .   ? 16.721  4.454   18.472  1.00 15.67  ? 2062 HOH A O   1 
HETATM 1123 O O   . HOH C 3 .   ? 15.838  -1.689  -4.443  1.00 25.80  ? 2063 HOH A O   1 
HETATM 1124 O O   . HOH C 3 .   ? 13.803  -0.409  2.084   1.00 20.65  ? 2064 HOH A O   1 
HETATM 1125 O O   . HOH C 3 .   ? 1.920   -10.235 -1.328  1.00 27.45  ? 2065 HOH A O   1 
HETATM 1126 O O   . HOH C 3 .   ? 10.519  6.688   -0.658  1.00 25.35  ? 2066 HOH A O   1 
HETATM 1127 O O   . HOH C 3 .   ? 11.254  12.555  4.447   1.00 23.59  ? 2067 HOH A O   1 
HETATM 1128 O O   . HOH C 3 .   ? 16.583  1.855   18.996  1.00 19.02  ? 2068 HOH A O   1 
HETATM 1129 O O   . HOH C 3 .   ? 3.847   9.151   -10.569 1.00 26.76  ? 2069 HOH A O   1 
HETATM 1130 O O   . HOH C 3 .   ? -6.845  -1.943  6.490   1.00 30.69  ? 2070 HOH A O   1 
HETATM 1131 O O   . HOH C 3 .   ? 2.102   17.187  6.734   1.00 19.35  ? 2071 HOH A O   1 
HETATM 1132 O O   . HOH C 3 .   ? -19.206 -6.478  1.239   1.00 33.24  ? 2072 HOH A O   1 
HETATM 1133 O O   . HOH C 3 .   ? -6.519  5.862   8.442   1.00 24.00  ? 2073 HOH A O   1 
HETATM 1134 O O   . HOH C 3 .   ? 15.160  -2.065  7.158   1.00 22.50  ? 2074 HOH A O   1 
HETATM 1135 O O   . HOH C 3 .   ? 10.735  6.809   8.143   1.00 13.19  ? 2075 HOH A O   1 
HETATM 1136 O O   . HOH C 3 .   ? 10.226  -7.835  -1.919  1.00 23.61  ? 2076 HOH A O   1 
HETATM 1137 O O   . HOH C 3 .   ? 5.068   -10.884 -4.104  1.00 23.53  ? 2077 HOH A O   1 
HETATM 1138 O O   . HOH C 3 .   ? 1.291   -2.594  9.276   1.00 21.98  ? 2078 HOH A O   1 
HETATM 1139 O O   . HOH C 3 .   ? 8.406   -5.839  -9.065  1.00 18.73  ? 2079 HOH A O   1 
HETATM 1140 O O   . HOH C 3 .   ? -11.247 0.968   -3.394  0.62 16.89  ? 2080 HOH A O   1 
HETATM 1141 O O   . HOH C 3 .   ? -6.222  -12.935 0.428   1.00 22.04  ? 2081 HOH A O   1 
HETATM 1142 O O   . HOH C 3 .   ? 13.940  10.670  25.699  1.00 39.10  ? 2082 HOH A O   1 
HETATM 1143 O O   . HOH C 3 .   ? 1.716   -5.162  -16.638 1.00 33.75  ? 2083 HOH A O   1 
HETATM 1144 O O   . HOH C 3 .   ? 6.145   0.194   -15.749 1.00 29.48  ? 2084 HOH A O   1 
HETATM 1145 O O   . HOH C 3 .   ? 3.731   -12.281 -10.771 1.00 18.16  ? 2085 HOH A O   1 
HETATM 1146 O O   . HOH C 3 .   ? -1.419  11.106  6.941   1.00 13.53  ? 2086 HOH A O   1 
HETATM 1147 O O   . HOH C 3 .   ? 4.973   -4.875  8.989   1.00 36.51  ? 2087 HOH A O   1 
HETATM 1148 O O   . HOH C 3 .   ? 4.310   -2.984  12.658  1.00 27.73  ? 2088 HOH A O   1 
HETATM 1149 O O   . HOH C 3 .   ? -4.809  1.303   8.171   1.00 21.90  ? 2089 HOH A O   1 
HETATM 1150 O O   . HOH C 3 .   ? -10.450 13.865  6.523   1.00 33.51  ? 2090 HOH A O   1 
HETATM 1151 O O   . HOH C 3 .   ? 9.154   2.327   17.854  1.00 19.44  ? 2091 HOH A O   1 
HETATM 1152 O O   . HOH C 3 .   ? 13.473  8.867   10.308  1.00 20.47  ? 2092 HOH A O   1 
HETATM 1153 O O   . HOH C 3 .   ? 5.579   -12.193 -12.955 1.00 16.46  ? 2093 HOH A O   1 
HETATM 1154 O O   . HOH C 3 .   ? -0.003  -3.433  -18.820 1.00 33.86  ? 2094 HOH A O   1 
HETATM 1155 O O   . HOH C 3 .   ? 0.401   -14.079 -2.175  1.00 27.62  ? 2095 HOH A O   1 
HETATM 1156 O O   . HOH C 3 .   ? 14.911  13.587  21.310  1.00 21.47  ? 2096 HOH A O   1 
HETATM 1157 O O   . HOH C 3 .   ? -7.466  -4.728  -4.729  0.62 13.96  ? 2097 HOH A O   1 
HETATM 1158 O O   . HOH C 3 .   ? -1.161  -1.893  -17.137 1.00 26.63  ? 2098 HOH A O   1 
HETATM 1159 O O   . HOH C 3 .   ? -11.508 -2.059  -16.269 1.00 42.92  ? 2099 HOH A O   1 
HETATM 1160 O O   . HOH C 3 .   ? -1.526  4.547   15.420  1.00 32.73  ? 2100 HOH A O   1 
HETATM 1161 O O   . HOH C 3 .   ? 5.593   -9.466  -1.649  1.00 20.41  ? 2101 HOH A O   1 
HETATM 1162 O O   . HOH C 3 .   ? -23.662 -6.083  -8.296  1.00 31.18  ? 2102 HOH A O   1 
HETATM 1163 O O   . HOH C 3 .   ? -10.706 9.413   7.550   1.00 30.85  ? 2103 HOH A O   1 
HETATM 1164 O O   . HOH C 3 .   ? 2.075   10.489  -3.951  1.00 31.38  ? 2104 HOH A O   1 
HETATM 1165 O O   . HOH C 3 .   ? 14.174  -5.990  5.895   1.00 38.21  ? 2105 HOH A O   1 
HETATM 1166 O O   . HOH C 3 .   ? -11.650 -7.157  2.271   1.00 19.65  ? 2106 HOH A O   1 
HETATM 1167 O O   . HOH C 3 .   ? -4.691  18.151  2.331   1.00 43.85  ? 2107 HOH A O   1 
HETATM 1168 O O   . HOH C 3 .   ? 5.210   -2.111  -13.746 0.62 21.02  ? 2108 HOH A O   1 
HETATM 1169 O O   . HOH C 3 .   ? -1.201  10.287  -10.303 1.00 34.09  ? 2109 HOH A O   1 
HETATM 1170 O O   . HOH C 3 .   ? -8.435  15.410  7.813   1.00 27.74  ? 2110 HOH A O   1 
HETATM 1171 O O   . HOH C 3 .   ? 4.479   13.221  14.756  1.00 23.15  ? 2111 HOH A O   1 
HETATM 1172 O O   . HOH C 3 .   ? 5.911   -4.147  -10.266 1.00 24.38  ? 2112 HOH A O   1 
HETATM 1173 O O   . HOH C 3 .   ? -10.439 7.201   -3.842  1.00 36.62  ? 2113 HOH A O   1 
HETATM 1174 O O   . HOH C 3 .   ? -7.807  1.366   -11.286 0.62 27.91  ? 2114 HOH A O   1 
HETATM 1175 O O   . HOH C 3 .   ? 14.197  8.476   7.695   1.00 20.96  ? 2115 HOH A O   1 
HETATM 1176 O O   . HOH C 3 .   ? 8.833   9.419   -6.628  1.00 29.48  ? 2116 HOH A O   1 
HETATM 1177 O O   . HOH C 3 .   ? 4.206   12.093  11.685  1.00 22.27  ? 2117 HOH A O   1 
HETATM 1178 O O   . HOH C 3 .   ? 9.842   8.732   10.065  1.00 13.20  ? 2118 HOH A O   1 
HETATM 1179 O O   . HOH C 3 .   ? -17.281 1.079   -8.863  1.00 41.10  ? 2119 HOH A O   1 
HETATM 1180 O O   . HOH C 3 .   ? 6.467   14.543  -2.101  1.00 38.21  ? 2120 HOH A O   1 
HETATM 1181 O O   . HOH C 3 .   ? 10.023  -0.255  18.441  1.00 20.32  ? 2121 HOH A O   1 
HETATM 1182 O O   . HOH C 3 .   ? -20.951 -6.841  -5.523  1.00 34.91  ? 2122 HOH A O   1 
HETATM 1183 O O   . HOH C 3 .   ? 9.990   15.118  8.107   1.00 18.92  ? 2123 HOH A O   1 
HETATM 1184 O O   . HOH C 3 .   ? 4.714   13.339  9.153   1.00 16.61  ? 2124 HOH A O   1 
HETATM 1185 O O   . HOH C 3 .   ? 7.025   -5.550  7.767   1.00 30.44  ? 2125 HOH A O   1 
HETATM 1186 O O   . HOH C 3 .   ? -6.938  -10.936 -14.712 1.00 17.57  ? 2126 HOH A O   1 
HETATM 1187 O O   . HOH C 3 .   ? -4.221  9.681   -7.128  1.00 36.96  ? 2127 HOH A O   1 
HETATM 1188 O O   . HOH C 3 .   ? 12.440  13.393  23.597  1.00 43.85  ? 2128 HOH A O   1 
HETATM 1189 O O   . HOH C 3 .   ? 1.503   10.043  -9.735  1.00 34.63  ? 2129 HOH A O   1 
HETATM 1190 O O   . HOH C 3 .   ? -8.993  0.211   5.968   1.00 43.50  ? 2130 HOH A O   1 
HETATM 1191 O O   . HOH C 3 .   ? 14.492  14.228  7.345   1.00 41.60  ? 2131 HOH A O   1 
HETATM 1192 O O   . HOH C 3 .   ? 3.732   3.906   -17.060 1.00 27.82  ? 2132 HOH A O   1 
HETATM 1193 O O   . HOH C 3 .   ? 8.476   3.139   -10.870 1.00 32.91  ? 2133 HOH A O   1 
HETATM 1194 O O   . HOH C 3 .   ? 15.620  -1.967  4.039   1.00 32.16  ? 2134 HOH A O   1 
HETATM 1195 O O   . HOH C 3 .   ? -4.549  5.626   -14.487 0.62 44.77  ? 2135 HOH A O   1 
HETATM 1196 O O   . HOH C 3 .   ? -9.211  10.908  4.120   1.00 49.21  ? 2136 HOH A O   1 
HETATM 1197 O O   . HOH C 3 .   ? 2.206   10.322  16.669  0.50 40.08  ? 2137 HOH A O   1 
HETATM 1198 O O   . HOH C 3 .   ? 13.428  5.348   4.883   1.00 30.70  ? 2138 HOH A O   1 
HETATM 1199 O O   . HOH C 3 .   ? 1.366   3.764   -16.440 1.00 37.36  ? 2139 HOH A O   1 
HETATM 1200 O O   . HOH C 3 .   ? 0.278   -4.786  7.955   1.00 18.38  ? 2140 HOH A O   1 
HETATM 1201 O O   . HOH C 3 .   ? -14.130 -1.525  -5.111  0.62 30.87  ? 2141 HOH A O   1 
HETATM 1202 O O   . HOH C 3 .   ? -11.185 -1.444  -4.911  0.62 20.65  ? 2142 HOH A O   1 
HETATM 1203 O O   . HOH C 3 .   ? -16.598 -9.573  7.829   0.62 48.28  ? 2143 HOH A O   1 
HETATM 1204 O O   . HOH C 3 .   ? -5.409  10.364  -4.895  1.00 32.43  ? 2144 HOH A O   1 
HETATM 1205 O O   . HOH C 3 .   ? -12.801 -9.614  2.310   1.00 29.51  ? 2145 HOH A O   1 
HETATM 1206 O O   . HOH C 3 .   ? -0.063  -18.313 -2.913  1.00 34.76  ? 2146 HOH A O   1 
HETATM 1207 O O   . HOH C 3 .   ? 17.002  1.672   12.028  1.00 42.57  ? 2147 HOH A O   1 
HETATM 1208 O O   . HOH C 3 .   ? -3.765  -19.748 -1.280  0.62 30.21  ? 2148 HOH A O   1 
HETATM 1209 O O   . HOH C 3 .   ? 2.976   -14.923 -10.863 1.00 25.04  ? 2149 HOH A O   1 
HETATM 1210 O O   . HOH C 3 .   ? 0.223   6.559   -15.852 1.00 32.43  ? 2150 HOH A O   1 
HETATM 1211 O O   . HOH C 3 .   ? -1.240  -0.370  11.805  1.00 30.89  ? 2151 HOH A O   1 
HETATM 1212 O O   . HOH C 3 .   ? 11.720  -6.137  7.222   1.00 50.63  ? 2152 HOH A O   1 
HETATM 1213 O O   . HOH C 3 .   ? -10.709 -7.253  5.140   1.00 36.52  ? 2153 HOH A O   1 
HETATM 1214 O O   . HOH C 3 .   ? 17.234  5.184   21.215  1.00 16.53  ? 2154 HOH A O   1 
HETATM 1215 O O   . HOH C 3 .   ? 7.634   9.023   -9.996  1.00 41.12  ? 2155 HOH A O   1 
HETATM 1216 O O   . HOH C 3 .   ? -1.879  -11.024 0.203   1.00 16.74  ? 2156 HOH A O   1 
HETATM 1217 O O   . HOH C 3 .   ? -2.273  6.922   -16.737 1.00 32.02  ? 2157 HOH A O   1 
HETATM 1218 O O   . HOH C 3 .   ? 11.335  -7.129  0.885   1.00 38.44  ? 2158 HOH A O   1 
HETATM 1219 O O   . HOH C 3 .   ? -5.917  -16.491 -16.998 1.00 48.86  ? 2159 HOH A O   1 
HETATM 1220 O O   . HOH C 3 .   ? 17.674  -0.213  7.965   1.00 28.44  ? 2160 HOH A O   1 
HETATM 1221 O O   . HOH C 3 .   ? 8.661   3.484   20.346  1.00 34.17  ? 2161 HOH A O   1 
HETATM 1222 O O   . HOH C 3 .   ? 16.263  3.464   23.205  1.00 37.20  ? 2162 HOH A O   1 
HETATM 1223 O O   . HOH C 3 .   ? 7.579   -10.967 -7.730  1.00 25.81  ? 2163 HOH A O   1 
HETATM 1224 O O   . HOH C 3 .   ? -7.015  -15.497 -0.310  1.00 28.52  ? 2164 HOH A O   1 
HETATM 1225 O O   . HOH C 3 .   ? -2.589  -9.373  3.971   1.00 387.33 ? 2165 HOH A O   1 
HETATM 1226 O O   . HOH C 3 .   ? 19.244  5.344   10.226  1.00 40.10  ? 2166 HOH A O   1 
HETATM 1227 O O   . HOH C 3 .   ? 10.889  19.046  -4.025  1.00 25.77  ? 2167 HOH A O   1 
HETATM 1228 O O   . HOH C 3 .   ? 1.903   -9.302  6.075   1.00 36.26  ? 2168 HOH A O   1 
HETATM 1229 O O   . HOH C 3 .   ? 6.024   -0.578  16.540  1.00 43.02  ? 2169 HOH A O   1 
HETATM 1230 O O   . HOH C 3 .   ? 5.969   -3.426  -15.827 1.00 40.01  ? 2170 HOH A O   1 
HETATM 1231 O O   . HOH C 3 .   ? 9.374   -4.565  6.553   1.00 20.67  ? 2171 HOH A O   1 
HETATM 1232 O O   . HOH C 3 .   ? 6.529   12.897  -9.658  1.00 34.18  ? 2172 HOH A O   1 
HETATM 1233 O O   . HOH C 3 .   ? 1.348   -8.579  1.411   1.00 21.98  ? 2173 HOH A O   1 
HETATM 1234 O O   . HOH C 3 .   ? 8.632   13.880  -7.421  1.00 41.84  ? 2174 HOH A O   1 
HETATM 1235 O O   . HOH C 3 .   ? 17.470  2.135   1.373   1.00 49.19  ? 2175 HOH A O   1 
HETATM 1236 O O   . HOH C 3 .   ? 3.943   -2.582  9.526   1.00 28.43  ? 2176 HOH A O   1 
HETATM 1237 O O   . HOH C 3 .   ? -6.230  5.929   -12.601 0.62 32.05  ? 2177 HOH A O   1 
HETATM 1238 O O   . HOH C 3 .   ? -9.459  7.247   6.587   1.00 38.34  ? 2178 HOH A O   1 
HETATM 1239 O O   . HOH C 3 .   ? 11.201  8.682   -5.733  1.00 44.18  ? 2179 HOH A O   1 
HETATM 1240 O O   . HOH C 3 .   ? 5.893   10.655  -10.633 1.00 34.82  ? 2180 HOH A O   1 
HETATM 1241 O O   . HOH C 3 .   ? 10.305  14.889  5.297   1.00 26.04  ? 2181 HOH A O   1 
HETATM 1242 O O   . HOH C 3 .   ? 11.108  4.195   -1.624  1.00 30.96  ? 2182 HOH A O   1 
HETATM 1243 O O   . HOH C 3 .   ? 5.767   -12.620 -8.522  1.00 36.46  ? 2183 HOH A O   1 
HETATM 1244 O O   . HOH C 3 .   ? -6.496  -6.644  9.153   1.00 37.86  ? 2184 HOH A O   1 
HETATM 1245 O O   . HOH C 3 .   ? 5.803   15.830  5.386   1.00 22.34  ? 2185 HOH A O   1 
HETATM 1246 O O   . HOH C 3 .   ? -0.336  -11.421 -2.132  1.00 15.79  ? 2186 HOH A O   1 
HETATM 1247 O O   . HOH C 3 .   ? -6.456  -4.928  6.922   1.00 26.00  ? 2187 HOH A O   1 
HETATM 1248 O O   . HOH C 3 .   ? 0.112   0.300   13.914  1.00 41.62  ? 2188 HOH A O   1 
HETATM 1249 O O   . HOH C 3 .   ? 12.494  -7.885  -0.888  1.00 33.10  ? 2189 HOH A O   1 
HETATM 1250 O O   . HOH C 3 .   ? 1.655   -17.793 -7.429  1.00 34.43  ? 2190 HOH A O   1 
HETATM 1251 O O   . HOH C 3 .   ? 15.329  12.331  -0.996  1.00 42.83  ? 2191 HOH A O   1 
HETATM 1252 O O   . HOH C 3 .   ? -8.751  -13.881 -15.077 0.62 33.94  ? 2192 HOH A O   1 
HETATM 1253 O O   . HOH C 3 .   ? 10.229  2.708   22.567  1.00 44.11  ? 2193 HOH A O   1 
HETATM 1254 O O   . HOH C 3 .   ? 2.776   -15.160 -2.669  1.00 45.11  ? 2194 HOH A O   1 
HETATM 1255 O O   . HOH C 3 .   ? 2.007   -9.187  9.561   1.00 43.95  ? 2195 HOH A O   1 
HETATM 1256 O O   . HOH C 3 .   ? -16.692 -11.973 8.305   0.62 45.48  ? 2196 HOH A O   1 
HETATM 1257 O O   . HOH C 3 .   ? -13.751 2.027   -2.483  1.00 38.32  ? 2197 HOH A O   1 
HETATM 1258 O O   . HOH C 3 .   ? -10.641 4.261   3.656   1.00 37.43  ? 2198 HOH A O   1 
HETATM 1259 O O   . HOH C 3 .   ? 4.717   16.339  8.563   0.50 13.11  ? 2199 HOH A O   1 
HETATM 1260 O O   . HOH C 3 .   ? 7.933   -9.540  -0.587  1.00 34.67  ? 2200 HOH A O   1 
HETATM 1261 O O   . HOH C 3 .   ? -2.101  -6.567  7.557   1.00 32.46  ? 2201 HOH A O   1 
HETATM 1262 O O   . HOH C 3 .   ? 10.144  -0.858  20.980  1.00 36.18  ? 2202 HOH A O   1 
HETATM 1263 O O   . HOH C 3 .   ? 12.375  -2.484  21.497  1.00 38.61  ? 2203 HOH A O   1 
HETATM 1264 O O   . HOH C 3 .   ? -23.902 -4.076  -6.682  1.00 43.67  ? 2204 HOH A O   1 
HETATM 1265 O O   . HOH C 3 .   ? 4.892   -13.468 -4.025  1.00 44.98  ? 2205 HOH A O   1 
HETATM 1266 O O   . HOH C 3 .   ? 17.989  -0.518  3.303   1.00 37.55  ? 2206 HOH A O   1 
HETATM 1267 O O   . HOH C 3 .   ? 6.571   2.061   16.490  1.00 24.14  ? 2207 HOH A O   1 
# 
